data_4J7Y
# 
_entry.id   4J7Y 
# 
_audit_conform.dict_name       mmcif_pdbx.dic 
_audit_conform.dict_version    5.379 
_audit_conform.dict_location   http://mmcif.pdb.org/dictionaries/ascii/mmcif_pdbx.dic 
# 
loop_
_database_2.database_id 
_database_2.database_code 
_database_2.pdbx_database_accession 
_database_2.pdbx_DOI 
PDB   4J7Y         pdb_00004j7y 10.2210/pdb4j7y/pdb 
RCSB  RCSB077709   ?            ?                   
WWPDB D_1000077709 ?            ?                   
# 
loop_
_pdbx_database_related.db_name 
_pdbx_database_related.db_id 
_pdbx_database_related.details 
_pdbx_database_related.content_type 
PDB 2UUI . unspecified 
PDB 2UUH . unspecified 
PDB 4J7T . unspecified 
# 
_pdbx_database_status.entry_id                        4J7Y 
_pdbx_database_status.status_code                     REL 
_pdbx_database_status.deposit_site                    RCSB 
_pdbx_database_status.process_site                    RCSB 
_pdbx_database_status.recvd_initial_deposition_date   2013-02-14 
_pdbx_database_status.status_code_sf                  REL 
_pdbx_database_status.status_code_mr                  ? 
_pdbx_database_status.SG_entry                        ? 
_pdbx_database_status.status_code_cs                  ? 
_pdbx_database_status.methods_development_category    ? 
_pdbx_database_status.pdb_format_compatible           Y 
_pdbx_database_status.status_code_nmr_data            ? 
# 
loop_
_audit_author.name 
_audit_author.pdbx_ordinal 
'Niegowski, D.'       1 
'Rinaldo-Matthis, A.' 2 
'Haeggstrom, J.Z.'    3 
# 
_citation.id                        primary 
_citation.title                     
'Crystal Structures of Leukotriene C4 Synthase in Complex with Product Analogs: IMPLICATIONS FOR THE ENZYME MECHANISM.' 
_citation.journal_abbrev            J.Biol.Chem. 
_citation.journal_volume            289 
_citation.page_first                5199 
_citation.page_last                 5207 
_citation.year                      2014 
_citation.journal_id_ASTM           JBCHA3 
_citation.country                   US 
_citation.journal_id_ISSN           0021-9258 
_citation.journal_id_CSD            0071 
_citation.book_publisher            ? 
_citation.pdbx_database_id_PubMed   24366866 
_citation.pdbx_database_id_DOI      10.1074/jbc.M113.534628 
# 
loop_
_citation_author.citation_id 
_citation_author.name 
_citation_author.ordinal 
_citation_author.identifier_ORCID 
primary 'Niegowski, D.'       1 ? 
primary 'Kleinschmidt, T.'    2 ? 
primary 'Olsson, U.'          3 ? 
primary 'Ahmad, S.'           4 ? 
primary 'Rinaldo-Matthis, A.' 5 ? 
primary 'Haeggstrom, J.Z.'    6 ? 
# 
_cell.entry_id           4J7Y 
_cell.length_a           169.275 
_cell.length_b           169.275 
_cell.length_c           169.275 
_cell.angle_alpha        90.00 
_cell.angle_beta         90.00 
_cell.angle_gamma        90.00 
_cell.Z_PDB              48 
_cell.pdbx_unique_axis   ? 
_cell.length_a_esd       ? 
_cell.length_b_esd       ? 
_cell.length_c_esd       ? 
_cell.angle_alpha_esd    ? 
_cell.angle_beta_esd     ? 
_cell.angle_gamma_esd    ? 
# 
_symmetry.entry_id                         4J7Y 
_symmetry.space_group_name_H-M             'F 2 3' 
_symmetry.pdbx_full_space_group_name_H-M   ? 
_symmetry.cell_setting                     ? 
_symmetry.Int_Tables_number                196 
_symmetry.space_group_name_Hall            ? 
# 
loop_
_entity.id 
_entity.type 
_entity.src_method 
_entity.pdbx_description 
_entity.formula_weight 
_entity.pdbx_number_of_molecules 
_entity.pdbx_ec 
_entity.pdbx_mutation 
_entity.pdbx_fragment 
_entity.details 
1 polymer     man 'Leukotriene C4 synthase'                                                                     17411.545 1 
4.4.1.20 ? ? ? 
2 non-polymer syn 'NICKEL (II) ION'                                                                             58.693    1 ? ? ? 
? 
3 non-polymer syn 'SULFATE ION'                                                                                 96.063    1 ? ? ? 
? 
4 non-polymer syn 'D-gamma-glutamyl-(Z)-N-(carboxymethylidene)-S-[(2R)-2-hydroxy-4-phenylbutyl]-L-cysteinamide' 453.509   1 ? ? ? 
? 
# 
_entity_name_com.entity_id   1 
_entity_name_com.name        'LTC4 synthase, Leukotriene-C(4) synthase' 
# 
_entity_poly.entity_id                      1 
_entity_poly.type                           'polypeptide(L)' 
_entity_poly.nstd_linkage                   no 
_entity_poly.nstd_monomer                   no 
_entity_poly.pdbx_seq_one_letter_code       
;MHHHHHHKDEVALLAAVTLLGVLLQAYFSLQVISARRAFRVSPPLTTGPPEFERVYRAQVNCSEYFPLFLATLWVAGIFF
HEGAAALCGLVYLFARLRYFQGYARSAQLRLAPLYASARALWLLVALAALGLLAHFLPAALRAALLGRLRTLLPWA
;
_entity_poly.pdbx_seq_one_letter_code_can   
;MHHHHHHKDEVALLAAVTLLGVLLQAYFSLQVISARRAFRVSPPLTTGPPEFERVYRAQVNCSEYFPLFLATLWVAGIFF
HEGAAALCGLVYLFARLRYFQGYARSAQLRLAPLYASARALWLLVALAALGLLAHFLPAALRAALLGRLRTLLPWA
;
_entity_poly.pdbx_strand_id                 A 
_entity_poly.pdbx_target_identifier         ? 
# 
loop_
_entity_poly_seq.entity_id 
_entity_poly_seq.num 
_entity_poly_seq.mon_id 
_entity_poly_seq.hetero 
1 1   MET n 
1 2   HIS n 
1 3   HIS n 
1 4   HIS n 
1 5   HIS n 
1 6   HIS n 
1 7   HIS n 
1 8   LYS n 
1 9   ASP n 
1 10  GLU n 
1 11  VAL n 
1 12  ALA n 
1 13  LEU n 
1 14  LEU n 
1 15  ALA n 
1 16  ALA n 
1 17  VAL n 
1 18  THR n 
1 19  LEU n 
1 20  LEU n 
1 21  GLY n 
1 22  VAL n 
1 23  LEU n 
1 24  LEU n 
1 25  GLN n 
1 26  ALA n 
1 27  TYR n 
1 28  PHE n 
1 29  SER n 
1 30  LEU n 
1 31  GLN n 
1 32  VAL n 
1 33  ILE n 
1 34  SER n 
1 35  ALA n 
1 36  ARG n 
1 37  ARG n 
1 38  ALA n 
1 39  PHE n 
1 40  ARG n 
1 41  VAL n 
1 42  SER n 
1 43  PRO n 
1 44  PRO n 
1 45  LEU n 
1 46  THR n 
1 47  THR n 
1 48  GLY n 
1 49  PRO n 
1 50  PRO n 
1 51  GLU n 
1 52  PHE n 
1 53  GLU n 
1 54  ARG n 
1 55  VAL n 
1 56  TYR n 
1 57  ARG n 
1 58  ALA n 
1 59  GLN n 
1 60  VAL n 
1 61  ASN n 
1 62  CYS n 
1 63  SER n 
1 64  GLU n 
1 65  TYR n 
1 66  PHE n 
1 67  PRO n 
1 68  LEU n 
1 69  PHE n 
1 70  LEU n 
1 71  ALA n 
1 72  THR n 
1 73  LEU n 
1 74  TRP n 
1 75  VAL n 
1 76  ALA n 
1 77  GLY n 
1 78  ILE n 
1 79  PHE n 
1 80  PHE n 
1 81  HIS n 
1 82  GLU n 
1 83  GLY n 
1 84  ALA n 
1 85  ALA n 
1 86  ALA n 
1 87  LEU n 
1 88  CYS n 
1 89  GLY n 
1 90  LEU n 
1 91  VAL n 
1 92  TYR n 
1 93  LEU n 
1 94  PHE n 
1 95  ALA n 
1 96  ARG n 
1 97  LEU n 
1 98  ARG n 
1 99  TYR n 
1 100 PHE n 
1 101 GLN n 
1 102 GLY n 
1 103 TYR n 
1 104 ALA n 
1 105 ARG n 
1 106 SER n 
1 107 ALA n 
1 108 GLN n 
1 109 LEU n 
1 110 ARG n 
1 111 LEU n 
1 112 ALA n 
1 113 PRO n 
1 114 LEU n 
1 115 TYR n 
1 116 ALA n 
1 117 SER n 
1 118 ALA n 
1 119 ARG n 
1 120 ALA n 
1 121 LEU n 
1 122 TRP n 
1 123 LEU n 
1 124 LEU n 
1 125 VAL n 
1 126 ALA n 
1 127 LEU n 
1 128 ALA n 
1 129 ALA n 
1 130 LEU n 
1 131 GLY n 
1 132 LEU n 
1 133 LEU n 
1 134 ALA n 
1 135 HIS n 
1 136 PHE n 
1 137 LEU n 
1 138 PRO n 
1 139 ALA n 
1 140 ALA n 
1 141 LEU n 
1 142 ARG n 
1 143 ALA n 
1 144 ALA n 
1 145 LEU n 
1 146 LEU n 
1 147 GLY n 
1 148 ARG n 
1 149 LEU n 
1 150 ARG n 
1 151 THR n 
1 152 LEU n 
1 153 LEU n 
1 154 PRO n 
1 155 TRP n 
1 156 ALA n 
# 
_entity_src_gen.entity_id                          1 
_entity_src_gen.pdbx_src_id                        1 
_entity_src_gen.pdbx_alt_source_flag               sample 
_entity_src_gen.pdbx_seq_type                      ? 
_entity_src_gen.pdbx_beg_seq_num                   ? 
_entity_src_gen.pdbx_end_seq_num                   ? 
_entity_src_gen.gene_src_common_name               human 
_entity_src_gen.gene_src_genus                     ? 
_entity_src_gen.pdbx_gene_src_gene                 LTC4S 
_entity_src_gen.gene_src_species                   ? 
_entity_src_gen.gene_src_strain                    ? 
_entity_src_gen.gene_src_tissue                    ? 
_entity_src_gen.gene_src_tissue_fraction           ? 
_entity_src_gen.gene_src_details                   ? 
_entity_src_gen.pdbx_gene_src_fragment             ? 
_entity_src_gen.pdbx_gene_src_scientific_name      'Homo sapiens' 
_entity_src_gen.pdbx_gene_src_ncbi_taxonomy_id     9606 
_entity_src_gen.pdbx_gene_src_variant              ? 
_entity_src_gen.pdbx_gene_src_cell_line            ? 
_entity_src_gen.pdbx_gene_src_atcc                 ? 
_entity_src_gen.pdbx_gene_src_organ                ? 
_entity_src_gen.pdbx_gene_src_organelle            ? 
_entity_src_gen.pdbx_gene_src_cell                 ? 
_entity_src_gen.pdbx_gene_src_cellular_location    ? 
_entity_src_gen.host_org_common_name               ? 
_entity_src_gen.pdbx_host_org_scientific_name      'Pichia Pastoris' 
_entity_src_gen.pdbx_host_org_ncbi_taxonomy_id     4922 
_entity_src_gen.host_org_genus                     ? 
_entity_src_gen.pdbx_host_org_gene                 ? 
_entity_src_gen.pdbx_host_org_organ                ? 
_entity_src_gen.host_org_species                   ? 
_entity_src_gen.pdbx_host_org_tissue               ? 
_entity_src_gen.pdbx_host_org_tissue_fraction      ? 
_entity_src_gen.pdbx_host_org_strain               ? 
_entity_src_gen.pdbx_host_org_variant              ? 
_entity_src_gen.pdbx_host_org_cell_line            ? 
_entity_src_gen.pdbx_host_org_atcc                 ? 
_entity_src_gen.pdbx_host_org_culture_collection   ? 
_entity_src_gen.pdbx_host_org_cell                 ? 
_entity_src_gen.pdbx_host_org_organelle            ? 
_entity_src_gen.pdbx_host_org_cellular_location    ? 
_entity_src_gen.pdbx_host_org_vector_type          ? 
_entity_src_gen.pdbx_host_org_vector               ? 
_entity_src_gen.host_org_details                   ? 
_entity_src_gen.expression_system_id               ? 
_entity_src_gen.plasmid_name                       ? 
_entity_src_gen.plasmid_details                    ? 
_entity_src_gen.pdbx_description                   ? 
# 
_struct_ref.id                         1 
_struct_ref.db_name                    UNP 
_struct_ref.db_code                    LTC4S_HUMAN 
_struct_ref.pdbx_db_accession          Q16873 
_struct_ref.entity_id                  1 
_struct_ref.pdbx_seq_one_letter_code   
;KDEVALLAAVTLLGVLLQAYFSLQVISARRAFRVSPPLTTGPPEFERVYRAQVNCSEYFPLFLATLWVAGIFFHEGAAAL
CGLVYLFARLRYFQGYARSAQLRLAPLYASARALWLLVALAALGLLAHFLPAALRAALLGRLRTLLPWA
;
_struct_ref.pdbx_align_begin           2 
_struct_ref.pdbx_db_isoform            ? 
# 
_struct_ref_seq.align_id                      1 
_struct_ref_seq.ref_id                        1 
_struct_ref_seq.pdbx_PDB_id_code              4J7Y 
_struct_ref_seq.pdbx_strand_id                A 
_struct_ref_seq.seq_align_beg                 8 
_struct_ref_seq.pdbx_seq_align_beg_ins_code   ? 
_struct_ref_seq.seq_align_end                 156 
_struct_ref_seq.pdbx_seq_align_end_ins_code   ? 
_struct_ref_seq.pdbx_db_accession             Q16873 
_struct_ref_seq.db_align_beg                  2 
_struct_ref_seq.pdbx_db_align_beg_ins_code    ? 
_struct_ref_seq.db_align_end                  150 
_struct_ref_seq.pdbx_db_align_end_ins_code    ? 
_struct_ref_seq.pdbx_auth_seq_align_beg       2 
_struct_ref_seq.pdbx_auth_seq_align_end       150 
# 
loop_
_struct_ref_seq_dif.align_id 
_struct_ref_seq_dif.pdbx_pdb_id_code 
_struct_ref_seq_dif.mon_id 
_struct_ref_seq_dif.pdbx_pdb_strand_id 
_struct_ref_seq_dif.seq_num 
_struct_ref_seq_dif.pdbx_pdb_ins_code 
_struct_ref_seq_dif.pdbx_seq_db_name 
_struct_ref_seq_dif.pdbx_seq_db_accession_code 
_struct_ref_seq_dif.db_mon_id 
_struct_ref_seq_dif.pdbx_seq_db_seq_num 
_struct_ref_seq_dif.details 
_struct_ref_seq_dif.pdbx_auth_seq_num 
_struct_ref_seq_dif.pdbx_ordinal 
1 4J7Y MET A 1 ? UNP Q16873 ? ? 'expression tag' -5 1 
1 4J7Y HIS A 2 ? UNP Q16873 ? ? 'expression tag' -4 2 
1 4J7Y HIS A 3 ? UNP Q16873 ? ? 'expression tag' -3 3 
1 4J7Y HIS A 4 ? UNP Q16873 ? ? 'expression tag' -2 4 
1 4J7Y HIS A 5 ? UNP Q16873 ? ? 'expression tag' -1 5 
1 4J7Y HIS A 6 ? UNP Q16873 ? ? 'expression tag' 0  6 
1 4J7Y HIS A 7 ? UNP Q16873 ? ? 'expression tag' 1  7 
# 
loop_
_chem_comp.id 
_chem_comp.type 
_chem_comp.mon_nstd_flag 
_chem_comp.name 
_chem_comp.pdbx_synonyms 
_chem_comp.formula 
_chem_comp.formula_weight 
1JP non-polymer         . 'D-gamma-glutamyl-(Z)-N-(carboxymethylidene)-S-[(2R)-2-hydroxy-4-phenylbutyl]-L-cysteinamide' ? 
'C20 H27 N3 O7 S' 453.509 
ALA 'L-peptide linking' y ALANINE                                                                                       ? 
'C3 H7 N O2'      89.093  
ARG 'L-peptide linking' y ARGININE                                                                                      ? 
'C6 H15 N4 O2 1'  175.209 
ASN 'L-peptide linking' y ASPARAGINE                                                                                    ? 
'C4 H8 N2 O3'     132.118 
ASP 'L-peptide linking' y 'ASPARTIC ACID'                                                                               ? 
'C4 H7 N O4'      133.103 
CYS 'L-peptide linking' y CYSTEINE                                                                                      ? 
'C3 H7 N O2 S'    121.158 
GLN 'L-peptide linking' y GLUTAMINE                                                                                     ? 
'C5 H10 N2 O3'    146.144 
GLU 'L-peptide linking' y 'GLUTAMIC ACID'                                                                               ? 
'C5 H9 N O4'      147.129 
GLY 'peptide linking'   y GLYCINE                                                                                       ? 
'C2 H5 N O2'      75.067  
HIS 'L-peptide linking' y HISTIDINE                                                                                     ? 
'C6 H10 N3 O2 1'  156.162 
ILE 'L-peptide linking' y ISOLEUCINE                                                                                    ? 
'C6 H13 N O2'     131.173 
LEU 'L-peptide linking' y LEUCINE                                                                                       ? 
'C6 H13 N O2'     131.173 
LYS 'L-peptide linking' y LYSINE                                                                                        ? 
'C6 H15 N2 O2 1'  147.195 
MET 'L-peptide linking' y METHIONINE                                                                                    ? 
'C5 H11 N O2 S'   149.211 
NI  non-polymer         . 'NICKEL (II) ION'                                                                             ? 'Ni 2' 
58.693  
PHE 'L-peptide linking' y PHENYLALANINE                                                                                 ? 
'C9 H11 N O2'     165.189 
PRO 'L-peptide linking' y PROLINE                                                                                       ? 
'C5 H9 N O2'      115.130 
SER 'L-peptide linking' y SERINE                                                                                        ? 
'C3 H7 N O3'      105.093 
SO4 non-polymer         . 'SULFATE ION'                                                                                 ? 
'O4 S -2'         96.063  
THR 'L-peptide linking' y THREONINE                                                                                     ? 
'C4 H9 N O3'      119.119 
TRP 'L-peptide linking' y TRYPTOPHAN                                                                                    ? 
'C11 H12 N2 O2'   204.225 
TYR 'L-peptide linking' y TYROSINE                                                                                      ? 
'C9 H11 N O3'     181.189 
VAL 'L-peptide linking' y VALINE                                                                                        ? 
'C5 H11 N O2'     117.146 
# 
_exptl.entry_id          4J7Y 
_exptl.method            'X-RAY DIFFRACTION' 
_exptl.crystals_number   1 
# 
_exptl_crystal.id                    1 
_exptl_crystal.density_meas          ? 
_exptl_crystal.density_Matthews      5.80 
_exptl_crystal.density_percent_sol   78.81 
_exptl_crystal.description           ? 
_exptl_crystal.F_000                 ? 
_exptl_crystal.preparation           ? 
# 
_exptl_crystal_grow.crystal_id      1 
_exptl_crystal_grow.method          'VAPOR DIFFUSION' 
_exptl_crystal_grow.temp            298 
_exptl_crystal_grow.temp_details    ? 
_exptl_crystal_grow.pH              6.2 
_exptl_crystal_grow.pdbx_pH_range   ? 
_exptl_crystal_grow.pdbx_details    '1.8 M NH4SO4, 0.2 M NaCl, 0.1 M Na-cacadylate, pH 6.2, VAPOR DIFFUSION, temperature 298K' 
# 
_diffrn.id                     1 
_diffrn.ambient_temp           100 
_diffrn.ambient_temp_details   ? 
_diffrn.crystal_id             1 
# 
_diffrn_detector.diffrn_id              1 
_diffrn_detector.detector               CCD 
_diffrn_detector.type                   'ADSC QUANTUM 315r' 
_diffrn_detector.pdbx_collection_date   2012-07-14 
_diffrn_detector.details                ? 
# 
_diffrn_radiation.diffrn_id                        1 
_diffrn_radiation.wavelength_id                    1 
_diffrn_radiation.pdbx_monochromatic_or_laue_m_l   M 
_diffrn_radiation.monochromator                    ? 
_diffrn_radiation.pdbx_diffrn_protocol             'SINGLE WAVELENGTH' 
_diffrn_radiation.pdbx_scattering_type             x-ray 
# 
_diffrn_radiation_wavelength.id           1 
_diffrn_radiation_wavelength.wavelength   0.93937 
_diffrn_radiation_wavelength.wt           1.0 
# 
_diffrn_source.diffrn_id                   1 
_diffrn_source.source                      SYNCHROTRON 
_diffrn_source.type                        'ESRF BEAMLINE ID14-4' 
_diffrn_source.pdbx_synchrotron_site       ESRF 
_diffrn_source.pdbx_synchrotron_beamline   ID14-4 
_diffrn_source.pdbx_wavelength             ? 
_diffrn_source.pdbx_wavelength_list        0.93937 
# 
_reflns.pdbx_diffrn_id               1 
_reflns.pdbx_ordinal                 1 
_reflns.entry_id                     4J7Y 
_reflns.observed_criterion_sigma_I   1 
_reflns.observed_criterion_sigma_F   1 
_reflns.d_resolution_low             32.653 
_reflns.d_resolution_high            2.901 
_reflns.number_obs                   9030 
_reflns.number_all                   9030 
_reflns.percent_possible_obs         99.900 
_reflns.pdbx_Rmerge_I_obs            ? 
_reflns.pdbx_Rsym_value              0.292 
_reflns.pdbx_netI_over_sigmaI        7.000 
_reflns.B_iso_Wilson_estimate        ? 
_reflns.pdbx_redundancy              15.600 
_reflns.R_free_details               ? 
_reflns.limit_h_max                  ? 
_reflns.limit_h_min                  ? 
_reflns.limit_k_max                  ? 
_reflns.limit_k_min                  ? 
_reflns.limit_l_max                  ? 
_reflns.limit_l_min                  ? 
_reflns.observed_criterion_F_max     ? 
_reflns.observed_criterion_F_min     ? 
_reflns.pdbx_chi_squared             ? 
_reflns.pdbx_scaling_rejects         ? 
# 
loop_
_reflns_shell.pdbx_diffrn_id 
_reflns_shell.pdbx_ordinal 
_reflns_shell.d_res_high 
_reflns_shell.d_res_low 
_reflns_shell.percent_possible_all 
_reflns_shell.Rmerge_I_obs 
_reflns_shell.pdbx_Rsym_value 
_reflns_shell.meanI_over_sigI_obs 
_reflns_shell.pdbx_redundancy 
_reflns_shell.percent_possible_obs 
_reflns_shell.number_unique_all 
_reflns_shell.number_measured_all 
_reflns_shell.number_measured_obs 
_reflns_shell.number_unique_obs 
_reflns_shell.pdbx_chi_squared 
1 1  2.900 3.060  100.000 0.061 6.134 0.100 15.700 ? ? ? ? ? ? 
1 2  3.060 3.240  100.000 0.061 3.477 0.200 15.900 ? ? ? ? ? ? 
1 3  3.240 3.470  100.000 0.061 1.961 0.400 15.800 ? ? ? ? ? ? 
1 4  3.470 3.740  100.000 0.061 0.881 0.900 15.800 ? ? ? ? ? ? 
1 5  3.740 4.100  100.000 0.061 0.398 1.900 15.800 ? ? ? ? ? ? 
1 6  4.100 4.590  100.000 0.061 0.176 4.000 15.700 ? ? ? ? ? ? 
1 7  4.590 5.290  100.000 0.061 0.158 4.400 15.500 ? ? ? ? ? ? 
1 8  5.290 6.480  100.000 0.061 0.189 3.800 15.500 ? ? ? ? ? ? 
1 9  6.480 9.170  100.000 0.061 0.120 4.300 14.800 ? ? ? ? ? ? 
1 10 9.170 34.553 97.300  0.061 0.108 5.000 14.000 ? ? ? ? ? ? 
# 
_refine.pdbx_refine_id                           'X-RAY DIFFRACTION' 
_refine.entry_id                                 4J7Y 
_refine.pdbx_diffrn_id                           1 
_refine.pdbx_TLS_residual_ADP_flag               ? 
_refine.ls_number_reflns_obs                     9020 
_refine.ls_number_reflns_all                     9020 
_refine.pdbx_ls_sigma_I                          ? 
_refine.pdbx_ls_sigma_F                          1.33 
_refine.pdbx_data_cutoff_high_absF               ? 
_refine.pdbx_data_cutoff_low_absF                ? 
_refine.pdbx_data_cutoff_high_rms_absF           ? 
_refine.ls_d_res_low                             29.924 
_refine.ls_d_res_high                            2.901 
_refine.ls_percent_reflns_obs                    99.88 
_refine.ls_R_factor_obs                          0.2502 
_refine.ls_R_factor_all                          ? 
_refine.ls_R_factor_R_work                       0.2495 
_refine.ls_R_factor_R_free                       0.2632 
_refine.ls_R_factor_R_free_error                 ? 
_refine.ls_R_factor_R_free_error_details         ? 
_refine.ls_percent_reflns_R_free                 4.87 
_refine.ls_number_reflns_R_free                  439 
_refine.ls_number_parameters                     ? 
_refine.ls_number_restraints                     ? 
_refine.occupancy_min                            0.330 
_refine.occupancy_max                            1.000 
_refine.correlation_coeff_Fo_to_Fc               ? 
_refine.correlation_coeff_Fo_to_Fc_free          ? 
_refine.B_iso_mean                               60.4109 
_refine.aniso_B[1][1]                            ? 
_refine.aniso_B[2][2]                            ? 
_refine.aniso_B[3][3]                            ? 
_refine.aniso_B[1][2]                            ? 
_refine.aniso_B[1][3]                            ? 
_refine.aniso_B[2][3]                            ? 
_refine.solvent_model_details                    'FLAT BULK SOLVENT MODEL' 
_refine.solvent_model_param_ksol                 ? 
_refine.solvent_model_param_bsol                 ? 
_refine.pdbx_solvent_vdw_probe_radii             1.11 
_refine.pdbx_solvent_ion_probe_radii             ? 
_refine.pdbx_solvent_shrinkage_radii             0.90 
_refine.pdbx_ls_cross_valid_method               ? 
_refine.details                                  ? 
_refine.pdbx_starting_model                      'PDB ENTRY 2UUI' 
_refine.pdbx_method_to_determine_struct          'MOLECULAR REPLACEMENT' 
_refine.pdbx_isotropic_thermal_model             ? 
_refine.pdbx_stereochemistry_target_values       ML 
_refine.pdbx_stereochem_target_val_spec_case     ? 
_refine.pdbx_R_Free_selection_details            ? 
_refine.pdbx_overall_ESU_R                       ? 
_refine.pdbx_overall_ESU_R_Free                  ? 
_refine.overall_SU_ML                            0.59 
_refine.pdbx_overall_phase_error                 33.76 
_refine.overall_SU_B                             ? 
_refine.overall_SU_R_Cruickshank_DPI             ? 
_refine.pdbx_overall_SU_R_free_Cruickshank_DPI   ? 
_refine.pdbx_overall_SU_R_Blow_DPI               ? 
_refine.pdbx_overall_SU_R_free_Blow_DPI          ? 
_refine.ls_redundancy_reflns_obs                 ? 
_refine.B_iso_min                                ? 
_refine.B_iso_max                                ? 
_refine.overall_SU_R_free                        ? 
_refine.ls_wR_factor_R_free                      ? 
_refine.ls_wR_factor_R_work                      ? 
_refine.overall_FOM_free_R_set                   ? 
_refine.overall_FOM_work_R_set                   ? 
# 
_refine_hist.pdbx_refine_id                   'X-RAY DIFFRACTION' 
_refine_hist.cycle_id                         LAST 
_refine_hist.pdbx_number_atoms_protein        1156 
_refine_hist.pdbx_number_atoms_nucleic_acid   0 
_refine_hist.pdbx_number_atoms_ligand         37 
_refine_hist.number_atoms_solvent             0 
_refine_hist.number_atoms_total               1193 
_refine_hist.d_res_high                       2.901 
_refine_hist.d_res_low                        29.924 
# 
loop_
_refine_ls_restr.type 
_refine_ls_restr.dev_ideal 
_refine_ls_restr.dev_ideal_target 
_refine_ls_restr.weight 
_refine_ls_restr.number 
_refine_ls_restr.pdbx_refine_id 
_refine_ls_restr.pdbx_restraint_function 
f_bond_d           0.006  ? ? 1226 'X-RAY DIFFRACTION' ? 
f_angle_d          1.400  ? ? 1670 'X-RAY DIFFRACTION' ? 
f_dihedral_angle_d 15.643 ? ? 426  'X-RAY DIFFRACTION' ? 
f_chiral_restr     0.115  ? ? 190  'X-RAY DIFFRACTION' ? 
f_plane_restr      0.006  ? ? 208  'X-RAY DIFFRACTION' ? 
# 
loop_
_refine_ls_shell.pdbx_refine_id 
_refine_ls_shell.pdbx_total_number_of_bins_used 
_refine_ls_shell.d_res_high 
_refine_ls_shell.d_res_low 
_refine_ls_shell.number_reflns_R_work 
_refine_ls_shell.R_factor_R_work 
_refine_ls_shell.percent_reflns_obs 
_refine_ls_shell.R_factor_R_free 
_refine_ls_shell.R_factor_R_free_error 
_refine_ls_shell.percent_reflns_R_free 
_refine_ls_shell.number_reflns_R_free 
_refine_ls_shell.number_reflns_all 
_refine_ls_shell.R_factor_all 
_refine_ls_shell.redundancy_reflns_obs 
_refine_ls_shell.number_reflns_obs 
'X-RAY DIFFRACTION' . 2.9013 3.3207  2830 0.3484 100.00 0.3868 . . 155 . . . . 
'X-RAY DIFFRACTION' . 3.3207 4.1819  2846 0.2789 100.00 0.2787 . . 128 . . . . 
'X-RAY DIFFRACTION' . 4.1819 29.9255 2905 0.2215 100.00 0.2330 . . 156 . . . . 
# 
_struct.entry_id                  4J7Y 
_struct.title                     'Human LTC4 synthase in complex with product analogs - implications for enzyme catalysis' 
_struct.pdbx_model_details        ? 
_struct.pdbx_CASP_flag            ? 
_struct.pdbx_model_type_details   ? 
# 
_struct_keywords.entry_id        4J7Y 
_struct_keywords.text            'Leukotriene C4 synthase, product analogs, lipid biosynthesis, LYASE' 
_struct_keywords.pdbx_keywords   LYASE 
# 
loop_
_struct_asym.id 
_struct_asym.pdbx_blank_PDB_chainid_flag 
_struct_asym.pdbx_modified 
_struct_asym.entity_id 
_struct_asym.details 
A N N 1 ? 
B N N 2 ? 
C N N 3 ? 
D N N 4 ? 
# 
_struct_biol.id        1 
_struct_biol.details   ? 
# 
loop_
_struct_conf.conf_type_id 
_struct_conf.id 
_struct_conf.pdbx_PDB_helix_id 
_struct_conf.beg_label_comp_id 
_struct_conf.beg_label_asym_id 
_struct_conf.beg_label_seq_id 
_struct_conf.pdbx_beg_PDB_ins_code 
_struct_conf.end_label_comp_id 
_struct_conf.end_label_asym_id 
_struct_conf.end_label_seq_id 
_struct_conf.pdbx_end_PDB_ins_code 
_struct_conf.beg_auth_comp_id 
_struct_conf.beg_auth_asym_id 
_struct_conf.beg_auth_seq_id 
_struct_conf.end_auth_comp_id 
_struct_conf.end_auth_asym_id 
_struct_conf.end_auth_seq_id 
_struct_conf.pdbx_PDB_helix_class 
_struct_conf.details 
_struct_conf.pdbx_PDB_helix_length 
HELX_P HELX_P1 1 HIS A 7   ? PHE A 39  ? HIS A 1   PHE A 33  1 ? 33 
HELX_P HELX_P2 2 PRO A 49  ? PHE A 80  ? PRO A 43  PHE A 74  1 ? 32 
HELX_P HELX_P3 3 HIS A 81  ? SER A 106 ? HIS A 75  SER A 100 1 ? 26 
HELX_P HELX_P4 4 ALA A 107 ? LEU A 109 ? ALA A 101 LEU A 103 5 ? 3  
HELX_P HELX_P5 5 ARG A 110 ? ARG A 148 ? ARG A 104 ARG A 142 1 ? 39 
# 
_struct_conf_type.id          HELX_P 
_struct_conf_type.criteria    ? 
_struct_conf_type.reference   ? 
# 
_struct_conn.id                            metalc1 
_struct_conn.conn_type_id                  metalc 
_struct_conn.pdbx_leaving_atom_flag        ? 
_struct_conn.pdbx_PDB_id                   ? 
_struct_conn.ptnr1_label_asym_id           A 
_struct_conn.ptnr1_label_comp_id           HIS 
_struct_conn.ptnr1_label_seq_id            7 
_struct_conn.ptnr1_label_atom_id           NE2 
_struct_conn.pdbx_ptnr1_label_alt_id       ? 
_struct_conn.pdbx_ptnr1_PDB_ins_code       ? 
_struct_conn.pdbx_ptnr1_standard_comp_id   ? 
_struct_conn.ptnr1_symmetry                1_555 
_struct_conn.ptnr2_label_asym_id           B 
_struct_conn.ptnr2_label_comp_id           NI 
_struct_conn.ptnr2_label_seq_id            . 
_struct_conn.ptnr2_label_atom_id           NI 
_struct_conn.pdbx_ptnr2_label_alt_id       ? 
_struct_conn.pdbx_ptnr2_PDB_ins_code       ? 
_struct_conn.ptnr1_auth_asym_id            A 
_struct_conn.ptnr1_auth_comp_id            HIS 
_struct_conn.ptnr1_auth_seq_id             1 
_struct_conn.ptnr2_auth_asym_id            A 
_struct_conn.ptnr2_auth_comp_id            NI 
_struct_conn.ptnr2_auth_seq_id             201 
_struct_conn.ptnr2_symmetry                1_555 
_struct_conn.pdbx_ptnr3_label_atom_id      ? 
_struct_conn.pdbx_ptnr3_label_seq_id       ? 
_struct_conn.pdbx_ptnr3_label_comp_id      ? 
_struct_conn.pdbx_ptnr3_label_asym_id      ? 
_struct_conn.pdbx_ptnr3_label_alt_id       ? 
_struct_conn.pdbx_ptnr3_PDB_ins_code       ? 
_struct_conn.details                       ? 
_struct_conn.pdbx_dist_value               2.251 
_struct_conn.pdbx_value_order              ? 
_struct_conn.pdbx_role                     ? 
# 
_struct_conn_type.id          metalc 
_struct_conn_type.criteria    ? 
_struct_conn_type.reference   ? 
# 
loop_
_struct_mon_prot_cis.pdbx_id 
_struct_mon_prot_cis.label_comp_id 
_struct_mon_prot_cis.label_seq_id 
_struct_mon_prot_cis.label_asym_id 
_struct_mon_prot_cis.label_alt_id 
_struct_mon_prot_cis.pdbx_PDB_ins_code 
_struct_mon_prot_cis.auth_comp_id 
_struct_mon_prot_cis.auth_seq_id 
_struct_mon_prot_cis.auth_asym_id 
_struct_mon_prot_cis.pdbx_label_comp_id_2 
_struct_mon_prot_cis.pdbx_label_seq_id_2 
_struct_mon_prot_cis.pdbx_label_asym_id_2 
_struct_mon_prot_cis.pdbx_PDB_ins_code_2 
_struct_mon_prot_cis.pdbx_auth_comp_id_2 
_struct_mon_prot_cis.pdbx_auth_seq_id_2 
_struct_mon_prot_cis.pdbx_auth_asym_id_2 
_struct_mon_prot_cis.pdbx_PDB_model_num 
_struct_mon_prot_cis.pdbx_omega_angle 
1 PRO 43  A . ? PRO 37  A PRO 44  A ? PRO 38  A 1 0.11  
2 LEU 149 A . ? LEU 143 A ARG 150 A ? ARG 144 A 1 29.82 
3 ARG 150 A . ? ARG 144 A THR 151 A ? THR 145 A 1 27.07 
# 
loop_
_struct_site.id 
_struct_site.pdbx_evidence_code 
_struct_site.pdbx_auth_asym_id 
_struct_site.pdbx_auth_comp_id 
_struct_site.pdbx_auth_seq_id 
_struct_site.pdbx_auth_ins_code 
_struct_site.pdbx_num_residues 
_struct_site.details 
AC1 Software A NI  201 ? 3  'BINDING SITE FOR RESIDUE NI A 201'  
AC2 Software A SO4 202 ? 6  'BINDING SITE FOR RESIDUE SO4 A 202' 
AC3 Software A 1JP 203 ? 17 'BINDING SITE FOR RESIDUE 1JP A 203' 
# 
loop_
_struct_site_gen.id 
_struct_site_gen.site_id 
_struct_site_gen.pdbx_num_res 
_struct_site_gen.label_comp_id 
_struct_site_gen.label_asym_id 
_struct_site_gen.label_seq_id 
_struct_site_gen.pdbx_auth_ins_code 
_struct_site_gen.auth_comp_id 
_struct_site_gen.auth_asym_id 
_struct_site_gen.auth_seq_id 
_struct_site_gen.label_atom_id 
_struct_site_gen.label_alt_id 
_struct_site_gen.symmetry 
_struct_site_gen.details 
1  AC1 3  HIS A 7   ? HIS A 1   . ? 1_555  ? 
2  AC1 3  HIS A 7   ? HIS A 1   . ? 24_544 ? 
3  AC1 3  HIS A 7   ? HIS A 1   . ? 30_554 ? 
4  AC2 6  ARG A 54  ? ARG A 48  . ? 1_555  ? 
5  AC2 6  SER A 106 ? SER A 100 . ? 1_555  ? 
6  AC2 6  SER A 106 ? SER A 100 . ? 2_555  ? 
7  AC2 6  ALA A 107 ? ALA A 101 . ? 2_555  ? 
8  AC2 6  ALA A 107 ? ALA A 101 . ? 1_555  ? 
9  AC2 6  GLN A 108 ? GLN A 102 . ? 2_555  ? 
10 AC3 17 ALA A 26  ? ALA A 20  . ? 30_554 ? 
11 AC3 17 SER A 29  ? SER A 23  . ? 30_554 ? 
12 AC3 17 LEU A 30  ? LEU A 24  . ? 30_554 ? 
13 AC3 17 VAL A 32  ? VAL A 26  . ? 30_554 ? 
14 AC3 17 ILE A 33  ? ILE A 27  . ? 30_554 ? 
15 AC3 17 ARG A 36  ? ARG A 30  . ? 30_554 ? 
16 AC3 17 TYR A 56  ? TYR A 50  . ? 30_554 ? 
17 AC3 17 GLN A 59  ? GLN A 53  . ? 30_554 ? 
18 AC3 17 ASN A 61  ? ASN A 55  . ? 1_555  ? 
19 AC3 17 GLU A 64  ? GLU A 58  . ? 1_555  ? 
20 AC3 17 TYR A 65  ? TYR A 59  . ? 1_555  ? 
21 AC3 17 TYR A 99  ? TYR A 93  . ? 1_555  ? 
22 AC3 17 ARG A 110 ? ARG A 104 . ? 1_555  ? 
23 AC3 17 LEU A 114 ? LEU A 108 . ? 1_555  ? 
24 AC3 17 LEU A 121 ? LEU A 115 . ? 1_555  ? 
25 AC3 17 TRP A 122 ? TRP A 116 . ? 1_555  ? 
26 AC3 17 VAL A 125 ? VAL A 119 . ? 1_555  ? 
# 
_atom_sites.entry_id                    4J7Y 
_atom_sites.fract_transf_matrix[1][1]   -0.00518323 
_atom_sites.fract_transf_matrix[1][2]   -0.00239811 
_atom_sites.fract_transf_matrix[1][3]   0.00151250 
_atom_sites.fract_transf_matrix[2][1]   0.00278459 
_atom_sites.fract_transf_matrix[2][2]   -0.00489885 
_atom_sites.fract_transf_matrix[2][3]   0.00177533 
_atom_sites.fract_transf_matrix[3][1]   0.00053353 
_atom_sites.fract_transf_matrix[3][2]   0.00227041 
_atom_sites.fract_transf_matrix[3][3]   0.00542817 
_atom_sites.fract_transf_vector[1]      0.108127 
_atom_sites.fract_transf_vector[2]      -0.092186 
_atom_sites.fract_transf_vector[3]      -0.326461 
# 
loop_
_atom_type.symbol 
C  
N  
NI 
O  
S  
# 
loop_
_atom_site.group_PDB 
_atom_site.id 
_atom_site.type_symbol 
_atom_site.label_atom_id 
_atom_site.label_alt_id 
_atom_site.label_comp_id 
_atom_site.label_asym_id 
_atom_site.label_entity_id 
_atom_site.label_seq_id 
_atom_site.pdbx_PDB_ins_code 
_atom_site.Cartn_x 
_atom_site.Cartn_y 
_atom_site.Cartn_z 
_atom_site.occupancy 
_atom_site.B_iso_or_equiv 
_atom_site.pdbx_formal_charge 
_atom_site.auth_seq_id 
_atom_site.auth_comp_id 
_atom_site.auth_asym_id 
_atom_site.auth_atom_id 
_atom_site.pdbx_PDB_model_num 
ATOM   1    N  N   . HIS A 1 5   ? -23.866 19.316  4.532   1.00 136.36 ?  -1  HIS A N   1 
ATOM   2    C  CA  . HIS A 1 5   ? -22.771 18.772  5.323   1.00 157.03 ?  -1  HIS A CA  1 
ATOM   3    C  C   . HIS A 1 5   ? -21.886 17.850  4.473   1.00 150.53 ?  -1  HIS A C   1 
ATOM   4    O  O   . HIS A 1 5   ? -22.340 16.851  3.917   1.00 139.14 ?  -1  HIS A O   1 
ATOM   5    C  CB  . HIS A 1 5   ? -23.331 18.001  6.529   1.00 156.06 ?  -1  HIS A CB  1 
ATOM   6    C  CG  . HIS A 1 5   ? -24.020 16.718  6.176   1.00 161.61 ?  -1  HIS A CG  1 
ATOM   7    N  ND1 . HIS A 1 5   ? -25.307 16.679  5.686   1.00 170.94 ?  -1  HIS A ND1 1 
ATOM   8    C  CD2 . HIS A 1 5   ? -23.610 15.430  6.260   1.00 149.69 ?  -1  HIS A CD2 1 
ATOM   9    C  CE1 . HIS A 1 5   ? -25.657 15.422  5.472   1.00 163.24 ?  -1  HIS A CE1 1 
ATOM   10   N  NE2 . HIS A 1 5   ? -24.645 14.645  5.812   1.00 151.40 ?  -1  HIS A NE2 1 
ATOM   11   N  N   . HIS A 1 6   ? -20.612 18.225  4.364   1.00 149.08 ?  0   HIS A N   1 
ATOM   12   C  CA  . HIS A 1 6   ? -19.634 17.454  3.605   1.00 141.03 ?  0   HIS A CA  1 
ATOM   13   C  C   . HIS A 1 6   ? -18.953 16.418  4.493   1.00 131.25 ?  0   HIS A C   1 
ATOM   14   O  O   . HIS A 1 6   ? -18.856 16.590  5.708   1.00 109.03 ?  0   HIS A O   1 
ATOM   15   C  CB  . HIS A 1 6   ? -18.559 18.401  3.064   1.00 120.17 ?  0   HIS A CB  1 
ATOM   16   C  CG  . HIS A 1 6   ? -19.088 19.464  2.151   1.00 127.90 ?  0   HIS A CG  1 
ATOM   17   N  ND1 . HIS A 1 6   ? -19.586 19.187  0.897   1.00 130.99 ?  0   HIS A ND1 1 
ATOM   18   C  CD2 . HIS A 1 6   ? -19.186 20.807  2.307   1.00 119.92 ?  0   HIS A CD2 1 
ATOM   19   C  CE1 . HIS A 1 6   ? -19.972 20.312  0.321   1.00 119.34 ?  0   HIS A CE1 1 
ATOM   20   N  NE2 . HIS A 1 6   ? -19.741 21.310  1.157   1.00 118.65 ?  0   HIS A NE2 1 
ATOM   21   N  N   . HIS A 1 7   ? -18.486 15.340  3.868   1.00 126.16 ?  1   HIS A N   1 
ATOM   22   C  CA  . HIS A 1 7   ? -17.703 14.314  4.554   1.00 99.61  ?  1   HIS A CA  1 
ATOM   23   C  C   . HIS A 1 7   ? -16.211 14.396  4.250   1.00 91.70  ?  1   HIS A C   1 
ATOM   24   O  O   . HIS A 1 7   ? -15.466 13.457  4.530   1.00 84.41  ?  1   HIS A O   1 
ATOM   25   C  CB  . HIS A 1 7   ? -18.246 12.915  4.249   1.00 73.15  ?  1   HIS A CB  1 
ATOM   26   C  CG  . HIS A 1 7   ? -19.641 12.687  4.738   1.00 109.98 ?  1   HIS A CG  1 
ATOM   27   N  ND1 . HIS A 1 7   ? -19.926 12.337  6.040   1.00 127.35 ?  1   HIS A ND1 1 
ATOM   28   C  CD2 . HIS A 1 7   ? -20.833 12.748  4.096   1.00 116.52 ?  1   HIS A CD2 1 
ATOM   29   C  CE1 . HIS A 1 7   ? -21.232 12.198  6.181   1.00 127.63 ?  1   HIS A CE1 1 
ATOM   30   N  NE2 . HIS A 1 7   ? -21.805 12.442  5.017   1.00 125.74 ?  1   HIS A NE2 1 
ATOM   31   N  N   . LYS A 1 8   ? -15.785 15.512  3.666   1.00 91.66  ?  2   LYS A N   1 
ATOM   32   C  CA  . LYS A 1 8   ? -14.370 15.761  3.412   1.00 65.81  ?  2   LYS A CA  1 
ATOM   33   C  C   . LYS A 1 8   ? -13.565 15.637  4.703   1.00 70.24  ?  2   LYS A C   1 
ATOM   34   O  O   . LYS A 1 8   ? -12.455 15.078  4.711   1.00 79.34  ?  2   LYS A O   1 
ATOM   35   C  CB  . LYS A 1 8   ? -14.144 17.165  2.842   1.00 58.23  ?  2   LYS A CB  1 
ATOM   36   C  CG  . LYS A 1 8   ? -14.696 17.346  1.433   1.00 49.36  ?  2   LYS A CG  1 
ATOM   37   C  CD  . LYS A 1 8   ? -14.245 18.652  0.792   1.00 47.06  ?  2   LYS A CD  1 
ATOM   38   C  CE  . LYS A 1 8   ? -14.773 19.866  1.539   1.00 75.14  ?  2   LYS A CE  1 
ATOM   39   N  NZ  . LYS A 1 8   ? -14.958 21.033  0.628   1.00 64.79  ?  2   LYS A NZ  1 
ATOM   40   N  N   . ASP A 1 9   ? -14.126 16.153  5.794   1.00 81.07  ?  3   ASP A N   1 
ATOM   41   C  CA  . ASP A 1 9   ? -13.426 16.149  7.068   1.00 66.09  ?  3   ASP A CA  1 
ATOM   42   C  C   . ASP A 1 9   ? -13.148 14.726  7.545   1.00 60.57  ?  3   ASP A C   1 
ATOM   43   O  O   . ASP A 1 9   ? -12.131 14.476  8.192   1.00 66.31  ?  3   ASP A O   1 
ATOM   44   C  CB  . ASP A 1 9   ? -14.269 16.862  8.130   1.00 97.70  ?  3   ASP A CB  1 
ATOM   45   C  CG  . ASP A 1 9   ? -14.574 18.305  7.768   1.00 117.67 ?  3   ASP A CG  1 
ATOM   46   O  OD1 . ASP A 1 9   ? -15.345 18.529  6.809   1.00 114.42 ?  3   ASP A OD1 1 
ATOM   47   O  OD2 . ASP A 1 9   ? -14.054 19.215  8.449   1.00 118.65 ?  3   ASP A OD2 1 
ATOM   48   N  N   . GLU A 1 10  ? -14.050 13.795  7.233   1.00 63.35  ?  4   GLU A N   1 
ATOM   49   C  CA  . GLU A 1 10  ? -13.903 12.433  7.739   1.00 59.91  ?  4   GLU A CA  1 
ATOM   50   C  C   . GLU A 1 10  ? -12.899 11.595  6.948   1.00 75.03  ?  4   GLU A C   1 
ATOM   51   O  O   . GLU A 1 10  ? -12.542 10.495  7.368   1.00 69.76  ?  4   GLU A O   1 
ATOM   52   C  CB  . GLU A 1 10  ? -15.253 11.714  7.710   1.00 78.28  ?  4   GLU A CB  1 
ATOM   53   C  CG  . GLU A 1 10  ? -16.420 12.494  8.284   1.00 111.85 ?  4   GLU A CG  1 
ATOM   54   C  CD  . GLU A 1 10  ? -17.624 11.607  8.542   1.00 112.90 ?  4   GLU A CD  1 
ATOM   55   O  OE1 . GLU A 1 10  ? -17.724 10.539  7.903   1.00 105.47 ?  4   GLU A OE1 1 
ATOM   56   O  OE2 . GLU A 1 10  ? -18.470 11.972  9.386   1.00 120.84 ?  4   GLU A OE2 1 
ATOM   57   N  N   . VAL A 1 11  ? -12.444 12.108  5.806   1.00 63.99  ?  5   VAL A N   1 
ATOM   58   C  CA  . VAL A 1 11  ? -11.582 11.319  4.920   1.00 35.39  ?  5   VAL A CA  1 
ATOM   59   C  C   . VAL A 1 11  ? -10.370 12.086  4.414   1.00 35.09  ?  5   VAL A C   1 
ATOM   60   O  O   . VAL A 1 11  ? -9.632  11.597  3.550   1.00 44.32  ?  5   VAL A O   1 
ATOM   61   C  CB  . VAL A 1 11  ? -12.370 10.785  3.704   1.00 26.64  ?  5   VAL A CB  1 
ATOM   62   C  CG1 . VAL A 1 11  ? -13.502 9.867   4.147   1.00 17.63  ?  5   VAL A CG1 1 
ATOM   63   C  CG2 . VAL A 1 11  ? -12.898 11.936  2.866   1.00 23.98  ?  5   VAL A CG2 1 
ATOM   64   N  N   . ALA A 1 12  ? -10.152 13.276  4.959   1.00 43.54  ?  6   ALA A N   1 
ATOM   65   C  CA  . ALA A 1 12  ? -9.098  14.140  4.441   1.00 34.43  ?  6   ALA A CA  1 
ATOM   66   C  C   . ALA A 1 12  ? -7.684  13.571  4.626   1.00 28.65  ?  6   ALA A C   1 
ATOM   67   O  O   . ALA A 1 12  ? -6.819  13.756  3.768   1.00 38.65  ?  6   ALA A O   1 
ATOM   68   C  CB  . ALA A 1 12  ? -9.214  15.536  5.014   1.00 48.37  ?  6   ALA A CB  1 
ATOM   69   N  N   . LEU A 1 13  ? -7.460  12.866  5.734   1.00 31.00  ?  7   LEU A N   1 
ATOM   70   C  CA  . LEU A 1 13  ? -6.160  12.246  5.977   1.00 28.96  ?  7   LEU A CA  1 
ATOM   71   C  C   . LEU A 1 13  ? -5.920  11.069  5.036   1.00 32.11  ?  7   LEU A C   1 
ATOM   72   O  O   . LEU A 1 13  ? -4.804  10.876  4.547   1.00 39.93  ?  7   LEU A O   1 
ATOM   73   C  CB  . LEU A 1 13  ? -6.046  11.744  7.419   1.00 26.04  ?  7   LEU A CB  1 
ATOM   74   C  CG  . LEU A 1 13  ? -6.207  12.774  8.537   1.00 41.63  ?  7   LEU A CG  1 
ATOM   75   C  CD1 . LEU A 1 13  ? -6.301  12.077  9.889   1.00 37.71  ?  7   LEU A CD1 1 
ATOM   76   C  CD2 . LEU A 1 13  ? -5.052  13.770  8.525   1.00 26.28  ?  7   LEU A CD2 1 
ATOM   77   N  N   . LEU A 1 14  ? -6.969  10.291  4.776   1.00 27.27  ?  8   LEU A N   1 
ATOM   78   C  CA  . LEU A 1 14  ? -6.875  9.193   3.821   1.00 25.37  ?  8   LEU A CA  1 
ATOM   79   C  C   . LEU A 1 14  ? -6.554  9.750   2.448   1.00 27.44  ?  8   LEU A C   1 
ATOM   80   O  O   . LEU A 1 14  ? -5.725  9.197   1.725   1.00 28.97  ?  8   LEU A O   1 
ATOM   81   C  CB  . LEU A 1 14  ? -8.190  8.413   3.750   1.00 28.28  ?  8   LEU A CB  1 
ATOM   82   C  CG  . LEU A 1 14  ? -8.736  7.833   5.053   1.00 22.31  ?  8   LEU A CG  1 
ATOM   83   C  CD1 . LEU A 1 14  ? -10.026 7.067   4.800   1.00 33.42  ?  8   LEU A CD1 1 
ATOM   84   C  CD2 . LEU A 1 14  ? -7.702  6.938   5.708   1.00 22.47  ?  8   LEU A CD2 1 
ATOM   85   N  N   . ALA A 1 15  ? -7.216  10.846  2.089   1.00 22.55  ?  9   ALA A N   1 
ATOM   86   C  CA  . ALA A 1 15  ? -6.978  11.464  0.789   1.00 25.46  ?  9   ALA A CA  1 
ATOM   87   C  C   . ALA A 1 15  ? -5.555  12.014  0.664   1.00 29.05  ?  9   ALA A C   1 
ATOM   88   O  O   . ALA A 1 15  ? -4.922  11.903  -0.388  1.00 28.35  ?  9   ALA A O   1 
ATOM   89   C  CB  . ALA A 1 15  ? -8.007  12.535  0.490   1.00 31.42  ?  9   ALA A CB  1 
ATOM   90   N  N   . ALA A 1 16  ? -5.060  12.592  1.756   1.00 24.64  ?  10  ALA A N   1 
ATOM   91   C  CA  . ALA A 1 16  ? -3.702  13.132  1.791   1.00 33.29  ?  10  ALA A CA  1 
ATOM   92   C  C   . ALA A 1 16  ? -2.634  12.042  1.672   1.00 26.44  ?  10  ALA A C   1 
ATOM   93   O  O   . ALA A 1 16  ? -1.675  12.180  0.910   1.00 22.74  ?  10  ALA A O   1 
ATOM   94   C  CB  . ALA A 1 16  ? -3.481  13.938  3.062   1.00 27.89  ?  10  ALA A CB  1 
ATOM   95   N  N   . VAL A 1 17  ? -2.810  10.958  2.423   1.00 16.49  ?  11  VAL A N   1 
ATOM   96   C  CA  . VAL A 1 17  ? -1.915  9.810   2.329   1.00 20.84  ?  11  VAL A CA  1 
ATOM   97   C  C   . VAL A 1 17  ? -1.952  9.177   0.935   1.00 27.05  ?  11  VAL A C   1 
ATOM   98   O  O   . VAL A 1 17  ? -0.915  8.812   0.373   1.00 37.91  ?  11  VAL A O   1 
ATOM   99   C  CB  . VAL A 1 17  ? -2.236  8.761   3.418   1.00 21.49  ?  11  VAL A CB  1 
ATOM   100  C  CG1 . VAL A 1 17  ? -1.425  7.490   3.198   1.00 29.42  ?  11  VAL A CG1 1 
ATOM   101  C  CG2 . VAL A 1 17  ? -1.965  9.329   4.800   1.00 22.78  ?  11  VAL A CG2 1 
ATOM   102  N  N   . THR A 1 18  ? -3.154  9.063   0.381   1.00 22.42  ?  12  THR A N   1 
ATOM   103  C  CA  . THR A 1 18  ? -3.346  8.587   -0.985  1.00 26.33  ?  12  THR A CA  1 
ATOM   104  C  C   . THR A 1 18  ? -2.565  9.432   -1.995  1.00 20.86  ?  12  THR A C   1 
ATOM   105  O  O   . THR A 1 18  ? -1.843  8.904   -2.849  1.00 25.93  ?  12  THR A O   1 
ATOM   106  C  CB  . THR A 1 18  ? -4.845  8.594   -1.373  1.00 21.72  ?  12  THR A CB  1 
ATOM   107  O  OG1 . THR A 1 18  ? -5.546  7.601   -0.617  1.00 16.57  ?  12  THR A OG1 1 
ATOM   108  C  CG2 . THR A 1 18  ? -5.025  8.325   -2.860  1.00 22.24  ?  12  THR A CG2 1 
ATOM   109  N  N   . LEU A 1 19  ? -2.697  10.749  -1.872  1.00 23.61  ?  13  LEU A N   1 
ATOM   110  C  CA  . LEU A 1 19  ? -2.008  11.662  -2.776  1.00 24.97  ?  13  LEU A CA  1 
ATOM   111  C  C   . LEU A 1 19  ? -0.491  11.567  -2.632  1.00 26.31  ?  13  LEU A C   1 
ATOM   112  O  O   . LEU A 1 19  ? 0.234   11.562  -3.634  1.00 26.53  ?  13  LEU A O   1 
ATOM   113  C  CB  . LEU A 1 19  ? -2.458  13.109  -2.560  1.00 25.99  ?  13  LEU A CB  1 
ATOM   114  C  CG  . LEU A 1 19  ? -1.923  14.155  -3.533  1.00 30.27  ?  13  LEU A CG  1 
ATOM   115  C  CD1 . LEU A 1 19  ? -2.366  13.847  -4.954  1.00 24.36  ?  13  LEU A CD1 1 
ATOM   116  C  CD2 . LEU A 1 19  ? -2.374  15.546  -3.115  1.00 21.19  ?  13  LEU A CD2 1 
ATOM   117  N  N   . LEU A 1 20  ? -0.021  11.482  -1.390  1.00 32.70  ?  14  LEU A N   1 
ATOM   118  C  CA  . LEU A 1 20  ? 1.394   11.267  -1.122  1.00 35.12  ?  14  LEU A CA  1 
ATOM   119  C  C   . LEU A 1 20  ? 1.888   9.990   -1.800  1.00 30.50  ?  14  LEU A C   1 
ATOM   120  O  O   . LEU A 1 20  ? 2.993   9.944   -2.353  1.00 48.04  ?  14  LEU A O   1 
ATOM   121  C  CB  . LEU A 1 20  ? 1.634   11.161  0.384   1.00 38.45  ?  14  LEU A CB  1 
ATOM   122  C  CG  . LEU A 1 20  ? 3.081   10.863  0.783   1.00 58.74  ?  14  LEU A CG  1 
ATOM   123  C  CD1 . LEU A 1 20  ? 3.994   11.995  0.347   1.00 43.81  ?  14  LEU A CD1 1 
ATOM   124  C  CD2 . LEU A 1 20  ? 3.185   10.651  2.276   1.00 57.32  ?  14  LEU A CD2 1 
ATOM   125  N  N   . GLY A 1 21  ? 1.049   8.957   -1.766  1.00 27.91  ?  15  GLY A N   1 
ATOM   126  C  CA  . GLY A 1 21  ? 1.372   7.684   -2.383  1.00 29.53  ?  15  GLY A CA  1 
ATOM   127  C  C   . GLY A 1 21  ? 1.486   7.810   -3.889  1.00 29.03  ?  15  GLY A C   1 
ATOM   128  O  O   . GLY A 1 21  ? 2.393   7.240   -4.508  1.00 25.92  ?  15  GLY A O   1 
ATOM   129  N  N   . VAL A 1 22  ? 0.571   8.574   -4.477  1.00 24.74  ?  16  VAL A N   1 
ATOM   130  C  CA  . VAL A 1 22  ? 0.613   8.842   -5.910  1.00 22.76  ?  16  VAL A CA  1 
ATOM   131  C  C   . VAL A 1 22  ? 1.907   9.558   -6.293  1.00 26.71  ?  16  VAL A C   1 
ATOM   132  O  O   . VAL A 1 22  ? 2.604   9.157   -7.232  1.00 35.36  ?  16  VAL A O   1 
ATOM   133  C  CB  . VAL A 1 22  ? -0.603  9.674   -6.366  1.00 28.89  ?  16  VAL A CB  1 
ATOM   134  C  CG1 . VAL A 1 22  ? -0.395  10.172  -7.790  1.00 20.71  ?  16  VAL A CG1 1 
ATOM   135  C  CG2 . VAL A 1 22  ? -1.877  8.854   -6.261  1.00 24.60  ?  16  VAL A CG2 1 
ATOM   136  N  N   . LEU A 1 23  ? 2.225   10.610  -5.546  1.00 30.46  ?  17  LEU A N   1 
ATOM   137  C  CA  . LEU A 1 23  ? 3.455   11.376  -5.744  1.00 28.06  ?  17  LEU A CA  1 
ATOM   138  C  C   . LEU A 1 23  ? 4.708   10.499  -5.682  1.00 38.64  ?  17  LEU A C   1 
ATOM   139  O  O   . LEU A 1 23  ? 5.620   10.596  -6.520  1.00 41.41  ?  17  LEU A O   1 
ATOM   140  C  CB  . LEU A 1 23  ? 3.563   12.518  -4.729  1.00 25.19  ?  17  LEU A CB  1 
ATOM   141  C  CG  . LEU A 1 23  ? 2.553   13.655  -4.891  1.00 27.02  ?  17  LEU A CG  1 
ATOM   142  C  CD1 . LEU A 1 23  ? 2.689   14.663  -3.756  1.00 30.96  ?  17  LEU A CD1 1 
ATOM   143  C  CD2 . LEU A 1 23  ? 2.734   14.329  -6.235  1.00 34.01  ?  17  LEU A CD2 1 
ATOM   144  N  N   . LEU A 1 24  ? 4.719   9.612   -4.693  1.00 27.27  ?  18  LEU A N   1 
ATOM   145  C  CA  . LEU A 1 24  ? 5.790   8.635   -4.517  1.00 24.69  ?  18  LEU A CA  1 
ATOM   146  C  C   . LEU A 1 24  ? 5.897   7.691   -5.725  1.00 32.63  ?  18  LEU A C   1 
ATOM   147  O  O   . LEU A 1 24  ? 7.003   7.377   -6.193  1.00 39.19  ?  18  LEU A O   1 
ATOM   148  C  CB  . LEU A 1 24  ? 5.572   7.847   -3.226  1.00 19.47  ?  18  LEU A CB  1 
ATOM   149  C  CG  . LEU A 1 24  ? 6.558   6.732   -2.899  1.00 23.93  ?  18  LEU A CG  1 
ATOM   150  C  CD1 . LEU A 1 24  ? 7.945   7.328   -2.705  1.00 41.21  ?  18  LEU A CD1 1 
ATOM   151  C  CD2 . LEU A 1 24  ? 6.122   5.955   -1.668  1.00 30.46  ?  18  LEU A CD2 1 
ATOM   152  N  N   . GLN A 1 25  ? 4.750   7.255   -6.237  1.00 43.47  ?  19  GLN A N   1 
ATOM   153  C  CA  . GLN A 1 25  ? 4.715   6.401   -7.422  1.00 36.61  ?  19  GLN A CA  1 
ATOM   154  C  C   . GLN A 1 25  ? 5.281   7.119   -8.655  1.00 36.98  ?  19  GLN A C   1 
ATOM   155  O  O   . GLN A 1 25  ? 6.028   6.528   -9.471  1.00 48.53  ?  19  GLN A O   1 
ATOM   156  C  CB  . GLN A 1 25  ? 3.305   5.876   -7.717  1.00 28.17  ?  19  GLN A CB  1 
ATOM   157  C  CG  . GLN A 1 25  ? 2.780   4.879   -6.692  1.00 37.34  ?  19  GLN A CG  1 
ATOM   158  C  CD  . GLN A 1 25  ? 3.602   3.611   -6.618  1.00 39.21  ?  19  GLN A CD  1 
ATOM   159  O  OE1 . GLN A 1 25  ? 4.124   3.258   -5.558  1.00 47.98  ?  19  GLN A OE1 1 
ATOM   160  N  NE2 . GLN A 1 25  ? 3.726   2.919   -7.743  1.00 57.88  ?  19  GLN A NE2 1 
ATOM   161  N  N   . ALA A 1 26  ? 4.967   8.408   -8.766  1.00 44.14  ?  20  ALA A N   1 
ATOM   162  C  CA  . ALA A 1 26  ? 5.464   9.251   -9.852  1.00 47.63  ?  20  ALA A CA  1 
ATOM   163  C  C   . ALA A 1 26  ? 6.978   9.298   -9.743  1.00 53.55  ?  20  ALA A C   1 
ATOM   164  O  O   . ALA A 1 26  ? 7.710   9.171   -10.746 1.00 57.67  ?  20  ALA A O   1 
ATOM   165  C  CB  . ALA A 1 26  ? 4.893   10.655  -9.754  1.00 54.89  ?  20  ALA A CB  1 
ATOM   166  N  N   . TYR A 1 27  ? 7.447   9.448   -8.508  1.00 48.95  ?  21  TYR A N   1 
ATOM   167  C  CA  . TYR A 1 27  ? 8.879   9.434   -8.245  1.00 35.38  ?  21  TYR A CA  1 
ATOM   168  C  C   . TYR A 1 27  ? 9.566   8.144   -8.686  1.00 45.00  ?  21  TYR A C   1 
ATOM   169  O  O   . TYR A 1 27  ? 10.622  8.179   -9.339  1.00 51.12  ?  21  TYR A O   1 
ATOM   170  C  CB  . TYR A 1 27  ? 9.128   9.704   -6.761  1.00 31.38  ?  21  TYR A CB  1 
ATOM   171  C  CG  . TYR A 1 27  ? 10.554  9.502   -6.333  1.00 51.60  ?  21  TYR A CG  1 
ATOM   172  C  CD1 . TYR A 1 27  ? 11.553  10.406  -6.668  1.00 50.71  ?  21  TYR A CD1 1 
ATOM   173  C  CD2 . TYR A 1 27  ? 10.907  8.377   -5.599  1.00 50.81  ?  21  TYR A CD2 1 
ATOM   174  C  CE1 . TYR A 1 27  ? 12.861  10.190  -6.273  1.00 53.14  ?  21  TYR A CE1 1 
ATOM   175  C  CE2 . TYR A 1 27  ? 12.202  8.155   -5.200  1.00 57.34  ?  21  TYR A CE2 1 
ATOM   176  C  CZ  . TYR A 1 27  ? 13.179  9.062   -5.540  1.00 76.46  ?  21  TYR A CZ  1 
ATOM   177  O  OH  . TYR A 1 27  ? 14.474  8.837   -5.130  1.00 107.68 ?  21  TYR A OH  1 
ATOM   178  N  N   . PHE A 1 28  ? 8.953   7.013   -8.353  1.00 47.35  ?  22  PHE A N   1 
ATOM   179  C  CA  . PHE A 1 28  ? 9.490   5.727   -8.784  1.00 45.83  ?  22  PHE A CA  1 
ATOM   180  C  C   . PHE A 1 28  ? 9.584   5.639   -10.313 1.00 46.40  ?  22  PHE A C   1 
ATOM   181  O  O   . PHE A 1 28  ? 10.613  5.213   -10.866 1.00 50.71  ?  22  PHE A O   1 
ATOM   182  C  CB  . PHE A 1 28  ? 8.620   4.584   -8.265  1.00 37.88  ?  22  PHE A CB  1 
ATOM   183  C  CG  . PHE A 1 28  ? 8.626   4.461   -6.766  1.00 38.97  ?  22  PHE A CG  1 
ATOM   184  C  CD1 . PHE A 1 28  ? 9.683   4.968   -6.028  1.00 33.61  ?  22  PHE A CD1 1 
ATOM   185  C  CD2 . PHE A 1 28  ? 7.591   3.828   -6.097  1.00 45.56  ?  22  PHE A CD2 1 
ATOM   186  C  CE1 . PHE A 1 28  ? 9.701   4.862   -4.654  1.00 57.56  ?  22  PHE A CE1 1 
ATOM   187  C  CE2 . PHE A 1 28  ? 7.607   3.714   -4.717  1.00 38.10  ?  22  PHE A CE2 1 
ATOM   188  C  CZ  . PHE A 1 28  ? 8.667   4.226   -3.998  1.00 44.06  ?  22  PHE A CZ  1 
ATOM   189  N  N   . SER A 1 29  ? 8.523   6.074   -10.991 1.00 50.83  ?  23  SER A N   1 
ATOM   190  C  CA  A SER A 1 29  ? 8.489   6.071   -12.455 0.50 56.29  ?  23  SER A CA  1 
ATOM   191  C  CA  B SER A 1 29  ? 8.513   6.047   -12.450 0.50 56.76  ?  23  SER A CA  1 
ATOM   192  C  C   . SER A 1 29  ? 9.627   6.900   -13.058 1.00 56.82  ?  23  SER A C   1 
ATOM   193  O  O   . SER A 1 29  ? 10.342  6.451   -13.986 1.00 67.49  ?  23  SER A O   1 
ATOM   194  C  CB  A SER A 1 29  ? 7.138   6.590   -12.955 0.50 56.55  ?  23  SER A CB  1 
ATOM   195  C  CB  B SER A 1 29  ? 7.154   6.490   -12.999 0.50 56.52  ?  23  SER A CB  1 
ATOM   196  O  OG  A SER A 1 29  ? 6.067   5.838   -12.411 0.50 51.08  ?  23  SER A OG  1 
ATOM   197  O  OG  B SER A 1 29  ? 6.124   5.608   -12.588 0.50 51.43  ?  23  SER A OG  1 
ATOM   198  N  N   . LEU A 1 30  ? 9.813   8.107   -12.525 1.00 58.88  ?  24  LEU A N   1 
ATOM   199  C  CA  . LEU A 1 30  ? 10.877  8.966   -13.040 1.00 57.21  ?  24  LEU A CA  1 
ATOM   200  C  C   . LEU A 1 30  ? 12.261  8.389   -12.771 1.00 62.74  ?  24  LEU A C   1 
ATOM   201  O  O   . LEU A 1 30  ? 13.172  8.496   -13.615 1.00 73.37  ?  24  LEU A O   1 
ATOM   202  C  CB  . LEU A 1 30  ? 10.777  10.376  -12.447 1.00 57.41  ?  24  LEU A CB  1 
ATOM   203  C  CG  . LEU A 1 30  ? 9.533   11.199  -12.783 1.00 64.91  ?  24  LEU A CG  1 
ATOM   204  C  CD1 . LEU A 1 30  ? 9.480   12.454  -11.927 1.00 49.78  ?  24  LEU A CD1 1 
ATOM   205  C  CD2 . LEU A 1 30  ? 9.522   11.557  -14.260 1.00 70.90  ?  24  LEU A CD2 1 
ATOM   206  N  N   . GLN A 1 31  ? 12.422  7.735   -11.625 1.00 52.40  ?  25  GLN A N   1 
ATOM   207  C  CA  . GLN A 1 31  ? 13.685  7.062   -11.347 1.00 49.68  ?  25  GLN A CA  1 
ATOM   208  C  C   . GLN A 1 31  ? 13.960  5.914   -12.324 1.00 56.60  ?  25  GLN A C   1 
ATOM   209  O  O   . GLN A 1 31  ? 15.106  5.700   -12.734 1.00 63.15  ?  25  GLN A O   1 
ATOM   210  C  CB  . GLN A 1 31  ? 13.741  6.566   -9.903  1.00 52.52  ?  25  GLN A CB  1 
ATOM   211  C  CG  . GLN A 1 31  ? 13.792  7.677   -8.860  1.00 58.77  ?  25  GLN A CG  1 
ATOM   212  C  CD  . GLN A 1 31  ? 15.112  8.432   -8.848  1.00 64.02  ?  25  GLN A CD  1 
ATOM   213  O  OE1 . GLN A 1 31  ? 15.502  9.047   -9.844  1.00 75.67  ?  25  GLN A OE1 1 
ATOM   214  N  NE2 . GLN A 1 31  ? 15.803  8.391   -7.719  1.00 76.04  ?  25  GLN A NE2 1 
ATOM   215  N  N   . VAL A 1 32  ? 12.912  5.190   -12.708 1.00 52.06  ?  26  VAL A N   1 
ATOM   216  C  CA  . VAL A 1 32  ? 13.070  4.144   -13.717 1.00 52.96  ?  26  VAL A CA  1 
ATOM   217  C  C   . VAL A 1 32  ? 13.477  4.723   -15.065 1.00 56.30  ?  26  VAL A C   1 
ATOM   218  O  O   . VAL A 1 32  ? 14.345  4.173   -15.737 1.00 88.30  ?  26  VAL A O   1 
ATOM   219  C  CB  . VAL A 1 32  ? 11.815  3.298   -13.876 1.00 53.48  ?  26  VAL A CB  1 
ATOM   220  C  CG1 . VAL A 1 32  ? 11.971  2.324   -15.035 1.00 64.52  ?  26  VAL A CG1 1 
ATOM   221  C  CG2 . VAL A 1 32  ? 11.609  2.542   -12.626 1.00 56.13  ?  26  VAL A CG2 1 
ATOM   222  N  N   . ILE A 1 33  ? 12.855  5.832   -15.457 1.00 48.03  ?  27  ILE A N   1 
ATOM   223  C  CA  . ILE A 1 33  ? 13.219  6.479   -16.728 1.00 66.83  ?  27  ILE A CA  1 
ATOM   224  C  C   . ILE A 1 33  ? 14.685  6.918   -16.706 1.00 77.68  ?  27  ILE A C   1 
ATOM   225  O  O   . ILE A 1 33  ? 15.442  6.751   -17.692 1.00 97.66  ?  27  ILE A O   1 
ATOM   226  C  CB  . ILE A 1 33  ? 12.335  7.687   -17.017 1.00 63.97  ?  27  ILE A CB  1 
ATOM   227  C  CG1 . ILE A 1 33  ? 10.908  7.241   -17.317 1.00 78.19  ?  27  ILE A CG1 1 
ATOM   228  C  CG2 . ILE A 1 33  ? 12.864  8.468   -18.203 1.00 57.69  ?  27  ILE A CG2 1 
ATOM   229  C  CD1 . ILE A 1 33  ? 9.980   8.382   -17.328 1.00 90.53  ?  27  ILE A CD1 1 
ATOM   230  N  N   . SER A 1 34  ? 15.104  7.411   -15.546 1.00 67.71  ?  28  SER A N   1 
ATOM   231  C  CA  . SER A 1 34  ? 16.491  7.805   -15.365 1.00 69.53  ?  28  SER A CA  1 
ATOM   232  C  C   . SER A 1 34  ? 17.397  6.585   -15.496 1.00 76.16  ?  28  SER A C   1 
ATOM   233  O  O   . SER A 1 34  ? 18.482  6.683   -16.081 1.00 83.12  ?  28  SER A O   1 
ATOM   234  C  CB  . SER A 1 34  ? 16.690  8.549   -14.041 1.00 70.61  ?  28  SER A CB  1 
ATOM   235  O  OG  . SER A 1 34  ? 18.045  8.520   -13.637 1.00 73.01  ?  28  SER A OG  1 
ATOM   236  N  N   . ALA A 1 35  ? 16.973  5.441   -14.969 1.00 80.22  ?  29  ALA A N   1 
ATOM   237  C  CA  . ALA A 1 35  ? 17.763  4.240   -15.209 1.00 74.77  ?  29  ALA A CA  1 
ATOM   238  C  C   . ALA A 1 35  ? 17.779  3.841   -16.699 1.00 75.55  ?  29  ALA A C   1 
ATOM   239  O  O   . ALA A 1 35  ? 18.784  3.317   -17.182 1.00 86.03  ?  29  ALA A O   1 
ATOM   240  C  CB  . ALA A 1 35  ? 17.297  3.081   -14.337 1.00 76.31  ?  29  ALA A CB  1 
ATOM   241  N  N   . ARG A 1 36  ? 16.680  4.075   -17.424 1.00 74.36  ?  30  ARG A N   1 
ATOM   242  C  CA  . ARG A 1 36  ? 16.654  3.851   -18.877 1.00 77.54  ?  30  ARG A CA  1 
ATOM   243  C  C   . ARG A 1 36  ? 17.678  4.682   -19.627 1.00 92.08  ?  30  ARG A C   1 
ATOM   244  O  O   . ARG A 1 36  ? 18.289  4.207   -20.586 1.00 103.68 ?  30  ARG A O   1 
ATOM   245  C  CB  . ARG A 1 36  ? 15.282  4.161   -19.482 1.00 67.04  ?  30  ARG A CB  1 
ATOM   246  C  CG  . ARG A 1 36  ? 14.356  2.969   -19.577 1.00 65.08  ?  30  ARG A CG  1 
ATOM   247  C  CD  . ARG A 1 36  ? 13.036  3.344   -20.229 1.00 65.72  ?  30  ARG A CD  1 
ATOM   248  N  NE  . ARG A 1 36  ? 12.032  2.295   -20.087 1.00 87.06  ?  30  ARG A NE  1 
ATOM   249  C  CZ  . ARG A 1 36  ? 12.086  1.125   -20.721 1.00 78.65  ?  30  ARG A CZ  1 
ATOM   250  N  NH1 . ARG A 1 36  ? 13.087  0.858   -21.555 1.00 82.20  ?  30  ARG A NH1 1 
ATOM   251  N  NH2 . ARG A 1 36  ? 11.135  0.222   -20.533 1.00 90.29  ?  30  ARG A NH2 1 
ATOM   252  N  N   . ARG A 1 37  ? 17.874  5.919   -19.191 1.00 93.26  ?  31  ARG A N   1 
ATOM   253  C  CA  . ARG A 1 37  ? 18.945  6.726   -19.779 1.00 84.54  ?  31  ARG A CA  1 
ATOM   254  C  C   . ARG A 1 37  ? 20.345  6.301   -19.336 1.00 91.21  ?  31  ARG A C   1 
ATOM   255  O  O   . ARG A 1 37  ? 21.186  6.022   -20.189 1.00 103.79 ?  31  ARG A O   1 
ATOM   256  C  CB  . ARG A 1 37  ? 18.710  8.213   -19.510 1.00 79.87  ?  31  ARG A CB  1 
ATOM   257  C  CG  . ARG A 1 37  ? 17.339  8.663   -19.992 1.00 114.99 ?  31  ARG A CG  1 
ATOM   258  C  CD  . ARG A 1 37  ? 16.855  9.969   -19.399 1.00 122.83 ?  31  ARG A CD  1 
ATOM   259  N  NE  . ARG A 1 37  ? 15.547  10.306  -19.958 1.00 134.95 ?  31  ARG A NE  1 
ATOM   260  C  CZ  . ARG A 1 37  ? 14.693  11.171  -19.423 1.00 148.66 ?  31  ARG A CZ  1 
ATOM   261  N  NH1 . ARG A 1 37  ? 15.003  11.809  -18.303 1.00 155.30 ?  31  ARG A NH1 1 
ATOM   262  N  NH2 . ARG A 1 37  ? 13.530  11.405  -20.017 1.00 140.87 ?  31  ARG A NH2 1 
ATOM   263  N  N   . ALA A 1 38  ? 20.610  6.276   -18.035 1.00 86.70  ?  32  ALA A N   1 
ATOM   264  C  CA  . ALA A 1 38  ? 21.914  5.833   -17.530 1.00 83.43  ?  32  ALA A CA  1 
ATOM   265  C  C   . ALA A 1 38  ? 22.460  4.548   -18.176 1.00 86.61  ?  32  ALA A C   1 
ATOM   266  O  O   . ALA A 1 38  ? 23.624  4.497   -18.574 1.00 119.19 ?  32  ALA A O   1 
ATOM   267  C  CB  . ALA A 1 38  ? 21.868  5.674   -16.011 1.00 74.55  ?  32  ALA A CB  1 
ATOM   268  N  N   . PHE A 1 39  ? 21.630  3.517   -18.271 1.00 75.06  ?  33  PHE A N   1 
ATOM   269  C  CA  . PHE A 1 39  ? 22.070  2.201   -18.736 1.00 73.59  ?  33  PHE A CA  1 
ATOM   270  C  C   . PHE A 1 39  ? 21.646  1.860   -20.169 1.00 90.77  ?  33  PHE A C   1 
ATOM   271  O  O   . PHE A 1 39  ? 21.672  0.694   -20.568 1.00 91.54  ?  33  PHE A O   1 
ATOM   272  C  CB  . PHE A 1 39  ? 21.620  1.119   -17.760 1.00 51.04  ?  33  PHE A CB  1 
ATOM   273  C  CG  . PHE A 1 39  ? 21.991  1.414   -16.343 1.00 60.24  ?  33  PHE A CG  1 
ATOM   274  C  CD1 . PHE A 1 39  ? 23.312  1.370   -15.936 1.00 71.29  ?  33  PHE A CD1 1 
ATOM   275  C  CD2 . PHE A 1 39  ? 21.018  1.750   -15.416 1.00 76.81  ?  33  PHE A CD2 1 
ATOM   276  C  CE1 . PHE A 1 39  ? 23.656  1.656   -14.633 1.00 83.14  ?  33  PHE A CE1 1 
ATOM   277  C  CE2 . PHE A 1 39  ? 21.355  2.032   -14.109 1.00 88.80  ?  33  PHE A CE2 1 
ATOM   278  C  CZ  . PHE A 1 39  ? 22.677  1.988   -13.715 1.00 89.29  ?  33  PHE A CZ  1 
ATOM   279  N  N   . ARG A 1 40  ? 21.282  2.890   -20.929 1.00 89.74  ?  34  ARG A N   1 
ATOM   280  C  CA  . ARG A 1 40  ? 20.967  2.778   -22.355 1.00 81.31  ?  34  ARG A CA  1 
ATOM   281  C  C   . ARG A 1 40  ? 19.980  1.665   -22.663 1.00 94.83  ?  34  ARG A C   1 
ATOM   282  O  O   . ARG A 1 40  ? 20.316  0.684   -23.328 1.00 104.09 ?  34  ARG A O   1 
ATOM   283  C  CB  . ARG A 1 40  ? 22.237  2.537   -23.184 1.00 97.32  ?  34  ARG A CB  1 
ATOM   284  C  CG  . ARG A 1 40  ? 23.504  3.233   -22.736 1.00 121.77 ?  34  ARG A CG  1 
ATOM   285  C  CD  . ARG A 1 40  ? 23.608  4.560   -23.470 1.00 123.08 ?  34  ARG A CD  1 
ATOM   286  N  NE  . ARG A 1 40  ? 24.895  5.223   -23.300 1.00 141.72 ?  34  ARG A NE  1 
ATOM   287  C  CZ  . ARG A 1 40  ? 25.116  6.217   -22.449 1.00 149.35 ?  34  ARG A CZ  1 
ATOM   288  N  NH1 . ARG A 1 40  ? 24.135  6.663   -21.679 1.00 147.64 ?  34  ARG A NH1 1 
ATOM   289  N  NH2 . ARG A 1 40  ? 26.318  6.765   -22.364 1.00 132.34 ?  34  ARG A NH2 1 
ATOM   290  N  N   . VAL A 1 41  ? 18.759  1.821   -22.167 1.00 88.42  ?  35  VAL A N   1 
ATOM   291  C  CA  . VAL A 1 41  ? 17.674  0.930   -22.538 1.00 81.42  ?  35  VAL A CA  1 
ATOM   292  C  C   . VAL A 1 41  ? 16.545  1.760   -23.148 1.00 82.71  ?  35  VAL A C   1 
ATOM   293  O  O   . VAL A 1 41  ? 15.982  2.624   -22.475 1.00 88.09  ?  35  VAL A O   1 
ATOM   294  C  CB  . VAL A 1 41  ? 17.151  0.111   -21.338 1.00 65.58  ?  35  VAL A CB  1 
ATOM   295  C  CG1 . VAL A 1 41  ? 16.048  -0.841  -21.778 1.00 55.42  ?  35  VAL A CG1 1 
ATOM   296  C  CG2 . VAL A 1 41  ? 18.294  -0.656  -20.678 1.00 70.01  ?  35  VAL A CG2 1 
ATOM   297  N  N   . SER A 1 42  ? 16.213  1.506   -24.410 1.00 88.84  ?  36  SER A N   1 
ATOM   298  C  CA  . SER A 1 42  ? 15.214  2.320   -25.103 1.00 94.65  ?  36  SER A CA  1 
ATOM   299  C  C   . SER A 1 42  ? 13.906  1.552   -25.119 1.00 91.38  ?  36  SER A C   1 
ATOM   300  O  O   . SER A 1 42  ? 13.943  0.354   -25.343 1.00 86.61  ?  36  SER A O   1 
ATOM   301  C  CB  . SER A 1 42  ? 15.662  2.716   -26.506 1.00 103.72 ?  36  SER A CB  1 
ATOM   302  O  OG  . SER A 1 42  ? 16.002  1.567   -27.266 1.00 130.44 ?  36  SER A OG  1 
ATOM   303  N  N   . PRO A 1 43  ? 12.759  2.232   -24.917 1.00 94.30  ?  37  PRO A N   1 
ATOM   304  C  CA  . PRO A 1 43  ? 11.433  1.603   -25.062 1.00 72.78  ?  37  PRO A CA  1 
ATOM   305  C  C   . PRO A 1 43  ? 11.106  1.022   -26.452 1.00 79.15  ?  37  PRO A C   1 
ATOM   306  O  O   . PRO A 1 43  ? 11.490  1.625   -27.452 1.00 96.63  ?  37  PRO A O   1 
ATOM   307  C  CB  . PRO A 1 43  ? 10.480  2.767   -24.768 1.00 85.45  ?  37  PRO A CB  1 
ATOM   308  C  CG  . PRO A 1 43  ? 11.270  3.705   -23.926 1.00 92.82  ?  37  PRO A CG  1 
ATOM   309  C  CD  . PRO A 1 43  ? 12.660  3.630   -24.469 1.00 99.98  ?  37  PRO A CD  1 
ATOM   310  N  N   . PRO A 1 44  ? 10.408  -0.141  -26.515 1.00 87.60  ?  38  PRO A N   1 
ATOM   311  C  CA  . PRO A 1 44  ? 9.871   -0.999  -25.441 1.00 82.04  ?  38  PRO A CA  1 
ATOM   312  C  C   . PRO A 1 44  ? 11.083  -1.750  -24.890 1.00 78.17  ?  38  PRO A C   1 
ATOM   313  O  O   . PRO A 1 44  ? 12.111  -1.135  -24.991 1.00 73.96  ?  38  PRO A O   1 
ATOM   314  C  CB  . PRO A 1 44  ? 8.937   -1.942  -26.196 1.00 66.63  ?  38  PRO A CB  1 
ATOM   315  C  CG  . PRO A 1 44  ? 9.522   -2.046  -27.554 1.00 68.29  ?  38  PRO A CG  1 
ATOM   316  C  CD  . PRO A 1 44  ? 10.175  -0.726  -27.848 1.00 85.05  ?  38  PRO A CD  1 
ATOM   317  N  N   . LEU A 1 45  ? 11.006  -2.923  -24.256 1.00 82.35  ?  39  LEU A N   1 
ATOM   318  C  CA  . LEU A 1 45  ? 12.234  -3.696  -23.948 1.00 95.80  ?  39  LEU A CA  1 
ATOM   319  C  C   . LEU A 1 45  ? 12.673  -3.235  -22.563 1.00 80.11  ?  39  LEU A C   1 
ATOM   320  O  O   . LEU A 1 45  ? 12.826  -2.036  -22.336 1.00 77.11  ?  39  LEU A O   1 
ATOM   321  C  CB  . LEU A 1 45  ? 13.363  -3.442  -24.961 1.00 112.59 ?  39  LEU A CB  1 
ATOM   322  C  CG  . LEU A 1 45  ? 14.359  -4.509  -25.402 1.00 107.11 ?  39  LEU A CG  1 
ATOM   323  C  CD1 . LEU A 1 45  ? 13.688  -5.520  -26.311 1.00 107.83 ?  39  LEU A CD1 1 
ATOM   324  C  CD2 . LEU A 1 45  ? 15.520  -3.839  -26.120 1.00 100.95 ?  39  LEU A CD2 1 
ATOM   325  N  N   . THR A 1 46  ? 12.867  -4.163  -21.636 1.00 85.50  ?  40  THR A N   1 
ATOM   326  C  CA  . THR A 1 46  ? 12.985  -3.827  -20.222 1.00 85.83  ?  40  THR A CA  1 
ATOM   327  C  C   . THR A 1 46  ? 14.172  -4.607  -19.668 1.00 76.61  ?  40  THR A C   1 
ATOM   328  O  O   . THR A 1 46  ? 14.303  -4.801  -18.459 1.00 69.43  ?  40  THR A O   1 
ATOM   329  C  CB  . THR A 1 46  ? 11.695  -4.232  -19.492 1.00 85.05  ?  40  THR A CB  1 
ATOM   330  O  OG1 . THR A 1 46  ? 11.379  -5.597  -19.796 1.00 85.29  ?  40  THR A OG1 1 
ATOM   331  C  CG2 . THR A 1 46  ? 10.534  -3.342  -19.920 1.00 72.34  ?  40  THR A CG2 1 
ATOM   332  N  N   . THR A 1 47  ? 15.037  -5.042  -20.581 1.00 79.48  ?  41  THR A N   1 
ATOM   333  C  CA  . THR A 1 47  ? 16.283  -5.725  -20.245 1.00 79.42  ?  41  THR A CA  1 
ATOM   334  C  C   . THR A 1 47  ? 17.513  -4.850  -20.502 1.00 79.28  ?  41  THR A C   1 
ATOM   335  O  O   . THR A 1 47  ? 17.548  -4.061  -21.447 1.00 83.42  ?  41  THR A O   1 
ATOM   336  C  CB  . THR A 1 47  ? 16.446  -7.007  -21.069 1.00 81.79  ?  41  THR A CB  1 
ATOM   337  O  OG1 . THR A 1 47  ? 16.165  -6.729  -22.445 1.00 82.37  ?  41  THR A OG1 1 
ATOM   338  C  CG2 . THR A 1 47  ? 15.493  -8.080  -20.569 1.00 68.34  ?  41  THR A CG2 1 
ATOM   339  N  N   . GLY A 1 48  ? 18.516  -5.006  -19.640 1.00 66.38  ?  42  GLY A N   1 
ATOM   340  C  CA  . GLY A 1 48  ? 19.768  -4.268  -19.718 1.00 70.54  ?  42  GLY A CA  1 
ATOM   341  C  C   . GLY A 1 48  ? 20.660  -4.701  -18.569 1.00 70.05  ?  42  GLY A C   1 
ATOM   342  O  O   . GLY A 1 48  ? 20.538  -5.825  -18.094 1.00 69.71  ?  42  GLY A O   1 
ATOM   343  N  N   . PRO A 1 49  ? 21.620  -3.853  -18.169 1.00 51.78  ?  43  PRO A N   1 
ATOM   344  C  CA  . PRO A 1 49  ? 22.446  -4.187  -16.999 1.00 68.10  ?  43  PRO A CA  1 
ATOM   345  C  C   . PRO A 1 49  ? 21.562  -4.531  -15.792 1.00 68.95  ?  43  PRO A C   1 
ATOM   346  O  O   . PRO A 1 49  ? 20.432  -4.050  -15.710 1.00 73.05  ?  43  PRO A O   1 
ATOM   347  C  CB  . PRO A 1 49  ? 23.233  -2.901  -16.720 1.00 79.44  ?  43  PRO A CB  1 
ATOM   348  C  CG  . PRO A 1 49  ? 23.033  -2.019  -17.889 1.00 66.53  ?  43  PRO A CG  1 
ATOM   349  C  CD  . PRO A 1 49  ? 22.027  -2.601  -18.825 1.00 51.50  ?  43  PRO A CD  1 
ATOM   350  N  N   . PRO A 1 50  ? 22.084  -5.345  -14.858 1.00 73.43  ?  44  PRO A N   1 
ATOM   351  C  CA  . PRO A 1 50  ? 21.431  -5.726  -13.596 1.00 73.11  ?  44  PRO A CA  1 
ATOM   352  C  C   . PRO A 1 50  ? 20.816  -4.561  -12.819 1.00 69.18  ?  44  PRO A C   1 
ATOM   353  O  O   . PRO A 1 50  ? 19.697  -4.699  -12.322 1.00 69.91  ?  44  PRO A O   1 
ATOM   354  C  CB  . PRO A 1 50  ? 22.586  -6.320  -12.786 1.00 77.02  ?  44  PRO A CB  1 
ATOM   355  C  CG  . PRO A 1 50  ? 23.489  -6.895  -13.815 1.00 91.50  ?  44  PRO A CG  1 
ATOM   356  C  CD  . PRO A 1 50  ? 23.412  -5.971  -14.996 1.00 90.17  ?  44  PRO A CD  1 
ATOM   357  N  N   . GLU A 1 51  ? 21.522  -3.442  -12.715 1.00 76.80  ?  45  GLU A N   1 
ATOM   358  C  CA  . GLU A 1 51  ? 21.046  -2.296  -11.940 1.00 68.41  ?  45  GLU A CA  1 
ATOM   359  C  C   . GLU A 1 51  ? 19.755  -1.689  -12.504 1.00 57.04  ?  45  GLU A C   1 
ATOM   360  O  O   . GLU A 1 51  ? 18.831  -1.332  -11.742 1.00 76.50  ?  45  GLU A O   1 
ATOM   361  C  CB  . GLU A 1 51  ? 22.144  -1.229  -11.827 1.00 90.88  ?  45  GLU A CB  1 
ATOM   362  C  CG  . GLU A 1 51  ? 23.192  -1.252  -12.936 1.00 87.08  ?  45  GLU A CG  1 
ATOM   363  C  CD  . GLU A 1 51  ? 24.251  -2.323  -12.748 1.00 101.18 ?  45  GLU A CD  1 
ATOM   364  O  OE1 . GLU A 1 51  ? 24.981  -2.265  -11.737 1.00 94.78  ?  45  GLU A OE1 1 
ATOM   365  O  OE2 . GLU A 1 51  ? 24.357  -3.214  -13.618 1.00 82.85  ?  45  GLU A OE2 1 
ATOM   366  N  N   . PHE A 1 52  ? 19.641  -1.668  -13.830 1.00 58.18  ?  46  PHE A N   1 
ATOM   367  C  CA  . PHE A 1 52  ? 18.401  -1.198  -14.434 1.00 56.67  ?  46  PHE A CA  1 
ATOM   368  C  C   . PHE A 1 52  ? 17.267  -2.151  -14.133 1.00 54.02  ?  46  PHE A C   1 
ATOM   369  O  O   . PHE A 1 52  ? 16.178  -1.709  -13.780 1.00 63.29  ?  46  PHE A O   1 
ATOM   370  C  CB  . PHE A 1 52  ? 18.533  -0.983  -15.943 1.00 50.44  ?  46  PHE A CB  1 
ATOM   371  C  CG  . PHE A 1 52  ? 17.223  -0.713  -16.628 1.00 56.97  ?  46  PHE A CG  1 
ATOM   372  C  CD1 . PHE A 1 52  ? 16.667  0.551   -16.620 1.00 61.20  ?  46  PHE A CD1 1 
ATOM   373  C  CD2 . PHE A 1 52  ? 16.550  -1.733  -17.284 1.00 56.22  ?  46  PHE A CD2 1 
ATOM   374  C  CE1 . PHE A 1 52  ? 15.462  0.795   -17.241 1.00 56.22  ?  46  PHE A CE1 1 
ATOM   375  C  CE2 . PHE A 1 52  ? 15.343  -1.494  -17.913 1.00 47.81  ?  46  PHE A CE2 1 
ATOM   376  C  CZ  . PHE A 1 52  ? 14.800  -0.226  -17.892 1.00 58.73  ?  46  PHE A CZ  1 
ATOM   377  N  N   . GLU A 1 53  ? 17.494  -3.447  -14.287 1.00 46.86  ?  47  GLU A N   1 
ATOM   378  C  CA  . GLU A 1 53  ? 16.405  -4.391  -14.096 1.00 53.57  ?  47  GLU A CA  1 
ATOM   379  C  C   . GLU A 1 53  ? 15.963  -4.376  -12.633 1.00 51.81  ?  47  GLU A C   1 
ATOM   380  O  O   . GLU A 1 53  ? 14.796  -4.600  -12.334 1.00 62.76  ?  47  GLU A O   1 
ATOM   381  C  CB  . GLU A 1 53  ? 16.717  -5.793  -14.616 1.00 71.25  ?  47  GLU A CB  1 
ATOM   382  C  CG  . GLU A 1 53  ? 16.991  -5.809  -16.112 1.00 80.47  ?  47  GLU A CG  1 
ATOM   383  C  CD  . GLU A 1 53  ? 18.114  -6.727  -16.517 1.00 109.27 ?  47  GLU A CD  1 
ATOM   384  O  OE1 . GLU A 1 53  ? 18.801  -7.269  -15.625 1.00 116.01 ?  47  GLU A OE1 1 
ATOM   385  O  OE2 . GLU A 1 53  ? 18.268  -6.951  -17.735 1.00 102.53 ?  47  GLU A OE2 1 
ATOM   386  N  N   . ARG A 1 54  ? 16.910  -4.144  -11.726 1.00 50.44  ?  48  ARG A N   1 
ATOM   387  C  CA  . ARG A 1 54  ? 16.586  -4.037  -10.301 1.00 53.90  ?  48  ARG A CA  1 
ATOM   388  C  C   . ARG A 1 54  ? 15.745  -2.790  -9.986  1.00 51.88  ?  48  ARG A C   1 
ATOM   389  O  O   . ARG A 1 54  ? 14.770  -2.862  -9.224  1.00 53.18  ?  48  ARG A O   1 
ATOM   390  C  CB  . ARG A 1 54  ? 17.848  -4.060  -9.439  1.00 49.47  ?  48  ARG A CB  1 
ATOM   391  C  CG  . ARG A 1 54  ? 18.541  -5.406  -9.344  1.00 68.06  ?  48  ARG A CG  1 
ATOM   392  C  CD  . ARG A 1 54  ? 19.585  -5.392  -8.242  1.00 56.63  ?  48  ARG A CD  1 
ATOM   393  N  NE  . ARG A 1 54  ? 20.418  -4.191  -8.291  1.00 62.10  ?  48  ARG A NE  1 
ATOM   394  C  CZ  . ARG A 1 54  ? 21.574  -4.101  -8.942  1.00 62.85  ?  48  ARG A CZ  1 
ATOM   395  N  NH1 . ARG A 1 54  ? 22.041  -5.144  -9.615  1.00 70.53  ?  48  ARG A NH1 1 
ATOM   396  N  NH2 . ARG A 1 54  ? 22.258  -2.966  -8.922  1.00 57.94  ?  48  ARG A NH2 1 
ATOM   397  N  N   . VAL A 1 55  ? 16.096  -1.663  -10.610 1.00 44.39  ?  49  VAL A N   1 
ATOM   398  C  CA  . VAL A 1 55  ? 15.373  -0.406  -10.363 1.00 49.02  ?  49  VAL A CA  1 
ATOM   399  C  C   . VAL A 1 55  ? 13.948  -0.514  -10.911 1.00 50.07  ?  49  VAL A C   1 
ATOM   400  O  O   . VAL A 1 55  ? 12.923  -0.212  -10.242 1.00 59.34  ?  49  VAL A O   1 
ATOM   401  C  CB  . VAL A 1 55  ? 16.088  0.793   -11.029 1.00 58.22  ?  49  VAL A CB  1 
ATOM   402  C  CG1 . VAL A 1 55  ? 15.184  2.017   -11.033 1.00 40.87  ?  49  VAL A CG1 1 
ATOM   403  C  CG2 . VAL A 1 55  ? 17.399  1.100   -10.330 1.00 79.59  ?  49  VAL A CG2 1 
ATOM   404  N  N   . TYR A 1 56  ? 13.917  -1.044  -12.125 1.00 39.90  ?  50  TYR A N   1 
ATOM   405  C  CA  . TYR A 1 56  ? 12.713  -1.337  -12.875 1.00 41.30  ?  50  TYR A CA  1 
ATOM   406  C  C   . TYR A 1 56  ? 11.794  -2.249  -12.087 1.00 39.51  ?  50  TYR A C   1 
ATOM   407  O  O   . TYR A 1 56  ? 10.592  -2.008  -12.008 1.00 37.58  ?  50  TYR A O   1 
ATOM   408  C  CB  . TYR A 1 56  ? 13.039  -1.922  -14.251 1.00 39.67  ?  50  TYR A CB  1 
ATOM   409  C  CG  . TYR A 1 56  ? 11.836  -2.370  -15.033 1.00 39.16  ?  50  TYR A CG  1 
ATOM   410  C  CD1 . TYR A 1 56  ? 10.986  -1.447  -15.622 1.00 47.43  ?  50  TYR A CD1 1 
ATOM   411  C  CD2 . TYR A 1 56  ? 11.548  -3.717  -15.184 1.00 44.53  ?  50  TYR A CD2 1 
ATOM   412  C  CE1 . TYR A 1 56  ? 9.882   -1.857  -16.330 1.00 57.29  ?  50  TYR A CE1 1 
ATOM   413  C  CE2 . TYR A 1 56  ? 10.447  -4.136  -15.898 1.00 65.66  ?  50  TYR A CE2 1 
ATOM   414  C  CZ  . TYR A 1 56  ? 9.613   -3.198  -16.469 1.00 67.15  ?  50  TYR A CZ  1 
ATOM   415  O  OH  . TYR A 1 56  ? 8.515   -3.600  -17.192 1.00 65.25  ?  50  TYR A OH  1 
ATOM   416  N  N   . ARG A 1 57  ? 12.369  -3.285  -11.493 1.00 34.23  ?  51  ARG A N   1 
ATOM   417  C  CA  . ARG A 1 57  ? 11.587  -4.277  -10.783 1.00 36.15  ?  51  ARG A CA  1 
ATOM   418  C  C   . ARG A 1 57  ? 11.067  -3.666  -9.483  1.00 40.21  ?  51  ARG A C   1 
ATOM   419  O  O   . ARG A 1 57  ? 9.958   -3.982  -9.056  1.00 40.83  ?  51  ARG A O   1 
ATOM   420  C  CB  . ARG A 1 57  ? 12.391  -5.552  -10.507 1.00 42.33  ?  51  ARG A CB  1 
ATOM   421  C  CG  . ARG A 1 57  ? 11.667  -6.611  -9.689  1.00 58.36  ?  51  ARG A CG  1 
ATOM   422  C  CD  . ARG A 1 57  ? 10.589  -7.337  -10.476 1.00 71.39  ?  51  ARG A CD  1 
ATOM   423  N  NE  . ARG A 1 57  ? 10.901  -7.469  -11.896 1.00 80.46  ?  51  ARG A NE  1 
ATOM   424  C  CZ  . ARG A 1 57  ? 9.987   -7.430  -12.861 1.00 73.72  ?  51  ARG A CZ  1 
ATOM   425  N  NH1 . ARG A 1 57  ? 8.709   -7.265  -12.551 1.00 67.12  ?  51  ARG A NH1 1 
ATOM   426  N  NH2 . ARG A 1 57  ? 10.350  -7.544  -14.132 1.00 74.86  ?  51  ARG A NH2 1 
ATOM   427  N  N   . ALA A 1 58  ? 11.858  -2.794  -8.856  1.00 42.32  ?  52  ALA A N   1 
ATOM   428  C  CA  . ALA A 1 58  ? 11.387  -2.137  -7.633  1.00 58.82  ?  52  ALA A CA  1 
ATOM   429  C  C   . ALA A 1 58  ? 10.147  -1.304  -7.921  1.00 47.73  ?  52  ALA A C   1 
ATOM   430  O  O   . ALA A 1 58  ? 9.133   -1.354  -7.190  1.00 51.99  ?  52  ALA A O   1 
ATOM   431  C  CB  . ALA A 1 58  ? 12.479  -1.276  -7.019  1.00 50.75  ?  52  ALA A CB  1 
ATOM   432  N  N   . GLN A 1 59  ? 10.206  -0.600  -9.047  1.00 45.19  ?  53  GLN A N   1 
ATOM   433  C  CA  . GLN A 1 59  ? 9.085   0.238   -9.462  1.00 45.32  ?  53  GLN A CA  1 
ATOM   434  C  C   . GLN A 1 59  ? 7.861   -0.586  -9.825  1.00 42.21  ?  53  GLN A C   1 
ATOM   435  O  O   . GLN A 1 59  ? 6.749   -0.283  -9.391  1.00 45.31  ?  53  GLN A O   1 
ATOM   436  C  CB  . GLN A 1 59  ? 9.484   1.149   -10.607 1.00 37.57  ?  53  GLN A CB  1 
ATOM   437  C  CG  . GLN A 1 59  ? 8.362   2.002   -11.182 1.00 45.34  ?  53  GLN A CG  1 
ATOM   438  C  CD  . GLN A 1 59  ? 7.672   1.338   -12.357 1.00 53.14  ?  53  GLN A CD  1 
ATOM   439  O  OE1 . GLN A 1 59  ? 8.271   1.153   -13.417 1.00 53.32  ?  53  GLN A OE1 1 
ATOM   440  N  NE2 . GLN A 1 59  ? 6.405   0.989   -12.181 1.00 58.88  ?  53  GLN A NE2 1 
ATOM   441  N  N   . VAL A 1 60  ? 8.071   -1.617  -10.634 1.00 41.03  ?  54  VAL A N   1 
ATOM   442  C  CA  . VAL A 1 60  ? 7.002   -2.543  -10.992 1.00 37.73  ?  54  VAL A CA  1 
ATOM   443  C  C   . VAL A 1 60  ? 6.317   -3.129  -9.760  1.00 29.18  ?  54  VAL A C   1 
ATOM   444  O  O   . VAL A 1 60  ? 5.088   -3.179  -9.701  1.00 32.19  ?  54  VAL A O   1 
ATOM   445  C  CB  . VAL A 1 60  ? 7.496   -3.673  -11.931 1.00 35.73  ?  54  VAL A CB  1 
ATOM   446  C  CG1 . VAL A 1 60  ? 6.436   -4.752  -12.086 1.00 27.58  ?  54  VAL A CG1 1 
ATOM   447  C  CG2 . VAL A 1 60  ? 7.894   -3.106  -13.285 1.00 42.36  ?  54  VAL A CG2 1 
ATOM   448  N  N   . ASN A 1 61  ? 7.097   -3.569  -8.777  1.00 38.41  ?  55  ASN A N   1 
ATOM   449  C  CA  . ASN A 1 61  ? 6.510   -4.199  -7.599  1.00 40.81  ?  55  ASN A CA  1 
ATOM   450  C  C   . ASN A 1 61  ? 5.723   -3.182  -6.770  1.00 42.07  ?  55  ASN A C   1 
ATOM   451  O  O   . ASN A 1 61  ? 4.605   -3.474  -6.302  1.00 56.56  ?  55  ASN A O   1 
ATOM   452  C  CB  . ASN A 1 61  ? 7.583   -4.887  -6.757  1.00 49.37  ?  55  ASN A CB  1 
ATOM   453  C  CG  . ASN A 1 61  ? 8.129   -6.133  -7.425  1.00 43.82  ?  55  ASN A CG  1 
ATOM   454  O  OD1 . ASN A 1 61  ? 8.264   -6.184  -8.647  1.00 43.62  ?  55  ASN A OD1 1 
ATOM   455  N  ND2 . ASN A 1 61  ? 8.438   -7.147  -6.627  1.00 61.98  ?  55  ASN A ND2 1 
ATOM   456  N  N   . CYS A 1 62  ? 6.284   -1.979  -6.626  1.00 40.79  ?  56  CYS A N   1 
ATOM   457  C  CA  . CYS A 1 62  ? 5.570   -0.931  -5.895  1.00 54.38  ?  56  CYS A CA  1 
ATOM   458  C  C   . CYS A 1 62  ? 4.229   -0.636  -6.578  1.00 43.52  ?  56  CYS A C   1 
ATOM   459  O  O   . CYS A 1 62  ? 3.187   -0.543  -5.924  1.00 46.04  ?  56  CYS A O   1 
ATOM   460  C  CB  . CYS A 1 62  ? 6.414   0.341   -5.776  1.00 45.80  ?  56  CYS A CB  1 
ATOM   461  S  SG  . CYS A 1 62  ? 7.818   0.199   -4.650  1.00 64.42  ?  56  CYS A SG  1 
ATOM   462  N  N   . SER A 1 63  ? 4.276   -0.494  -7.898  1.00 40.36  ?  57  SER A N   1 
ATOM   463  C  CA  . SER A 1 63  ? 3.088   -0.285  -8.716  1.00 37.25  ?  57  SER A CA  1 
ATOM   464  C  C   . SER A 1 63  ? 2.048   -1.392  -8.546  1.00 29.98  ?  57  SER A C   1 
ATOM   465  O  O   . SER A 1 63  ? 0.849   -1.123  -8.467  1.00 41.19  ?  57  SER A O   1 
ATOM   466  C  CB  . SER A 1 63  ? 3.458   -0.119  -10.194 1.00 31.10  ?  57  SER A CB  1 
ATOM   467  O  OG  . SER A 1 63  ? 4.073   1.132   -10.430 1.00 61.67  ?  57  SER A OG  1 
ATOM   468  N  N   . GLU A 1 64  ? 2.513   -2.636  -8.497  1.00 37.34  ?  58  GLU A N   1 
ATOM   469  C  CA  . GLU A 1 64  ? 1.625   -3.784  -8.345  1.00 32.39  ?  58  GLU A CA  1 
ATOM   470  C  C   . GLU A 1 64  ? 0.939   -3.723  -6.981  1.00 38.97  ?  58  GLU A C   1 
ATOM   471  O  O   . GLU A 1 64  ? -0.251  -4.025  -6.871  1.00 36.09  ?  58  GLU A O   1 
ATOM   472  C  CB  . GLU A 1 64  ? 2.411   -5.087  -8.513  1.00 46.65  ?  58  GLU A CB  1 
ATOM   473  C  CG  . GLU A 1 64  ? 1.794   -6.295  -7.826  1.00 69.59  ?  58  GLU A CG  1 
ATOM   474  C  CD  . GLU A 1 64  ? 2.756   -7.466  -7.735  1.00 83.57  ?  58  GLU A CD  1 
ATOM   475  O  OE1 . GLU A 1 64  ? 3.775   -7.459  -8.458  1.00 92.19  ?  58  GLU A OE1 1 
ATOM   476  O  OE2 . GLU A 1 64  ? 2.488   -8.400  -6.948  1.00 76.68  ?  58  GLU A OE2 1 
ATOM   477  N  N   . TYR A 1 65  ? 1.674   -3.332  -5.942  1.00 49.86  ?  59  TYR A N   1 
ATOM   478  C  CA  . TYR A 1 65  ? 1.082   -3.270  -4.597  1.00 37.87  ?  59  TYR A CA  1 
ATOM   479  C  C   . TYR A 1 65  ? 0.291   -2.007  -4.276  1.00 29.76  ?  59  TYR A C   1 
ATOM   480  O  O   . TYR A 1 65  ? -0.434  -1.984  -3.284  1.00 35.93  ?  59  TYR A O   1 
ATOM   481  C  CB  . TYR A 1 65  ? 2.163   -3.462  -3.537  1.00 34.85  ?  59  TYR A CB  1 
ATOM   482  C  CG  . TYR A 1 65  ? 2.353   -4.929  -3.261  1.00 50.24  ?  59  TYR A CG  1 
ATOM   483  C  CD1 . TYR A 1 65  ? 2.424   -5.391  -1.954  1.00 50.87  ?  59  TYR A CD1 1 
ATOM   484  C  CD2 . TYR A 1 65  ? 2.332   -5.865  -4.284  1.00 54.76  ?  59  TYR A CD2 1 
ATOM   485  C  CE1 . TYR A 1 65  ? 2.524   -6.727  -1.676  1.00 46.52  ?  59  TYR A CE1 1 
ATOM   486  C  CE2 . TYR A 1 65  ? 2.450   -7.213  -4.014  1.00 59.66  ?  59  TYR A CE2 1 
ATOM   487  C  CZ  . TYR A 1 65  ? 2.538   -7.636  -2.706  1.00 50.87  ?  59  TYR A CZ  1 
ATOM   488  O  OH  . TYR A 1 65  ? 2.671   -8.972  -2.429  1.00 59.82  ?  59  TYR A OH  1 
ATOM   489  N  N   . PHE A 1 66  ? 0.426   -0.958  -5.076  1.00 41.05  ?  60  PHE A N   1 
ATOM   490  C  CA  . PHE A 1 66  ? -0.174  0.329   -4.718  1.00 34.76  ?  60  PHE A CA  1 
ATOM   491  C  C   . PHE A 1 66  ? -1.720  0.308   -4.578  1.00 36.95  ?  60  PHE A C   1 
ATOM   492  O  O   . PHE A 1 66  ? -2.249  0.921   -3.651  1.00 39.56  ?  60  PHE A O   1 
ATOM   493  C  CB  . PHE A 1 66  ? 0.286   1.429   -5.683  1.00 33.16  ?  60  PHE A CB  1 
ATOM   494  C  CG  . PHE A 1 66  ? -0.215  2.799   -5.330  1.00 39.64  ?  60  PHE A CG  1 
ATOM   495  C  CD1 . PHE A 1 66  ? 0.212   3.440   -4.179  1.00 44.36  ?  60  PHE A CD1 1 
ATOM   496  C  CD2 . PHE A 1 66  ? -1.118  3.448   -6.157  1.00 26.60  ?  60  PHE A CD2 1 
ATOM   497  C  CE1 . PHE A 1 66  ? -0.250  4.702   -3.859  1.00 43.92  ?  60  PHE A CE1 1 
ATOM   498  C  CE2 . PHE A 1 66  ? -1.584  4.712   -5.843  1.00 32.52  ?  60  PHE A CE2 1 
ATOM   499  C  CZ  . PHE A 1 66  ? -1.147  5.340   -4.690  1.00 39.12  ?  60  PHE A CZ  1 
ATOM   500  N  N   . PRO A 1 67  ? -2.447  -0.389  -5.479  1.00 33.26  ?  61  PRO A N   1 
ATOM   501  C  CA  . PRO A 1 67  ? -3.904  -0.490  -5.270  1.00 23.00  ?  61  PRO A CA  1 
ATOM   502  C  C   . PRO A 1 67  ? -4.331  -1.303  -4.036  1.00 18.79  ?  61  PRO A C   1 
ATOM   503  O  O   . PRO A 1 67  ? -5.404  -1.047  -3.485  1.00 36.84  ?  61  PRO A O   1 
ATOM   504  C  CB  . PRO A 1 67  ? -4.405  -1.162  -6.555  1.00 16.66  ?  61  PRO A CB  1 
ATOM   505  C  CG  . PRO A 1 67  ? -3.313  -0.974  -7.545  1.00 18.18  ?  61  PRO A CG  1 
ATOM   506  C  CD  . PRO A 1 67  ? -2.051  -1.008  -6.754  1.00 32.65  ?  61  PRO A CD  1 
ATOM   507  N  N   . LEU A 1 68  ? -3.509  -2.262  -3.619  1.00 13.77  ?  62  LEU A N   1 
ATOM   508  C  CA  . LEU A 1 68  ? -3.805  -3.090  -2.449  1.00 22.45  ?  62  LEU A CA  1 
ATOM   509  C  C   . LEU A 1 68  ? -3.727  -2.197  -1.225  1.00 20.68  ?  62  LEU A C   1 
ATOM   510  O  O   . LEU A 1 68  ? -4.569  -2.257  -0.326  1.00 20.37  ?  62  LEU A O   1 
ATOM   511  C  CB  . LEU A 1 68  ? -2.849  -4.273  -2.292  1.00 36.45  ?  62  LEU A CB  1 
ATOM   512  C  CG  . LEU A 1 68  ? -2.892  -5.340  -3.383  1.00 28.27  ?  62  LEU A CG  1 
ATOM   513  C  CD1 . LEU A 1 68  ? -1.793  -6.375  -3.170  1.00 48.53  ?  62  LEU A CD1 1 
ATOM   514  C  CD2 . LEU A 1 68  ? -4.259  -6.007  -3.411  1.00 34.87  ?  62  LEU A CD2 1 
ATOM   515  N  N   . PHE A 1 69  ? -2.688  -1.371  -1.218  1.00 19.92  ?  63  PHE A N   1 
ATOM   516  C  CA  . PHE A 1 69  ? -2.470  -0.380  -0.183  1.00 20.69  ?  63  PHE A CA  1 
ATOM   517  C  C   . PHE A 1 69  ? -3.668  0.560   -0.088  1.00 22.28  ?  63  PHE A C   1 
ATOM   518  O  O   . PHE A 1 69  ? -4.222  0.745   0.992   1.00 23.02  ?  63  PHE A O   1 
ATOM   519  C  CB  . PHE A 1 69  ? -1.201  0.419   -0.489  1.00 23.64  ?  63  PHE A CB  1 
ATOM   520  C  CG  . PHE A 1 69  ? -1.101  1.720   0.244   1.00 22.25  ?  63  PHE A CG  1 
ATOM   521  C  CD1 . PHE A 1 69  ? -1.037  1.758   1.620   1.00 19.65  ?  63  PHE A CD1 1 
ATOM   522  C  CD2 . PHE A 1 69  ? -1.052  2.913   -0.460  1.00 22.88  ?  63  PHE A CD2 1 
ATOM   523  C  CE1 . PHE A 1 69  ? -0.939  2.960   2.284   1.00 23.96  ?  63  PHE A CE1 1 
ATOM   524  C  CE2 . PHE A 1 69  ? -0.952  4.119   0.198   1.00 27.61  ?  63  PHE A CE2 1 
ATOM   525  C  CZ  . PHE A 1 69  ? -0.893  4.144   1.573   1.00 30.04  ?  63  PHE A CZ  1 
ATOM   526  N  N   . LEU A 1 70  ? -4.065  1.148   -1.213  1.00 18.88  ?  64  LEU A N   1 
ATOM   527  C  CA  . LEU A 1 70  ? -5.215  2.050   -1.247  1.00 17.45  ?  64  LEU A CA  1 
ATOM   528  C  C   . LEU A 1 70  ? -6.510  1.410   -0.749  1.00 21.03  ?  64  LEU A C   1 
ATOM   529  O  O   . LEU A 1 70  ? -7.214  1.990   0.079   1.00 35.67  ?  64  LEU A O   1 
ATOM   530  C  CB  . LEU A 1 70  ? -5.422  2.588   -2.664  1.00 19.10  ?  64  LEU A CB  1 
ATOM   531  C  CG  . LEU A 1 70  ? -4.484  3.699   -3.138  1.00 30.99  ?  64  LEU A CG  1 
ATOM   532  C  CD1 . LEU A 1 70  ? -5.102  4.431   -4.317  1.00 26.47  ?  64  LEU A CD1 1 
ATOM   533  C  CD2 . LEU A 1 70  ? -4.189  4.664   -2.001  1.00 39.30  ?  64  LEU A CD2 1 
ATOM   534  N  N   . ALA A 1 71  ? -6.825  0.223   -1.264  1.00 12.04  ?  65  ALA A N   1 
ATOM   535  C  CA  . ALA A 1 71  ? -8.048  -0.476  -0.880  1.00 15.99  ?  65  ALA A CA  1 
ATOM   536  C  C   . ALA A 1 71  ? -8.119  -0.694  0.622   1.00 20.34  ?  65  ALA A C   1 
ATOM   537  O  O   . ALA A 1 71  ? -9.148  -0.414  1.244   1.00 32.68  ?  65  ALA A O   1 
ATOM   538  C  CB  . ALA A 1 71  ? -8.144  -1.816  -1.596  1.00 15.03  ?  65  ALA A CB  1 
ATOM   539  N  N   . THR A 1 72  ? -7.036  -1.186  1.213   1.00 13.48  ?  66  THR A N   1 
ATOM   540  C  CA  . THR A 1 72  ? -7.084  -1.573  2.614   1.00 19.45  ?  66  THR A CA  1 
ATOM   541  C  C   . THR A 1 72  ? -7.063  -0.329  3.488   1.00 15.91  ?  66  THR A C   1 
ATOM   542  O  O   . THR A 1 72  ? -7.704  -0.287  4.536   1.00 29.94  ?  66  THR A O   1 
ATOM   543  C  CB  . THR A 1 72  ? -5.970  -2.561  3.028   1.00 35.86  ?  66  THR A CB  1 
ATOM   544  O  OG1 . THR A 1 72  ? -4.690  -1.988  2.742   1.00 42.32  ?  66  THR A OG1 1 
ATOM   545  C  CG2 . THR A 1 72  ? -6.118  -3.865  2.267   1.00 35.44  ?  66  THR A CG2 1 
ATOM   546  N  N   . LEU A 1 73  ? -6.317  0.679   3.042   1.00 11.56  ?  67  LEU A N   1 
ATOM   547  C  CA  . LEU A 1 73  ? -6.244  1.961   3.728   1.00 19.46  ?  67  LEU A CA  1 
ATOM   548  C  C   . LEU A 1 73  ? -7.641  2.541   3.896   1.00 30.34  ?  67  LEU A C   1 
ATOM   549  O  O   . LEU A 1 73  ? -8.038  2.934   4.995   1.00 35.39  ?  67  LEU A O   1 
ATOM   550  C  CB  . LEU A 1 73  ? -5.394  2.935   2.916   1.00 18.08  ?  67  LEU A CB  1 
ATOM   551  C  CG  . LEU A 1 73  ? -5.365  4.409   3.315   1.00 25.19  ?  67  LEU A CG  1 
ATOM   552  C  CD1 . LEU A 1 73  ? -4.718  4.580   4.667   1.00 25.29  ?  67  LEU A CD1 1 
ATOM   553  C  CD2 . LEU A 1 73  ? -4.632  5.223   2.260   1.00 20.92  ?  67  LEU A CD2 1 
ATOM   554  N  N   . TRP A 1 74  ? -8.379  2.588   2.790   1.00 24.61  ?  68  TRP A N   1 
ATOM   555  C  CA  . TRP A 1 74  ? -9.712  3.177   2.775   1.00 18.72  ?  68  TRP A CA  1 
ATOM   556  C  C   . TRP A 1 74  ? -10.723 2.360   3.570   1.00 18.27  ?  68  TRP A C   1 
ATOM   557  O  O   . TRP A 1 74  ? -11.520 2.915   4.323   1.00 27.55  ?  68  TRP A O   1 
ATOM   558  C  CB  . TRP A 1 74  ? -10.168 3.440   1.340   1.00 21.71  ?  68  TRP A CB  1 
ATOM   559  C  CG  . TRP A 1 74  ? -9.573  4.699   0.793   1.00 20.78  ?  68  TRP A CG  1 
ATOM   560  C  CD1 . TRP A 1 74  ? -8.376  4.837   0.152   1.00 32.62  ?  68  TRP A CD1 1 
ATOM   561  C  CD2 . TRP A 1 74  ? -10.135 6.012   0.878   1.00 16.56  ?  68  TRP A CD2 1 
ATOM   562  N  NE1 . TRP A 1 74  ? -8.167  6.154   -0.185  1.00 25.39  ?  68  TRP A NE1 1 
ATOM   563  C  CE2 . TRP A 1 74  ? -9.233  6.895   0.252   1.00 22.49  ?  68  TRP A CE2 1 
ATOM   564  C  CE3 . TRP A 1 74  ? -11.320 6.526   1.417   1.00 13.04  ?  68  TRP A CE3 1 
ATOM   565  C  CZ2 . TRP A 1 74  ? -9.478  8.261   0.150   1.00 23.41  ?  68  TRP A CZ2 1 
ATOM   566  C  CZ3 . TRP A 1 74  ? -11.561 7.879   1.317   1.00 25.93  ?  68  TRP A CZ3 1 
ATOM   567  C  CH2 . TRP A 1 74  ? -10.646 8.732   0.688   1.00 24.82  ?  68  TRP A CH2 1 
ATOM   568  N  N   . VAL A 1 75  ? -10.696 1.044   3.393   1.00 18.81  ?  69  VAL A N   1 
ATOM   569  C  CA  . VAL A 1 75  ? -11.579 0.169   4.150   1.00 18.48  ?  69  VAL A CA  1 
ATOM   570  C  C   . VAL A 1 75  ? -11.268 0.237   5.639   1.00 16.67  ?  69  VAL A C   1 
ATOM   571  O  O   . VAL A 1 75  ? -12.179 0.388   6.455   1.00 24.82  ?  69  VAL A O   1 
ATOM   572  C  CB  . VAL A 1 75  ? -11.570 -1.290  3.637   1.00 19.85  ?  69  VAL A CB  1 
ATOM   573  C  CG1 . VAL A 1 75  ? -12.445 -2.175  4.508   1.00 19.84  ?  69  VAL A CG1 1 
ATOM   574  C  CG2 . VAL A 1 75  ? -12.029 -1.348  2.183   1.00 20.16  ?  69  VAL A CG2 1 
ATOM   575  N  N   . ALA A 1 76  ? -9.991  0.132   5.997   1.00 17.00  ?  70  ALA A N   1 
ATOM   576  C  CA  . ALA A 1 76  ? -9.596  0.258   7.399   1.00 31.11  ?  70  ALA A CA  1 
ATOM   577  C  C   . ALA A 1 76  ? -9.931  1.632   7.976   1.00 25.88  ?  70  ALA A C   1 
ATOM   578  O  O   . ALA A 1 76  ? -10.366 1.744   9.123   1.00 36.07  ?  70  ALA A O   1 
ATOM   579  C  CB  . ALA A 1 76  ? -8.124  -0.077  7.607   1.00 34.68  ?  70  ALA A CB  1 
ATOM   580  N  N   . GLY A 1 77  ? -9.724  2.672   7.172   1.00 25.76  ?  71  GLY A N   1 
ATOM   581  C  CA  . GLY A 1 77  ? -9.888  4.038   7.642   1.00 29.15  ?  71  GLY A CA  1 
ATOM   582  C  C   . GLY A 1 77  ? -11.340 4.404   7.882   1.00 33.04  ?  71  GLY A C   1 
ATOM   583  O  O   . GLY A 1 77  ? -11.660 5.189   8.774   1.00 51.93  ?  71  GLY A O   1 
ATOM   584  N  N   . ILE A 1 78  ? -12.221 3.826   7.075   1.00 29.98  ?  72  ILE A N   1 
ATOM   585  C  CA  . ILE A 1 78  ? -13.653 4.057   7.186   1.00 34.48  ?  72  ILE A CA  1 
ATOM   586  C  C   . ILE A 1 78  ? -14.299 3.150   8.231   1.00 32.08  ?  72  ILE A C   1 
ATOM   587  O  O   . ILE A 1 78  ? -15.154 3.591   8.997   1.00 47.92  ?  72  ILE A O   1 
ATOM   588  C  CB  . ILE A 1 78  ? -14.346 3.917   5.812   1.00 31.79  ?  72  ILE A CB  1 
ATOM   589  C  CG1 . ILE A 1 78  ? -13.909 5.057   4.891   1.00 17.40  ?  72  ILE A CG1 1 
ATOM   590  C  CG2 . ILE A 1 78  ? -15.860 3.937   5.968   1.00 30.63  ?  72  ILE A CG2 1 
ATOM   591  C  CD1 . ILE A 1 78  ? -14.323 4.876   3.449   1.00 47.54  ?  72  ILE A CD1 1 
ATOM   592  N  N   . PHE A 1 79  ? -13.873 1.893   8.279   1.00 28.68  ?  73  PHE A N   1 
ATOM   593  C  CA  . PHE A 1 79  ? -14.531 0.927   9.151   1.00 29.11  ?  73  PHE A CA  1 
ATOM   594  C  C   . PHE A 1 79  ? -13.888 0.771   10.525  1.00 39.59  ?  73  PHE A C   1 
ATOM   595  O  O   . PHE A 1 79  ? -14.529 0.284   11.458  1.00 54.93  ?  73  PHE A O   1 
ATOM   596  C  CB  . PHE A 1 79  ? -14.738 -0.420  8.448   1.00 22.85  ?  73  PHE A CB  1 
ATOM   597  C  CG  . PHE A 1 79  ? -15.848 -0.403  7.441   1.00 24.69  ?  73  PHE A CG  1 
ATOM   598  C  CD1 . PHE A 1 79  ? -17.143 -0.713  7.822   1.00 39.86  ?  73  PHE A CD1 1 
ATOM   599  C  CD2 . PHE A 1 79  ? -15.613 -0.032  6.128   1.00 32.06  ?  73  PHE A CD2 1 
ATOM   600  C  CE1 . PHE A 1 79  ? -18.174 -0.688  6.909   1.00 36.01  ?  73  PHE A CE1 1 
ATOM   601  C  CE2 . PHE A 1 79  ? -16.643 -0.001  5.212   1.00 33.72  ?  73  PHE A CE2 1 
ATOM   602  C  CZ  . PHE A 1 79  ? -17.923 -0.331  5.602   1.00 38.14  ?  73  PHE A CZ  1 
ATOM   603  N  N   . PHE A 1 80  ? -12.628 1.167   10.659  1.00 32.16  ?  74  PHE A N   1 
ATOM   604  C  CA  . PHE A 1 80  ? -11.941 0.938   11.922  1.00 33.41  ?  74  PHE A CA  1 
ATOM   605  C  C   . PHE A 1 80  ? -11.607 2.286   12.562  1.00 38.89  ?  74  PHE A C   1 
ATOM   606  O  O   . PHE A 1 80  ? -12.149 2.632   13.610  1.00 68.74  ?  74  PHE A O   1 
ATOM   607  C  CB  . PHE A 1 80  ? -10.712 0.030   11.801  1.00 42.54  ?  74  PHE A CB  1 
ATOM   608  C  CG  . PHE A 1 80  ? -9.986  -0.174  13.102  1.00 35.14  ?  74  PHE A CG  1 
ATOM   609  C  CD1 . PHE A 1 80  ? -10.362 -1.191  13.959  1.00 33.03  ?  74  PHE A CD1 1 
ATOM   610  C  CD2 . PHE A 1 80  ? -8.935  0.653   13.474  1.00 38.42  ?  74  PHE A CD2 1 
ATOM   611  C  CE1 . PHE A 1 80  ? -9.711  -1.387  15.160  1.00 43.63  ?  74  PHE A CE1 1 
ATOM   612  C  CE2 . PHE A 1 80  ? -8.278  0.463   14.677  1.00 36.96  ?  74  PHE A CE2 1 
ATOM   613  C  CZ  . PHE A 1 80  ? -8.665  -0.558  15.519  1.00 46.26  ?  74  PHE A CZ  1 
ATOM   614  N  N   . HIS A 1 81  ? -10.730 3.042   11.905  1.00 32.21  ?  75  HIS A N   1 
ATOM   615  C  CA  . HIS A 1 81  ? -10.273 4.324   12.435  1.00 45.57  ?  75  HIS A CA  1 
ATOM   616  C  C   . HIS A 1 81  ? -9.400  5.020   11.396  1.00 40.05  ?  75  HIS A C   1 
ATOM   617  O  O   . HIS A 1 81  ? -8.447  4.431   10.881  1.00 46.74  ?  75  HIS A O   1 
ATOM   618  C  CB  . HIS A 1 81  ? -9.430  4.113   13.686  1.00 53.33  ?  75  HIS A CB  1 
ATOM   619  C  CG  . HIS A 1 81  ? -9.071  5.392   14.380  1.00 56.72  ?  75  HIS A CG  1 
ATOM   620  N  ND1 . HIS A 1 81  ? -7.893  6.066   14.145  1.00 58.30  ?  75  HIS A ND1 1 
ATOM   621  C  CD2 . HIS A 1 81  ? -9.752  6.134   15.285  1.00 67.32  ?  75  HIS A CD2 1 
ATOM   622  C  CE1 . HIS A 1 81  ? -7.857  7.161   14.883  1.00 42.27  ?  75  HIS A CE1 1 
ATOM   623  N  NE2 . HIS A 1 81  ? -8.973  7.225   15.585  1.00 77.41  ?  75  HIS A NE2 1 
ATOM   624  N  N   . GLU A 1 82  ? -9.727  6.271   11.088  1.00 31.04  ?  76  GLU A N   1 
ATOM   625  C  CA  . GLU A 1 82  ? -9.045  7.028   10.038  1.00 35.98  ?  76  GLU A CA  1 
ATOM   626  C  C   . GLU A 1 82  ? -7.565  7.287   10.333  1.00 45.88  ?  76  GLU A C   1 
ATOM   627  O  O   . GLU A 1 82  ? -6.700  7.031   9.493   1.00 52.44  ?  76  GLU A O   1 
ATOM   628  C  CB  . GLU A 1 82  ? -9.753  8.352   9.727   1.00 54.52  ?  76  GLU A CB  1 
ATOM   629  C  CG  . GLU A 1 82  ? -9.359  8.970   8.397   1.00 60.28  ?  76  GLU A CG  1 
ATOM   630  C  CD  . GLU A 1 82  ? -9.609  10.467  8.348   1.00 65.55  ?  76  GLU A CD  1 
ATOM   631  O  OE1 . GLU A 1 82  ? -10.107 11.020  9.353   1.00 86.62  ?  76  GLU A OE1 1 
ATOM   632  O  OE2 . GLU A 1 82  ? -9.309  11.091  7.309   1.00 58.72  ?  76  GLU A OE2 1 
ATOM   633  N  N   . GLY A 1 83  ? -7.287  7.795   11.528  1.00 51.57  ?  77  GLY A N   1 
ATOM   634  C  CA  . GLY A 1 83  ? -5.927  8.099   11.940  1.00 38.46  ?  77  GLY A CA  1 
ATOM   635  C  C   . GLY A 1 83  ? -4.975  6.919   11.932  1.00 33.36  ?  77  GLY A C   1 
ATOM   636  O  O   . GLY A 1 83  ? -3.888  7.018   11.366  1.00 40.83  ?  77  GLY A O   1 
ATOM   637  N  N   . ALA A 1 84  ? -5.379  5.808   12.541  1.00 33.45  ?  78  ALA A N   1 
ATOM   638  C  CA  . ALA A 1 84  ? -4.581  4.580   12.514  1.00 39.73  ?  78  ALA A CA  1 
ATOM   639  C  C   . ALA A 1 84  ? -4.236  4.155   11.088  1.00 48.56  ?  78  ALA A C   1 
ATOM   640  O  O   . ALA A 1 84  ? -3.088  3.805   10.783  1.00 53.52  ?  78  ALA A O   1 
ATOM   641  C  CB  . ALA A 1 84  ? -5.279  3.453   13.260  1.00 50.56  ?  78  ALA A CB  1 
ATOM   642  N  N   . ALA A 1 85  ? -5.238  4.203   10.217  1.00 45.02  ?  79  ALA A N   1 
ATOM   643  C  CA  . ALA A 1 85  ? -5.079  3.772   8.838   1.00 30.78  ?  79  ALA A CA  1 
ATOM   644  C  C   . ALA A 1 85  ? -4.089  4.689   8.139   1.00 36.31  ?  79  ALA A C   1 
ATOM   645  O  O   . ALA A 1 85  ? -3.216  4.220   7.417   1.00 49.12  ?  79  ALA A O   1 
ATOM   646  C  CB  . ALA A 1 85  ? -6.411  3.774   8.122   1.00 39.88  ?  79  ALA A CB  1 
ATOM   647  N  N   . ALA A 1 86  ? -4.234  5.994   8.353   1.00 37.85  ?  80  ALA A N   1 
ATOM   648  C  CA  . ALA A 1 86  ? -3.334  6.967   7.741   1.00 43.35  ?  80  ALA A CA  1 
ATOM   649  C  C   . ALA A 1 86  ? -1.892  6.770   8.214   1.00 41.75  ?  80  ALA A C   1 
ATOM   650  O  O   . ALA A 1 86  ? -0.953  6.864   7.423   1.00 49.91  ?  80  ALA A O   1 
ATOM   651  C  CB  . ALA A 1 86  ? -3.801  8.392   8.003   1.00 39.93  ?  80  ALA A CB  1 
ATOM   652  N  N   . LEU A 1 87  ? -1.725  6.505   9.508   1.00 43.63  ?  81  LEU A N   1 
ATOM   653  C  CA  . LEU A 1 87  ? -0.406  6.288   10.098  1.00 44.36  ?  81  LEU A CA  1 
ATOM   654  C  C   . LEU A 1 87  ? 0.251   5.067   9.471   1.00 50.36  ?  81  LEU A C   1 
ATOM   655  O  O   . LEU A 1 87  ? 1.418   5.111   9.045   1.00 48.35  ?  81  LEU A O   1 
ATOM   656  C  CB  . LEU A 1 87  ? -0.514  6.070   11.609  1.00 50.67  ?  81  LEU A CB  1 
ATOM   657  C  CG  . LEU A 1 87  ? -1.011  7.215   12.491  1.00 80.66  ?  81  LEU A CG  1 
ATOM   658  C  CD1 . LEU A 1 87  ? -1.177  6.737   13.923  1.00 84.62  ?  81  LEU A CD1 1 
ATOM   659  C  CD2 . LEU A 1 87  ? -0.062  8.401   12.422  1.00 66.74  ?  81  LEU A CD2 1 
ATOM   660  N  N   . CYS A 1 88  ? -0.513  3.980   9.410   1.00 40.62  ?  82  CYS A N   1 
ATOM   661  C  CA  . CYS A 1 88  ? -0.032  2.748   8.806   1.00 38.31  ?  82  CYS A CA  1 
ATOM   662  C  C   . CYS A 1 88  ? 0.350   2.999   7.356   1.00 46.68  ?  82  CYS A C   1 
ATOM   663  O  O   . CYS A 1 88  ? 1.345   2.472   6.871   1.00 66.58  ?  82  CYS A O   1 
ATOM   664  C  CB  . CYS A 1 88  ? -1.105  1.661   8.835   1.00 39.02  ?  82  CYS A CB  1 
ATOM   665  S  SG  . CYS A 1 88  ? -1.490  1.021   10.470  1.00 54.27  ?  82  CYS A SG  1 
ATOM   666  N  N   . GLY A 1 89  ? -0.469  3.781   6.661   1.00 35.17  ?  83  GLY A N   1 
ATOM   667  C  CA  . GLY A 1 89  ? -0.170  4.190   5.305   1.00 31.88  ?  83  GLY A CA  1 
ATOM   668  C  C   . GLY A 1 89  ? 1.130   4.959   5.151   1.00 39.76  ?  83  GLY A C   1 
ATOM   669  O  O   . GLY A 1 89  ? 1.860   4.769   4.180   1.00 49.37  ?  83  GLY A O   1 
ATOM   670  N  N   . LEU A 1 90  ? 1.426   5.817   6.124   1.00 37.58  ?  84  LEU A N   1 
ATOM   671  C  CA  . LEU A 1 90  ? 2.645   6.612   6.088   1.00 31.21  ?  84  LEU A CA  1 
ATOM   672  C  C   . LEU A 1 90  ? 3.851   5.711   6.296   1.00 42.69  ?  84  LEU A C   1 
ATOM   673  O  O   . LEU A 1 90  ? 4.858   5.817   5.581   1.00 43.69  ?  84  LEU A O   1 
ATOM   674  C  CB  . LEU A 1 90  ? 2.624   7.621   7.236   1.00 30.19  ?  84  LEU A CB  1 
ATOM   675  C  CG  . LEU A 1 90  ? 2.304   9.081   6.906   1.00 31.99  ?  84  LEU A CG  1 
ATOM   676  C  CD1 . LEU A 1 90  ? 3.257   10.024  7.631   1.00 19.12  ?  84  LEU A CD1 1 
ATOM   677  C  CD2 . LEU A 1 90  ? 2.332   9.322   5.412   1.00 27.11  ?  84  LEU A CD2 1 
ATOM   678  N  N   . VAL A 1 91  ? 3.732   4.808   7.267   1.00 36.62  ?  85  VAL A N   1 
ATOM   679  C  CA  . VAL A 1 91  ? 4.793   3.850   7.544   1.00 46.42  ?  85  VAL A CA  1 
ATOM   680  C  C   . VAL A 1 91  ? 5.063   2.974   6.323   1.00 41.81  ?  85  VAL A C   1 
ATOM   681  O  O   . VAL A 1 91  ? 6.213   2.752   5.943   1.00 44.14  ?  85  VAL A O   1 
ATOM   682  C  CB  . VAL A 1 91  ? 4.431   2.964   8.754   1.00 46.18  ?  85  VAL A CB  1 
ATOM   683  C  CG1 . VAL A 1 91  ? 5.412   1.810   8.882   1.00 50.09  ?  85  VAL A CG1 1 
ATOM   684  C  CG2 . VAL A 1 91  ? 4.415   3.795   10.027  1.00 46.43  ?  85  VAL A CG2 1 
ATOM   685  N  N   . TYR A 1 92  ? 3.985   2.483   5.719   1.00 33.59  ?  86  TYR A N   1 
ATOM   686  C  CA  . TYR A 1 92  ? 4.054   1.727   4.477   1.00 30.71  ?  86  TYR A CA  1 
ATOM   687  C  C   . TYR A 1 92  ? 4.755   2.481   3.354   1.00 34.16  ?  86  TYR A C   1 
ATOM   688  O  O   . TYR A 1 92  ? 5.617   1.924   2.684   1.00 39.19  ?  86  TYR A O   1 
ATOM   689  C  CB  . TYR A 1 92  ? 2.653   1.319   4.015   1.00 27.19  ?  86  TYR A CB  1 
ATOM   690  C  CG  . TYR A 1 92  ? 2.656   0.662   2.650   1.00 32.36  ?  86  TYR A CG  1 
ATOM   691  C  CD1 . TYR A 1 92  ? 2.973   -0.683  2.510   1.00 39.33  ?  86  TYR A CD1 1 
ATOM   692  C  CD2 . TYR A 1 92  ? 2.360   1.388   1.504   1.00 28.43  ?  86  TYR A CD2 1 
ATOM   693  C  CE1 . TYR A 1 92  ? 2.979   -1.291  1.272   1.00 39.15  ?  86  TYR A CE1 1 
ATOM   694  C  CE2 . TYR A 1 92  ? 2.371   0.789   0.258   1.00 34.36  ?  86  TYR A CE2 1 
ATOM   695  C  CZ  . TYR A 1 92  ? 2.681   -0.551  0.148   1.00 40.48  ?  86  TYR A CZ  1 
ATOM   696  O  OH  . TYR A 1 92  ? 2.699   -1.149  -1.092  1.00 41.85  ?  86  TYR A OH  1 
ATOM   697  N  N   . LEU A 1 93  ? 4.367   3.732   3.124   1.00 34.64  ?  87  LEU A N   1 
ATOM   698  C  CA  . LEU A 1 93  ? 4.935   4.502   2.023   1.00 41.20  ?  87  LEU A CA  1 
ATOM   699  C  C   . LEU A 1 93  ? 6.418   4.797   2.240   1.00 45.68  ?  87  LEU A C   1 
ATOM   700  O  O   . LEU A 1 93  ? 7.224   4.692   1.311   1.00 49.53  ?  87  LEU A O   1 
ATOM   701  C  CB  . LEU A 1 93  ? 4.163   5.807   1.813   1.00 41.05  ?  87  LEU A CB  1 
ATOM   702  C  CG  . LEU A 1 93  ? 2.737   5.672   1.271   1.00 37.75  ?  87  LEU A CG  1 
ATOM   703  C  CD1 . LEU A 1 93  ? 2.054   7.032   1.203   1.00 48.17  ?  87  LEU A CD1 1 
ATOM   704  C  CD2 . LEU A 1 93  ? 2.739   5.009   -0.100  1.00 39.48  ?  87  LEU A CD2 1 
ATOM   705  N  N   . PHE A 1 94  ? 6.781   5.152   3.470   1.00 55.57  ?  88  PHE A N   1 
ATOM   706  C  CA  . PHE A 1 94  ? 8.189   5.314   3.821   1.00 46.97  ?  88  PHE A CA  1 
ATOM   707  C  C   . PHE A 1 94  ? 9.003   4.037   3.622   1.00 43.04  ?  88  PHE A C   1 
ATOM   708  O  O   . PHE A 1 94  ? 10.091  4.047   3.001   1.00 41.37  ?  88  PHE A O   1 
ATOM   709  C  CB  . PHE A 1 94  ? 8.320   5.776   5.273   1.00 49.43  ?  88  PHE A CB  1 
ATOM   710  C  CG  . PHE A 1 94  ? 9.715   6.146   5.673   1.00 80.53  ?  88  PHE A CG  1 
ATOM   711  C  CD1 . PHE A 1 94  ? 10.504  6.938   4.858   1.00 75.31  ?  88  PHE A CD1 1 
ATOM   712  C  CD2 . PHE A 1 94  ? 10.233  5.703   6.879   1.00 79.17  ?  88  PHE A CD2 1 
ATOM   713  C  CE1 . PHE A 1 94  ? 11.791  7.272   5.234   1.00 69.24  ?  88  PHE A CE1 1 
ATOM   714  C  CE2 . PHE A 1 94  ? 11.519  6.030   7.261   1.00 70.11  ?  88  PHE A CE2 1 
ATOM   715  C  CZ  . PHE A 1 94  ? 12.300  6.818   6.438   1.00 75.70  ?  88  PHE A CZ  1 
ATOM   716  N  N   . ALA A 1 95  ? 8.456   2.929   4.111   1.00 34.46  ?  89  ALA A N   1 
ATOM   717  C  CA  . ALA A 1 95  ? 9.033   1.608   3.871   1.00 38.52  ?  89  ALA A CA  1 
ATOM   718  C  C   . ALA A 1 95  ? 9.233   1.267   2.401   1.00 42.11  ?  89  ALA A C   1 
ATOM   719  O  O   . ALA A 1 95  ? 10.225  0.661   2.042   1.00 57.81  ?  89  ALA A O   1 
ATOM   720  C  CB  . ALA A 1 95  ? 8.255   0.520   4.600   1.00 37.96  ?  89  ALA A CB  1 
ATOM   721  N  N   . ARG A 1 96  ? 8.255   1.604   1.571   1.00 36.09  ?  90  ARG A N   1 
ATOM   722  C  CA  . ARG A 1 96  ? 8.358   1.413   0.126   1.00 38.96  ?  90  ARG A CA  1 
ATOM   723  C  C   . ARG A 1 96  ? 9.379   2.294   -0.566  1.00 39.49  ?  90  ARG A C   1 
ATOM   724  O  O   . ARG A 1 96  ? 10.052  1.855   -1.502  1.00 52.58  ?  90  ARG A O   1 
ATOM   725  C  CB  . ARG A 1 96  ? 6.984   1.522   -0.526  1.00 45.22  ?  90  ARG A CB  1 
ATOM   726  C  CG  . ARG A 1 96  ? 6.163   0.281   -0.272  1.00 37.97  ?  90  ARG A CG  1 
ATOM   727  C  CD  . ARG A 1 96  ? 6.718   -0.844  -1.119  1.00 32.08  ?  90  ARG A CD  1 
ATOM   728  N  NE  . ARG A 1 96  ? 5.949   -2.066  -0.962  1.00 36.26  ?  90  ARG A NE  1 
ATOM   729  C  CZ  . ARG A 1 96  ? 5.873   -2.996  -1.907  1.00 46.37  ?  90  ARG A CZ  1 
ATOM   730  N  NH1 . ARG A 1 96  ? 6.321   -2.723  -3.127  1.00 34.93  ?  90  ARG A NH1 1 
ATOM   731  N  NH2 . ARG A 1 96  ? 5.173   -4.098  -1.702  1.00 44.37  ?  90  ARG A NH2 1 
ATOM   732  N  N   . LEU A 1 97  ? 9.483   3.547   -0.134  1.00 46.20  ?  91  LEU A N   1 
ATOM   733  C  CA  . LEU A 1 97  ? 10.529  4.445   -0.614  1.00 43.51  ?  91  LEU A CA  1 
ATOM   734  C  C   . LEU A 1 97  ? 11.910  3.855   -0.313  1.00 50.14  ?  91  LEU A C   1 
ATOM   735  O  O   . LEU A 1 97  ? 12.792  3.790   -1.190  1.00 58.40  ?  91  LEU A O   1 
ATOM   736  C  CB  . LEU A 1 97  ? 10.410  5.834   0.014   1.00 35.79  ?  91  LEU A CB  1 
ATOM   737  C  CG  . LEU A 1 97  ? 11.530  6.826   -0.315  1.00 39.59  ?  91  LEU A CG  1 
ATOM   738  C  CD1 . LEU A 1 97  ? 11.705  6.943   -1.821  1.00 57.59  ?  91  LEU A CD1 1 
ATOM   739  C  CD2 . LEU A 1 97  ? 11.231  8.187   0.291   1.00 22.38  ?  91  LEU A CD2 1 
ATOM   740  N  N   . ARG A 1 98  ? 12.070  3.374   0.920   1.00 47.50  ?  92  ARG A N   1 
ATOM   741  C  CA  . ARG A 1 98  ? 13.323  2.741   1.324   1.00 52.23  ?  92  ARG A CA  1 
ATOM   742  C  C   . ARG A 1 98  ? 13.561  1.455   0.531   1.00 58.72  ?  92  ARG A C   1 
ATOM   743  O  O   . ARG A 1 98  ? 14.691  1.141   0.191   1.00 72.57  ?  92  ARG A O   1 
ATOM   744  C  CB  . ARG A 1 98  ? 13.389  2.465   2.830   1.00 51.55  ?  92  ARG A CB  1 
ATOM   745  C  CG  . ARG A 1 98  ? 13.410  3.676   3.739   1.00 43.33  ?  92  ARG A CG  1 
ATOM   746  C  CD  . ARG A 1 98  ? 13.794  3.265   5.167   1.00 56.29  ?  92  ARG A CD  1 
ATOM   747  N  NE  . ARG A 1 98  ? 13.249  1.974   5.590   1.00 84.65  ?  92  ARG A NE  1 
ATOM   748  C  CZ  . ARG A 1 98  ? 12.098  1.805   6.233   1.00 71.56  ?  92  ARG A CZ  1 
ATOM   749  N  NH1 . ARG A 1 98  ? 11.346  2.847   6.544   1.00 64.24  ?  92  ARG A NH1 1 
ATOM   750  N  NH2 . ARG A 1 98  ? 11.709  0.584   6.582   1.00 64.06  ?  92  ARG A NH2 1 
ATOM   751  N  N   . TYR A 1 99  ? 12.495  0.697   0.298   1.00 46.22  ?  93  TYR A N   1 
ATOM   752  C  CA  . TYR A 1 99  ? 12.526  -0.490  -0.557  1.00 46.80  ?  93  TYR A CA  1 
ATOM   753  C  C   . TYR A 1 99  ? 13.093  -0.157  -1.928  1.00 45.73  ?  93  TYR A C   1 
ATOM   754  O  O   . TYR A 1 99  ? 13.975  -0.853  -2.422  1.00 45.93  ?  93  TYR A O   1 
ATOM   755  C  CB  . TYR A 1 99  ? 11.121  -1.091  -0.670  1.00 41.17  ?  93  TYR A CB  1 
ATOM   756  C  CG  . TYR A 1 99  ? 10.935  -2.117  -1.766  1.00 38.20  ?  93  TYR A CG  1 
ATOM   757  C  CD1 . TYR A 1 99  ? 11.192  -3.456  -1.531  1.00 29.20  ?  93  TYR A CD1 1 
ATOM   758  C  CD2 . TYR A 1 99  ? 10.453  -1.751  -3.018  1.00 47.23  ?  93  TYR A CD2 1 
ATOM   759  C  CE1 . TYR A 1 99  ? 11.034  -4.397  -2.524  1.00 34.51  ?  93  TYR A CE1 1 
ATOM   760  C  CE2 . TYR A 1 99  ? 10.270  -2.691  -4.016  1.00 43.75  ?  93  TYR A CE2 1 
ATOM   761  C  CZ  . TYR A 1 99  ? 10.567  -4.013  -3.764  1.00 42.06  ?  93  TYR A CZ  1 
ATOM   762  O  OH  . TYR A 1 99  ? 10.364  -4.955  -4.747  1.00 34.42  ?  93  TYR A OH  1 
ATOM   763  N  N   . PHE A 1 100 ? 12.572  0.893   -2.544  1.00 43.49  ?  94  PHE A N   1 
ATOM   764  C  CA  . PHE A 1 100 ? 12.972  1.286   -3.884  1.00 53.69  ?  94  PHE A CA  1 
ATOM   765  C  C   . PHE A 1 100 ? 14.443  1.687   -3.898  1.00 64.29  ?  94  PHE A C   1 
ATOM   766  O  O   . PHE A 1 100 ? 15.232  1.205   -4.724  1.00 74.95  ?  94  PHE A O   1 
ATOM   767  C  CB  . PHE A 1 100 ? 12.144  2.478   -4.355  1.00 49.50  ?  94  PHE A CB  1 
ATOM   768  C  CG  . PHE A 1 100 ? 12.424  2.881   -5.774  1.00 51.51  ?  94  PHE A CG  1 
ATOM   769  C  CD1 . PHE A 1 100 ? 11.749  2.287   -6.826  1.00 61.57  ?  94  PHE A CD1 1 
ATOM   770  C  CD2 . PHE A 1 100 ? 13.369  3.858   -6.054  1.00 56.72  ?  94  PHE A CD2 1 
ATOM   771  C  CE1 . PHE A 1 100 ? 12.008  2.660   -8.128  1.00 60.05  ?  94  PHE A CE1 1 
ATOM   772  C  CE2 . PHE A 1 100 ? 13.632  4.231   -7.353  1.00 60.91  ?  94  PHE A CE2 1 
ATOM   773  C  CZ  . PHE A 1 100 ? 12.949  3.630   -8.392  1.00 52.76  ?  94  PHE A CZ  1 
ATOM   774  N  N   . GLN A 1 101 ? 14.808  2.553   -2.955  1.00 69.71  ?  95  GLN A N   1 
ATOM   775  C  CA  . GLN A 1 101 ? 16.206  2.949   -2.760  1.00 70.74  ?  95  GLN A CA  1 
ATOM   776  C  C   . GLN A 1 101 ? 17.186  1.786   -2.562  1.00 72.33  ?  95  GLN A C   1 
ATOM   777  O  O   . GLN A 1 101 ? 18.255  1.757   -3.172  1.00 66.32  ?  95  GLN A O   1 
ATOM   778  C  CB  . GLN A 1 101 ? 16.303  3.915   -1.577  1.00 65.76  ?  95  GLN A CB  1 
ATOM   779  C  CG  . GLN A 1 101 ? 15.649  5.262   -1.818  1.00 75.04  ?  95  GLN A CG  1 
ATOM   780  C  CD  . GLN A 1 101 ? 15.705  6.160   -0.598  1.00 103.61 ?  95  GLN A CD  1 
ATOM   781  O  OE1 . GLN A 1 101 ? 15.732  5.686   0.536   1.00 97.01  ?  95  GLN A OE1 1 
ATOM   782  N  NE2 . GLN A 1 101 ? 15.717  7.468   -0.827  1.00 103.29 ?  95  GLN A NE2 1 
ATOM   783  N  N   . GLY A 1 102 ? 16.819  0.842   -1.704  1.00 62.74  ?  96  GLY A N   1 
ATOM   784  C  CA  . GLY A 1 102 ? 17.569  -0.386  -1.509  1.00 55.15  ?  96  GLY A CA  1 
ATOM   785  C  C   . GLY A 1 102 ? 17.737  -1.190  -2.784  1.00 65.38  ?  96  GLY A C   1 
ATOM   786  O  O   . GLY A 1 102 ? 18.858  -1.469  -3.208  1.00 76.36  ?  96  GLY A O   1 
ATOM   787  N  N   . TYR A 1 103 ? 16.610  -1.576  -3.375  1.00 68.85  ?  97  TYR A N   1 
ATOM   788  C  CA  . TYR A 1 103 ? 16.580  -2.391  -4.585  1.00 60.35  ?  97  TYR A CA  1 
ATOM   789  C  C   . TYR A 1 103 ? 17.444  -1.781  -5.682  1.00 60.95  ?  97  TYR A C   1 
ATOM   790  O  O   . TYR A 1 103 ? 18.167  -2.500  -6.375  1.00 62.65  ?  97  TYR A O   1 
ATOM   791  C  CB  . TYR A 1 103 ? 15.147  -2.543  -5.097  1.00 59.83  ?  97  TYR A CB  1 
ATOM   792  C  CG  . TYR A 1 103 ? 14.880  -3.836  -5.844  1.00 47.58  ?  97  TYR A CG  1 
ATOM   793  C  CD1 . TYR A 1 103 ? 15.921  -4.621  -6.316  1.00 58.17  ?  97  TYR A CD1 1 
ATOM   794  C  CD2 . TYR A 1 103 ? 13.580  -4.268  -6.078  1.00 58.78  ?  97  TYR A CD2 1 
ATOM   795  C  CE1 . TYR A 1 103 ? 15.677  -5.802  -6.991  1.00 67.73  ?  97  TYR A CE1 1 
ATOM   796  C  CE2 . TYR A 1 103 ? 13.326  -5.441  -6.759  1.00 56.59  ?  97  TYR A CE2 1 
ATOM   797  C  CZ  . TYR A 1 103 ? 14.379  -6.207  -7.209  1.00 60.43  ?  97  TYR A CZ  1 
ATOM   798  O  OH  . TYR A 1 103 ? 14.132  -7.377  -7.887  1.00 59.35  ?  97  TYR A OH  1 
ATOM   799  N  N   . ALA A 1 104 ? 17.364  -0.461  -5.840  1.00 68.23  ?  98  ALA A N   1 
ATOM   800  C  CA  . ALA A 1 104 ? 18.125  0.210   -6.889  1.00 74.24  ?  98  ALA A CA  1 
ATOM   801  C  C   . ALA A 1 104 ? 19.626  -0.051  -6.758  1.00 78.18  ?  98  ALA A C   1 
ATOM   802  O  O   . ALA A 1 104 ? 20.341  -0.156  -7.754  1.00 79.61  ?  98  ALA A O   1 
ATOM   803  C  CB  . ALA A 1 104 ? 17.844  1.709   -6.875  1.00 65.71  ?  98  ALA A CB  1 
ATOM   804  N  N   . ARG A 1 105 ? 20.086  -0.159  -5.517  1.00 74.11  ?  99  ARG A N   1 
ATOM   805  C  CA  . ARG A 1 105 ? 21.493  -0.383  -5.218  1.00 69.64  ?  99  ARG A CA  1 
ATOM   806  C  C   . ARG A 1 105 ? 21.900  -1.855  -5.272  1.00 72.34  ?  99  ARG A C   1 
ATOM   807  O  O   . ARG A 1 105 ? 22.946  -2.206  -5.820  1.00 99.75  ?  99  ARG A O   1 
ATOM   808  C  CB  . ARG A 1 105 ? 21.834  0.175   -3.834  1.00 60.74  ?  99  ARG A CB  1 
ATOM   809  C  CG  . ARG A 1 105 ? 21.816  1.694   -3.774  1.00 77.67  ?  99  ARG A CG  1 
ATOM   810  C  CD  . ARG A 1 105 ? 21.925  2.213   -2.348  1.00 88.54  ?  99  ARG A CD  1 
ATOM   811  N  NE  . ARG A 1 105 ? 23.185  1.861   -1.698  1.00 86.97  ?  99  ARG A NE  1 
ATOM   812  C  CZ  . ARG A 1 105 ? 23.317  1.693   -0.386  1.00 88.47  ?  99  ARG A CZ  1 
ATOM   813  N  NH1 . ARG A 1 105 ? 22.268  1.847   0.410   1.00 89.87  ?  99  ARG A NH1 1 
ATOM   814  N  NH2 . ARG A 1 105 ? 24.497  1.376   0.131   1.00 84.61  ?  99  ARG A NH2 1 
ATOM   815  N  N   . SER A 1 106 ? 21.057  -2.706  -4.696  1.00 52.53  ?  100 SER A N   1 
ATOM   816  C  CA  . SER A 1 106 ? 21.316  -4.135  -4.605  1.00 64.48  ?  100 SER A CA  1 
ATOM   817  C  C   . SER A 1 106 ? 20.017  -4.856  -4.279  1.00 62.15  ?  100 SER A C   1 
ATOM   818  O  O   . SER A 1 106 ? 19.211  -4.357  -3.493  1.00 59.46  ?  100 SER A O   1 
ATOM   819  C  CB  . SER A 1 106 ? 22.345  -4.391  -3.515  1.00 69.16  ?  100 SER A CB  1 
ATOM   820  O  OG  . SER A 1 106 ? 21.846  -4.018  -2.255  1.00 71.69  ?  100 SER A OG  1 
ATOM   821  N  N   . ALA A 1 107 ? 19.805  -6.013  -4.901  1.00 63.21  ?  101 ALA A N   1 
ATOM   822  C  CA  . ALA A 1 107 ? 18.688  -6.880  -4.541  1.00 62.97  ?  101 ALA A CA  1 
ATOM   823  C  C   . ALA A 1 107 ? 18.570  -7.077  -3.025  1.00 48.86  ?  101 ALA A C   1 
ATOM   824  O  O   . ALA A 1 107 ? 17.467  -7.054  -2.500  1.00 59.80  ?  101 ALA A O   1 
ATOM   825  C  CB  . ALA A 1 107 ? 18.814  -8.231  -5.231  1.00 65.74  ?  101 ALA A CB  1 
ATOM   826  N  N   . GLN A 1 108 ? 19.667  -7.339  -2.326  1.00 50.32  ?  102 GLN A N   1 
ATOM   827  C  CA  . GLN A 1 108 ? 19.550  -7.632  -0.898  1.00 56.92  ?  102 GLN A CA  1 
ATOM   828  C  C   . GLN A 1 108 ? 19.070  -6.421  -0.059  1.00 58.75  ?  102 GLN A C   1 
ATOM   829  O  O   . GLN A 1 108 ? 18.255  -6.578  0.863   1.00 64.31  ?  102 GLN A O   1 
ATOM   830  C  CB  . GLN A 1 108 ? 20.878  -8.168  -0.355  1.00 73.56  ?  102 GLN A CB  1 
ATOM   831  C  CG  . GLN A 1 108 ? 20.810  -8.839  1.012   1.00 50.97  ?  102 GLN A CG  1 
ATOM   832  C  CD  . GLN A 1 108 ? 20.937  -7.862  2.164   1.00 68.26  ?  102 GLN A CD  1 
ATOM   833  O  OE1 . GLN A 1 108 ? 21.391  -6.734  1.990   1.00 60.80  ?  102 GLN A OE1 1 
ATOM   834  N  NE2 . GLN A 1 108 ? 20.539  -8.299  3.356   1.00 75.79  ?  102 GLN A NE2 1 
ATOM   835  N  N   . LEU A 1 109 ? 19.449  -5.205  -0.462  1.00 59.35  ?  103 LEU A N   1 
ATOM   836  C  CA  . LEU A 1 109 ? 19.081  -4.019  0.319   1.00 55.27  ?  103 LEU A CA  1 
ATOM   837  C  C   . LEU A 1 109 ? 17.611  -3.622  0.214   1.00 58.86  ?  103 LEU A C   1 
ATOM   838  O  O   . LEU A 1 109 ? 17.152  -2.777  0.980   1.00 66.52  ?  103 LEU A O   1 
ATOM   839  C  CB  . LEU A 1 109 ? 19.979  -2.823  -0.018  1.00 62.91  ?  103 LEU A CB  1 
ATOM   840  C  CG  . LEU A 1 109 ? 21.427  -2.814  0.483   1.00 61.23  ?  103 LEU A CG  1 
ATOM   841  C  CD1 . LEU A 1 109 ? 22.181  -1.636  -0.122  1.00 57.00  ?  103 LEU A CD1 1 
ATOM   842  C  CD2 . LEU A 1 109 ? 21.482  -2.756  2.001   1.00 54.21  ?  103 LEU A CD2 1 
ATOM   843  N  N   . ARG A 1 110 ? 16.862  -4.190  -0.724  1.00 61.43  ?  104 ARG A N   1 
ATOM   844  C  CA  . ARG A 1 110 ? 15.421  -3.914  -0.751  1.00 57.33  ?  104 ARG A CA  1 
ATOM   845  C  C   . ARG A 1 110 ? 14.768  -4.634  0.389   1.00 60.01  ?  104 ARG A C   1 
ATOM   846  O  O   . ARG A 1 110 ? 13.652  -4.287  0.750   1.00 75.53  ?  104 ARG A O   1 
ATOM   847  C  CB  . ARG A 1 110 ? 14.741  -4.337  -2.066  1.00 61.63  ?  104 ARG A CB  1 
ATOM   848  C  CG  . ARG A 1 110 ? 14.763  -5.831  -2.245  1.00 57.82  ?  104 ARG A CG  1 
ATOM   849  C  CD  . ARG A 1 110 ? 14.373  -6.305  -3.618  1.00 46.68  ?  104 ARG A CD  1 
ATOM   850  N  NE  . ARG A 1 110 ? 14.251  -7.766  -3.679  1.00 56.42  ?  104 ARG A NE  1 
ATOM   851  C  CZ  . ARG A 1 110 ? 13.664  -8.587  -2.812  1.00 60.19  ?  104 ARG A CZ  1 
ATOM   852  N  NH1 . ARG A 1 110 ? 13.722  -9.886  -3.053  1.00 46.49  ?  104 ARG A NH1 1 
ATOM   853  N  NH2 . ARG A 1 110 ? 13.065  -8.155  -1.712  1.00 82.44  ?  104 ARG A NH2 1 
ATOM   854  N  N   . LEU A 1 111 ? 15.437  -5.641  0.953   1.00 58.34  ?  105 LEU A N   1 
ATOM   855  C  CA  . LEU A 1 111 ? 14.746  -6.561  1.858   1.00 61.08  ?  105 LEU A CA  1 
ATOM   856  C  C   . LEU A 1 111 ? 14.257  -6.028  3.206   1.00 67.80  ?  105 LEU A C   1 
ATOM   857  O  O   . LEU A 1 111 ? 13.101  -6.263  3.558   1.00 73.09  ?  105 LEU A O   1 
ATOM   858  C  CB  . LEU A 1 111 ? 15.590  -7.820  2.096   1.00 77.00  ?  105 LEU A CB  1 
ATOM   859  C  CG  . LEU A 1 111 ? 15.882  -8.750  0.921   1.00 74.92  ?  105 LEU A CG  1 
ATOM   860  C  CD1 . LEU A 1 111 ? 17.080  -9.630  1.233   1.00 71.22  ?  105 LEU A CD1 1 
ATOM   861  C  CD2 . LEU A 1 111 ? 14.667  -9.617  0.651   1.00 72.58  ?  105 LEU A CD2 1 
ATOM   862  N  N   . ALA A 1 112 ? 15.092  -5.315  3.951   1.00 71.95  ?  106 ALA A N   1 
ATOM   863  C  CA  . ALA A 1 112 ? 14.648  -4.759  5.232   1.00 72.93  ?  106 ALA A CA  1 
ATOM   864  C  C   . ALA A 1 112 ? 13.437  -3.819  5.079   1.00 70.96  ?  106 ALA A C   1 
ATOM   865  O  O   . ALA A 1 112 ? 12.434  -4.007  5.769   1.00 67.52  ?  106 ALA A O   1 
ATOM   866  C  CB  . ALA A 1 112 ? 15.797  -4.052  5.963   1.00 77.33  ?  106 ALA A CB  1 
ATOM   867  N  N   . PRO A 1 113 ? 13.514  -2.810  4.192   1.00 70.62  ?  107 PRO A N   1 
ATOM   868  C  CA  . PRO A 1 113 ? 12.332  -1.953  4.030   1.00 62.86  ?  107 PRO A CA  1 
ATOM   869  C  C   . PRO A 1 113 ? 11.109  -2.676  3.460   1.00 65.07  ?  107 PRO A C   1 
ATOM   870  O  O   . PRO A 1 113 ? 9.976   -2.304  3.765   1.00 77.27  ?  107 PRO A O   1 
ATOM   871  C  CB  . PRO A 1 113 ? 12.810  -0.849  3.092   1.00 49.22  ?  107 PRO A CB  1 
ATOM   872  C  CG  . PRO A 1 113 ? 14.008  -1.396  2.423   1.00 56.67  ?  107 PRO A CG  1 
ATOM   873  C  CD  . PRO A 1 113 ? 14.644  -2.332  3.373   1.00 67.93  ?  107 PRO A CD  1 
ATOM   874  N  N   . LEU A 1 114 ? 11.347  -3.684  2.629   1.00 52.78  ?  108 LEU A N   1 
ATOM   875  C  CA  . LEU A 1 114 ? 10.284  -4.580  2.181   1.00 53.11  ?  108 LEU A CA  1 
ATOM   876  C  C   . LEU A 1 114 ? 9.477   -5.200  3.324   1.00 49.86  ?  108 LEU A C   1 
ATOM   877  O  O   . LEU A 1 114 ? 8.246   -5.223  3.281   1.00 49.08  ?  108 LEU A O   1 
ATOM   878  C  CB  . LEU A 1 114 ? 10.792  -5.672  1.235   1.00 55.45  ?  108 LEU A CB  1 
ATOM   879  C  CG  . LEU A 1 114 ? 9.704   -6.647  0.782   1.00 43.49  ?  108 LEU A CG  1 
ATOM   880  C  CD1 . LEU A 1 114 ? 8.615   -5.903  0.030   1.00 48.85  ?  108 LEU A CD1 1 
ATOM   881  C  CD2 . LEU A 1 114 ? 10.278  -7.777  -0.051  1.00 56.87  ?  108 LEU A CD2 1 
ATOM   882  N  N   . TYR A 1 115 ? 10.173  -5.696  4.341   1.00 53.81  ?  109 TYR A N   1 
ATOM   883  C  CA  . TYR A 1 115 ? 9.514   -6.316  5.486   1.00 64.24  ?  109 TYR A CA  1 
ATOM   884  C  C   . TYR A 1 115 ? 8.687   -5.314  6.289   1.00 61.72  ?  109 TYR A C   1 
ATOM   885  O  O   . TYR A 1 115 ? 7.610   -5.649  6.783   1.00 52.77  ?  109 TYR A O   1 
ATOM   886  C  CB  . TYR A 1 115 ? 10.528  -6.966  6.431   1.00 76.48  ?  109 TYR A CB  1 
ATOM   887  C  CG  . TYR A 1 115 ? 11.472  -7.926  5.744   1.00 79.08  ?  109 TYR A CG  1 
ATOM   888  C  CD1 . TYR A 1 115 ? 11.006  -8.818  4.785   1.00 83.64  ?  109 TYR A CD1 1 
ATOM   889  C  CD2 . TYR A 1 115 ? 12.824  -7.951  6.059   1.00 81.48  ?  109 TYR A CD2 1 
ATOM   890  C  CE1 . TYR A 1 115 ? 11.861  -9.702  4.157   1.00 87.13  ?  109 TYR A CE1 1 
ATOM   891  C  CE2 . TYR A 1 115 ? 13.689  -8.830  5.432   1.00 91.66  ?  109 TYR A CE2 1 
ATOM   892  C  CZ  . TYR A 1 115 ? 13.201  -9.704  4.483   1.00 94.28  ?  109 TYR A CZ  1 
ATOM   893  O  OH  . TYR A 1 115 ? 14.054  -10.582 3.854   1.00 105.97 ?  109 TYR A OH  1 
ATOM   894  N  N   . ALA A 1 116 ? 9.187   -4.091  6.421   1.00 55.03  ?  110 ALA A N   1 
ATOM   895  C  CA  . ALA A 1 116 ? 8.457   -3.034  7.118   1.00 58.65  ?  110 ALA A CA  1 
ATOM   896  C  C   . ALA A 1 116 ? 7.150   -2.700  6.402   1.00 68.68  ?  110 ALA A C   1 
ATOM   897  O  O   . ALA A 1 116 ? 6.114   -2.493  7.038   1.00 71.85  ?  110 ALA A O   1 
ATOM   898  C  CB  . ALA A 1 116 ? 9.328   -1.795  7.258   1.00 55.25  ?  110 ALA A CB  1 
ATOM   899  N  N   . SER A 1 117 ? 7.211   -2.653  5.076   1.00 61.64  ?  111 SER A N   1 
ATOM   900  C  CA  . SER A 1 117 ? 6.053   -2.340  4.247   1.00 50.85  ?  111 SER A CA  1 
ATOM   901  C  C   . SER A 1 117 ? 4.978   -3.418  4.337   1.00 39.42  ?  111 SER A C   1 
ATOM   902  O  O   . SER A 1 117 ? 3.784   -3.118  4.339   1.00 52.18  ?  111 SER A O   1 
ATOM   903  C  CB  . SER A 1 117 ? 6.504   -2.110  2.801   1.00 40.71  ?  111 SER A CB  1 
ATOM   904  O  OG  . SER A 1 117 ? 6.576   -3.331  2.087   1.00 55.34  ?  111 SER A OG  1 
ATOM   905  N  N   . ALA A 1 118 ? 5.408   -4.673  4.413   1.00 29.92  ?  112 ALA A N   1 
ATOM   906  C  CA  . ALA A 1 118 ? 4.470   -5.787  4.510   1.00 38.67  ?  112 ALA A CA  1 
ATOM   907  C  C   . ALA A 1 118 ? 3.732   -5.837  5.847   1.00 45.28  ?  112 ALA A C   1 
ATOM   908  O  O   . ALA A 1 118 ? 2.528   -6.073  5.878   1.00 56.42  ?  112 ALA A O   1 
ATOM   909  C  CB  . ALA A 1 118 ? 5.165   -7.112  4.241   1.00 49.14  ?  112 ALA A CB  1 
ATOM   910  N  N   . ARG A 1 119 ? 4.428   -5.553  6.942   1.00 45.53  ?  113 ARG A N   1 
ATOM   911  C  CA  . ARG A 1 119 ? 3.799   -5.544  8.263   1.00 51.85  ?  113 ARG A CA  1 
ATOM   912  C  C   . ARG A 1 119 ? 2.735   -4.462  8.332   1.00 52.21  ?  113 ARG A C   1 
ATOM   913  O  O   . ARG A 1 119 ? 1.646   -4.682  8.867   1.00 51.50  ?  113 ARG A O   1 
ATOM   914  C  CB  . ARG A 1 119 ? 4.843   -5.351  9.364   1.00 59.35  ?  113 ARG A CB  1 
ATOM   915  C  CG  . ARG A 1 119 ? 5.787   -6.531  9.523   1.00 84.44  ?  113 ARG A CG  1 
ATOM   916  C  CD  . ARG A 1 119 ? 6.653   -6.394  10.761  1.00 87.51  ?  113 ARG A CD  1 
ATOM   917  N  NE  . ARG A 1 119 ? 7.504   -5.211  10.716  1.00 93.37  ?  113 ARG A NE  1 
ATOM   918  C  CZ  . ARG A 1 119 ? 8.760   -5.218  10.284  1.00 102.64 ?  113 ARG A CZ  1 
ATOM   919  N  NH1 . ARG A 1 119 ? 9.306   -6.347  9.858   1.00 94.45  ?  113 ARG A NH1 1 
ATOM   920  N  NH2 . ARG A 1 119 ? 9.469   -4.097  10.281  1.00 94.51  ?  113 ARG A NH2 1 
ATOM   921  N  N   . ALA A 1 120 ? 3.054   -3.292  7.792   1.00 47.36  ?  114 ALA A N   1 
ATOM   922  C  CA  . ALA A 1 120 ? 2.119   -2.180  7.782   1.00 45.45  ?  114 ALA A CA  1 
ATOM   923  C  C   . ALA A 1 120 ? 0.890   -2.529  6.947   1.00 48.29  ?  114 ALA A C   1 
ATOM   924  O  O   . ALA A 1 120 ? -0.239  -2.213  7.330   1.00 45.27  ?  114 ALA A O   1 
ATOM   925  C  CB  . ALA A 1 120 ? 2.775   -0.891  7.298   1.00 33.75  ?  114 ALA A CB  1 
ATOM   926  N  N   . LEU A 1 121 ? 1.105   -3.172  5.801   1.00 50.23  ?  115 LEU A N   1 
ATOM   927  C  CA  . LEU A 1 121 ? -0.014  -3.572  4.954   1.00 37.84  ?  115 LEU A CA  1 
ATOM   928  C  C   . LEU A 1 121 ? -0.903  -4.612  5.655   1.00 38.28  ?  115 LEU A C   1 
ATOM   929  O  O   . LEU A 1 121 ? -2.127  -4.517  5.578   1.00 37.75  ?  115 LEU A O   1 
ATOM   930  C  CB  . LEU A 1 121 ? 0.463   -4.057  3.582   1.00 34.86  ?  115 LEU A CB  1 
ATOM   931  C  CG  . LEU A 1 121 ? -0.589  -4.335  2.517   1.00 57.90  ?  115 LEU A CG  1 
ATOM   932  C  CD1 . LEU A 1 121 ? -1.438  -3.100  2.262   1.00 57.90  ?  115 LEU A CD1 1 
ATOM   933  C  CD2 . LEU A 1 121 ? 0.084   -4.790  1.226   1.00 57.10  ?  115 LEU A CD2 1 
ATOM   934  N  N   . TRP A 1 122 ? -0.304  -5.598  6.328   1.00 41.44  ?  116 TRP A N   1 
ATOM   935  C  CA  . TRP A 1 122 ? -1.104  -6.596  7.047   1.00 44.47  ?  116 TRP A CA  1 
ATOM   936  C  C   . TRP A 1 122 ? -1.815  -5.973  8.237   1.00 44.62  ?  116 TRP A C   1 
ATOM   937  O  O   . TRP A 1 122 ? -2.895  -6.417  8.624   1.00 44.10  ?  116 TRP A O   1 
ATOM   938  C  CB  . TRP A 1 122 ? -0.255  -7.779  7.528   1.00 50.18  ?  116 TRP A CB  1 
ATOM   939  C  CG  . TRP A 1 122 ? 0.261   -8.687  6.460   1.00 67.39  ?  116 TRP A CG  1 
ATOM   940  C  CD1 . TRP A 1 122 ? 1.475   -8.656  5.847   1.00 64.56  ?  116 TRP A CD1 1 
ATOM   941  C  CD2 . TRP A 1 122 ? -0.462  -9.769  5.866   1.00 56.30  ?  116 TRP A CD2 1 
ATOM   942  N  NE1 . TRP A 1 122 ? 1.561   -9.665  4.916   1.00 67.60  ?  116 TRP A NE1 1 
ATOM   943  C  CE2 . TRP A 1 122 ? 0.381   -10.361 4.908   1.00 69.84  ?  116 TRP A CE2 1 
ATOM   944  C  CE3 . TRP A 1 122 ? -1.743  -10.297 6.057   1.00 39.92  ?  116 TRP A CE3 1 
ATOM   945  C  CZ2 . TRP A 1 122 ? -0.017  -11.453 4.139   1.00 79.34  ?  116 TRP A CZ2 1 
ATOM   946  C  CZ3 . TRP A 1 122 ? -2.136  -11.381 5.295   1.00 51.53  ?  116 TRP A CZ3 1 
ATOM   947  C  CH2 . TRP A 1 122 ? -1.276  -11.948 4.348   1.00 71.63  ?  116 TRP A CH2 1 
ATOM   948  N  N   . LEU A 1 123 ? -1.199  -4.950  8.819   1.00 38.42  ?  117 LEU A N   1 
ATOM   949  C  CA  . LEU A 1 123 ? -1.828  -4.229  9.912   1.00 39.79  ?  117 LEU A CA  1 
ATOM   950  C  C   . LEU A 1 123 ? -3.067  -3.516  9.386   1.00 51.03  ?  117 LEU A C   1 
ATOM   951  O  O   . LEU A 1 123 ? -4.111  -3.522  10.035  1.00 48.05  ?  117 LEU A O   1 
ATOM   952  C  CB  . LEU A 1 123 ? -0.849  -3.220  10.515  1.00 36.86  ?  117 LEU A CB  1 
ATOM   953  C  CG  . LEU A 1 123 ? -1.285  -2.467  11.771  1.00 39.53  ?  117 LEU A CG  1 
ATOM   954  C  CD1 . LEU A 1 123 ? -1.782  -3.436  12.826  1.00 32.08  ?  117 LEU A CD1 1 
ATOM   955  C  CD2 . LEU A 1 123 ? -0.131  -1.643  12.307  1.00 39.90  ?  117 LEU A CD2 1 
ATOM   956  N  N   . LEU A 1 124 ? -2.952  -2.915  8.207   1.00 46.88  ?  118 LEU A N   1 
ATOM   957  C  CA  . LEU A 1 124 ? -4.105  -2.308  7.547   1.00 25.57  ?  118 LEU A CA  1 
ATOM   958  C  C   . LEU A 1 124 ? -5.216  -3.319  7.271   1.00 29.31  ?  118 LEU A C   1 
ATOM   959  O  O   . LEU A 1 124 ? -6.395  -3.036  7.482   1.00 41.29  ?  118 LEU A O   1 
ATOM   960  C  CB  . LEU A 1 124 ? -3.720  -1.579  6.257   1.00 25.28  ?  118 LEU A CB  1 
ATOM   961  C  CG  . LEU A 1 124 ? -3.187  -0.159  6.441   1.00 33.44  ?  118 LEU A CG  1 
ATOM   962  C  CD1 . LEU A 1 124 ? -2.644  0.394   5.135   1.00 40.31  ?  118 LEU A CD1 1 
ATOM   963  C  CD2 . LEU A 1 124 ? -4.281  0.737   6.996   1.00 34.30  ?  118 LEU A CD2 1 
ATOM   964  N  N   . VAL A 1 125 ? -4.825  -4.496  6.792   1.00 29.25  ?  119 VAL A N   1 
ATOM   965  C  CA  . VAL A 1 125 ? -5.754  -5.595  6.558   1.00 36.00  ?  119 VAL A CA  1 
ATOM   966  C  C   . VAL A 1 125 ? -6.486  -6.024  7.828   1.00 34.46  ?  119 VAL A C   1 
ATOM   967  O  O   . VAL A 1 125 ? -7.701  -6.225  7.818   1.00 36.15  ?  119 VAL A O   1 
ATOM   968  C  CB  . VAL A 1 125 ? -5.040  -6.799  5.893   1.00 41.10  ?  119 VAL A CB  1 
ATOM   969  C  CG1 . VAL A 1 125 ? -5.919  -8.045  5.939   1.00 33.96  ?  119 VAL A CG1 1 
ATOM   970  C  CG2 . VAL A 1 125 ? -4.661  -6.469  4.457   1.00 48.67  ?  119 VAL A CG2 1 
ATOM   971  N  N   . ALA A 1 126 ? -5.744  -6.145  8.924   1.00 33.74  ?  120 ALA A N   1 
ATOM   972  C  CA  . ALA A 1 126 ? -6.313  -6.604  10.186  1.00 51.36  ?  120 ALA A CA  1 
ATOM   973  C  C   . ALA A 1 126 ? -7.316  -5.589  10.724  1.00 46.04  ?  120 ALA A C   1 
ATOM   974  O  O   . ALA A 1 126 ? -8.357  -5.964  11.259  1.00 38.92  ?  120 ALA A O   1 
ATOM   975  C  CB  . ALA A 1 126 ? -5.212  -6.846  11.201  1.00 60.80  ?  120 ALA A CB  1 
ATOM   976  N  N   . LEU A 1 127 ? -7.009  -4.306  10.562  1.00 45.71  ?  121 LEU A N   1 
ATOM   977  C  CA  . LEU A 1 127 ? -7.923  -3.248  10.982  1.00 36.77  ?  121 LEU A CA  1 
ATOM   978  C  C   . LEU A 1 127 ? -9.186  -3.262  10.134  1.00 40.75  ?  121 LEU A C   1 
ATOM   979  O  O   . LEU A 1 127 ? -10.294 -3.114  10.648  1.00 42.77  ?  121 LEU A O   1 
ATOM   980  C  CB  . LEU A 1 127 ? -7.270  -1.863  10.945  1.00 33.99  ?  121 LEU A CB  1 
ATOM   981  C  CG  . LEU A 1 127 ? -5.979  -1.678  11.745  1.00 26.43  ?  121 LEU A CG  1 
ATOM   982  C  CD1 . LEU A 1 127 ? -5.564  -0.213  11.752  1.00 31.73  ?  121 LEU A CD1 1 
ATOM   983  C  CD2 . LEU A 1 127 ? -6.145  -2.201  13.160  1.00 29.64  ?  121 LEU A CD2 1 
ATOM   984  N  N   . ALA A 1 128 ? -9.001  -3.423  8.827   1.00 39.10  ?  122 ALA A N   1 
ATOM   985  C  CA  . ALA A 1 128 ? -10.118 -3.590  7.907   1.00 30.97  ?  122 ALA A CA  1 
ATOM   986  C  C   . ALA A 1 128 ? -10.991 -4.765  8.326   1.00 32.86  ?  122 ALA A C   1 
ATOM   987  O  O   . ALA A 1 128 ? -12.213 -4.641  8.411   1.00 32.71  ?  122 ALA A O   1 
ATOM   988  C  CB  . ALA A 1 128 ? -9.631  -3.753  6.478   1.00 28.96  ?  122 ALA A CB  1 
ATOM   989  N  N   . ALA A 1 129 ? -10.358 -5.908  8.579   1.00 44.08  ?  123 ALA A N   1 
ATOM   990  C  CA  . ALA A 1 129 ? -11.087 -7.100  8.990   1.00 45.74  ?  123 ALA A CA  1 
ATOM   991  C  C   . ALA A 1 129 ? -11.836 -6.891  10.307  1.00 42.37  ?  123 ALA A C   1 
ATOM   992  O  O   . ALA A 1 129 ? -12.995 -7.280  10.433  1.00 37.14  ?  123 ALA A O   1 
ATOM   993  C  CB  . ALA A 1 129 ? -10.159 -8.299  9.101   1.00 41.93  ?  123 ALA A CB  1 
ATOM   994  N  N   . LEU A 1 130 ? -11.172 -6.275  11.281  1.00 36.31  ?  124 LEU A N   1 
ATOM   995  C  CA  . LEU A 1 130 ? -11.790 -6.029  12.581  1.00 42.08  ?  124 LEU A CA  1 
ATOM   996  C  C   . LEU A 1 130 ? -12.957 -5.055  12.470  1.00 47.24  ?  124 LEU A C   1 
ATOM   997  O  O   . LEU A 1 130 ? -14.011 -5.265  13.073  1.00 45.38  ?  124 LEU A O   1 
ATOM   998  C  CB  . LEU A 1 130 ? -10.759 -5.455  13.558  1.00 42.71  ?  124 LEU A CB  1 
ATOM   999  C  CG  . LEU A 1 130 ? -9.663  -6.407  14.045  1.00 51.65  ?  124 LEU A CG  1 
ATOM   1000 C  CD1 . LEU A 1 130 ? -8.681  -5.674  14.944  1.00 24.57  ?  124 LEU A CD1 1 
ATOM   1001 C  CD2 . LEU A 1 130 ? -10.271 -7.600  14.766  1.00 34.94  ?  124 LEU A CD2 1 
ATOM   1002 N  N   . GLY A 1 131 ? -12.754 -3.984  11.706  1.00 45.37  ?  125 GLY A N   1 
ATOM   1003 C  CA  . GLY A 1 131 ? -13.792 -2.997  11.461  1.00 34.92  ?  125 GLY A CA  1 
ATOM   1004 C  C   . GLY A 1 131 ? -15.037 -3.543  10.795  1.00 38.81  ?  125 GLY A C   1 
ATOM   1005 O  O   . GLY A 1 131 ? -16.158 -3.222  11.194  1.00 43.66  ?  125 GLY A O   1 
ATOM   1006 N  N   . LEU A 1 132 ? -14.836 -4.370  9.775   1.00 33.81  ?  126 LEU A N   1 
ATOM   1007 C  CA  . LEU A 1 132 ? -15.943 -5.022  9.096   1.00 33.35  ?  126 LEU A CA  1 
ATOM   1008 C  C   . LEU A 1 132 ? -16.663 -6.023  9.994   1.00 38.85  ?  126 LEU A C   1 
ATOM   1009 O  O   . LEU A 1 132 ? -17.886 -6.100  9.994   1.00 40.39  ?  126 LEU A O   1 
ATOM   1010 C  CB  . LEU A 1 132 ? -15.472 -5.684  7.800   1.00 25.59  ?  126 LEU A CB  1 
ATOM   1011 C  CG  . LEU A 1 132 ? -15.112 -4.719  6.676   1.00 32.27  ?  126 LEU A CG  1 
ATOM   1012 C  CD1 . LEU A 1 132 ? -14.442 -5.467  5.539   1.00 44.31  ?  126 LEU A CD1 1 
ATOM   1013 C  CD2 . LEU A 1 132 ? -16.345 -3.987  6.191   1.00 39.07  ?  126 LEU A CD2 1 
ATOM   1014 N  N   . LEU A 1 133 ? -15.883 -6.779  10.757  1.00 43.86  ?  127 LEU A N   1 
ATOM   1015 C  CA  . LEU A 1 133 ? -16.415 -7.711  11.743  1.00 45.88  ?  127 LEU A CA  1 
ATOM   1016 C  C   . LEU A 1 133 ? -17.259 -6.983  12.777  1.00 48.33  ?  127 LEU A C   1 
ATOM   1017 O  O   . LEU A 1 133 ? -18.331 -7.458  13.146  1.00 43.61  ?  127 LEU A O   1 
ATOM   1018 C  CB  . LEU A 1 133 ? -15.242 -8.434  12.435  1.00 53.49  ?  127 LEU A CB  1 
ATOM   1019 C  CG  . LEU A 1 133 ? -15.329 -9.986  12.481  1.00 60.66  ?  127 LEU A CG  1 
ATOM   1020 C  CD1 . LEU A 1 133 ? -16.418 -10.513 11.589  1.00 44.88  ?  127 LEU A CD1 1 
ATOM   1021 C  CD2 . LEU A 1 133 ? -14.007 -10.651 12.160  1.00 90.90  ?  127 LEU A CD2 1 
ATOM   1022 N  N   . ALA A 1 134 ? -16.773 -5.846  13.268  1.00 43.39  ?  128 ALA A N   1 
ATOM   1023 C  CA  . ALA A 1 134 ? -17.539 -5.059  14.220  1.00 33.54  ?  128 ALA A CA  1 
ATOM   1024 C  C   . ALA A 1 134 ? -18.881 -4.605  13.645  1.00 41.41  ?  128 ALA A C   1 
ATOM   1025 O  O   . ALA A 1 134 ? -19.884 -4.542  14.356  1.00 55.82  ?  128 ALA A O   1 
ATOM   1026 C  CB  . ALA A 1 134 ? -16.733 -3.848  14.698  1.00 21.12  ?  128 ALA A CB  1 
ATOM   1027 N  N   . HIS A 1 135 ? -18.880 -4.268  12.359  1.00 35.64  ?  129 HIS A N   1 
ATOM   1028 C  CA  . HIS A 1 135 ? -20.098 -3.902  11.643  1.00 41.34  ?  129 HIS A CA  1 
ATOM   1029 C  C   . HIS A 1 135 ? -21.087 -5.063  11.429  1.00 42.69  ?  129 HIS A C   1 
ATOM   1030 O  O   . HIS A 1 135 ? -22.289 -4.907  11.650  1.00 46.19  ?  129 HIS A O   1 
ATOM   1031 C  CB  . HIS A 1 135 ? -19.791 -3.205  10.315  1.00 44.95  ?  129 HIS A CB  1 
ATOM   1032 C  CG  . HIS A 1 135 ? -21.017 -2.882  9.516   1.00 38.33  ?  129 HIS A CG  1 
ATOM   1033 N  ND1 . HIS A 1 135 ? -21.648 -3.799  8.702   1.00 50.68  ?  129 HIS A ND1 1 
ATOM   1034 C  CD2 . HIS A 1 135 ? -21.733 -1.736  9.418   1.00 47.24  ?  129 HIS A CD2 1 
ATOM   1035 C  CE1 . HIS A 1 135 ? -22.700 -3.229  8.138   1.00 51.66  ?  129 HIS A CE1 1 
ATOM   1036 N  NE2 . HIS A 1 135 ? -22.772 -1.978  8.554   1.00 62.98  ?  129 HIS A NE2 1 
ATOM   1037 N  N   . PHE A 1 136 ? -20.589 -6.223  10.999  1.00 45.28  ?  130 PHE A N   1 
ATOM   1038 C  CA  . PHE A 1 136 ? -21.466 -7.324  10.590  1.00 47.33  ?  130 PHE A CA  1 
ATOM   1039 C  C   . PHE A 1 136 ? -21.776 -8.328  11.687  1.00 56.32  ?  130 PHE A C   1 
ATOM   1040 O  O   . PHE A 1 136 ? -22.853 -8.925  11.685  1.00 45.32  ?  130 PHE A O   1 
ATOM   1041 C  CB  . PHE A 1 136 ? -20.844 -8.124  9.440   1.00 36.67  ?  130 PHE A CB  1 
ATOM   1042 C  CG  . PHE A 1 136 ? -20.867 -7.437  8.112   1.00 38.00  ?  130 PHE A CG  1 
ATOM   1043 C  CD1 . PHE A 1 136 ? -22.051 -7.313  7.406   1.00 49.79  ?  130 PHE A CD1 1 
ATOM   1044 C  CD2 . PHE A 1 136 ? -19.696 -6.968  7.539   1.00 50.17  ?  130 PHE A CD2 1 
ATOM   1045 C  CE1 . PHE A 1 136 ? -22.075 -6.704  6.167   1.00 46.89  ?  130 PHE A CE1 1 
ATOM   1046 C  CE2 . PHE A 1 136 ? -19.713 -6.357  6.302   1.00 51.34  ?  130 PHE A CE2 1 
ATOM   1047 C  CZ  . PHE A 1 136 ? -20.903 -6.231  5.614   1.00 46.76  ?  130 PHE A CZ  1 
ATOM   1048 N  N   . LEU A 1 137 ? -20.852 -8.532  12.615  1.00 49.11  ?  131 LEU A N   1 
ATOM   1049 C  CA  . LEU A 1 137 ? -20.978 -9.662  13.536  1.00 53.81  ?  131 LEU A CA  1 
ATOM   1050 C  C   . LEU A 1 137 ? -22.133 -9.529  14.550  1.00 54.00  ?  131 LEU A C   1 
ATOM   1051 O  O   . LEU A 1 137 ? -22.853 -10.497 14.773  1.00 61.21  ?  131 LEU A O   1 
ATOM   1052 C  CB  . LEU A 1 137 ? -19.638 -9.950  14.228  1.00 46.10  ?  131 LEU A CB  1 
ATOM   1053 C  CG  . LEU A 1 137 ? -19.531 -11.167 15.143  1.00 42.71  ?  131 LEU A CG  1 
ATOM   1054 C  CD1 . LEU A 1 137 ? -19.792 -12.452 14.370  1.00 50.63  ?  131 LEU A CD1 1 
ATOM   1055 C  CD2 . LEU A 1 137 ? -18.165 -11.207 15.812  1.00 55.16  ?  131 LEU A CD2 1 
ATOM   1056 N  N   . PRO A 1 138 ? -22.327 -8.336  15.152  1.00 49.31  ?  132 PRO A N   1 
ATOM   1057 C  CA  . PRO A 1 138 ? -23.474 -8.154  16.051  1.00 47.90  ?  132 PRO A CA  1 
ATOM   1058 C  C   . PRO A 1 138 ? -24.864 -8.416  15.468  1.00 51.47  ?  132 PRO A C   1 
ATOM   1059 O  O   . PRO A 1 138 ? -25.614 -9.211  16.037  1.00 57.81  ?  132 PRO A O   1 
ATOM   1060 C  CB  . PRO A 1 138 ? -23.329 -6.697  16.509  1.00 39.54  ?  132 PRO A CB  1 
ATOM   1061 C  CG  . PRO A 1 138 ? -21.868 -6.469  16.457  1.00 57.94  ?  132 PRO A CG  1 
ATOM   1062 C  CD  . PRO A 1 138 ? -21.462 -7.142  15.178  1.00 53.63  ?  132 PRO A CD  1 
ATOM   1063 N  N   . ALA A 1 139 ? -25.203 -7.753  14.366  1.00 47.09  ?  133 ALA A N   1 
ATOM   1064 C  CA  . ALA A 1 139 ? -26.461 -8.031  13.672  1.00 46.66  ?  133 ALA A CA  1 
ATOM   1065 C  C   . ALA A 1 139 ? -26.639 -9.499  13.291  1.00 45.95  ?  133 ALA A C   1 
ATOM   1066 O  O   . ALA A 1 139 ? -27.740 -10.040 13.391  1.00 54.05  ?  133 ALA A O   1 
ATOM   1067 C  CB  . ALA A 1 139 ? -26.623 -7.133  12.448  1.00 62.25  ?  133 ALA A CB  1 
ATOM   1068 N  N   . ALA A 1 140 ? -25.558 -10.135 12.853  1.00 53.26  ?  134 ALA A N   1 
ATOM   1069 C  CA  . ALA A 1 140 ? -25.615 -11.538 12.464  1.00 63.41  ?  134 ALA A CA  1 
ATOM   1070 C  C   . ALA A 1 140 ? -25.867 -12.430 13.678  1.00 60.77  ?  134 ALA A C   1 
ATOM   1071 O  O   . ALA A 1 140 ? -26.684 -13.350 13.629  1.00 60.43  ?  134 ALA A O   1 
ATOM   1072 C  CB  . ALA A 1 140 ? -24.325 -11.943 11.770  1.00 80.96  ?  134 ALA A CB  1 
ATOM   1073 N  N   . LEU A 1 141 ? -25.153 -12.150 14.766  1.00 50.42  ?  135 LEU A N   1 
ATOM   1074 C  CA  . LEU A 1 141 ? -25.303 -12.903 16.010  1.00 49.85  ?  135 LEU A CA  1 
ATOM   1075 C  C   . LEU A 1 141 ? -26.691 -12.758 16.625  1.00 58.65  ?  135 LEU A C   1 
ATOM   1076 O  O   . LEU A 1 141 ? -27.276 -13.734 17.092  1.00 54.99  ?  135 LEU A O   1 
ATOM   1077 C  CB  . LEU A 1 141 ? -24.228 -12.490 17.020  1.00 45.32  ?  135 LEU A CB  1 
ATOM   1078 C  CG  . LEU A 1 141 ? -22.797 -12.944 16.721  1.00 57.18  ?  135 LEU A CG  1 
ATOM   1079 C  CD1 . LEU A 1 141 ? -21.818 -12.295 17.687  1.00 49.82  ?  135 LEU A CD1 1 
ATOM   1080 C  CD2 . LEU A 1 141 ? -22.684 -14.461 16.760  1.00 51.24  ?  135 LEU A CD2 1 
ATOM   1081 N  N   . ARG A 1 142 ? -27.207 -11.533 16.627  1.00 58.85  ?  136 ARG A N   1 
ATOM   1082 C  CA  . ARG A 1 142 ? -28.560 -11.262 17.103  1.00 48.03  ?  136 ARG A CA  1 
ATOM   1083 C  C   . ARG A 1 142 ? -29.617 -12.038 16.320  1.00 53.66  ?  136 ARG A C   1 
ATOM   1084 O  O   . ARG A 1 142 ? -30.527 -12.628 16.905  1.00 65.47  ?  136 ARG A O   1 
ATOM   1085 C  CB  . ARG A 1 142 ? -28.886 -9.766  17.115  1.00 42.27  ?  136 ARG A CB  1 
ATOM   1086 C  CG  . ARG A 1 142 ? -30.300 -9.452  17.579  1.00 57.17  ?  136 ARG A CG  1 
ATOM   1087 C  CD  . ARG A 1 142 ? -30.501 -7.968  17.837  1.00 67.49  ?  136 ARG A CD  1 
ATOM   1088 N  NE  . ARG A 1 142 ? -30.516 -7.171  16.613  1.00 65.83  ?  136 ARG A NE  1 
ATOM   1089 C  CZ  . ARG A 1 142 ? -30.848 -5.885  16.568  1.00 99.64  ?  136 ARG A CZ  1 
ATOM   1090 N  NH1 . ARG A 1 142 ? -31.202 -5.249  17.678  1.00 99.85  ?  136 ARG A NH1 1 
ATOM   1091 N  NH2 . ARG A 1 142 ? -30.815 -5.226  15.419  1.00 141.36 ?  136 ARG A NH2 1 
ATOM   1092 N  N   . ALA A 1 143 ? -29.495 -12.030 14.996  1.00 57.47  ?  137 ALA A N   1 
ATOM   1093 C  CA  . ALA A 1 143 ? -30.443 -12.718 14.124  1.00 63.36  ?  137 ALA A CA  1 
ATOM   1094 C  C   . ALA A 1 143 ? -30.462 -14.219 14.410  1.00 69.88  ?  137 ALA A C   1 
ATOM   1095 O  O   . ALA A 1 143 ? -31.513 -14.861 14.349  1.00 70.54  ?  137 ALA A O   1 
ATOM   1096 C  CB  . ALA A 1 143 ? -30.101 -12.469 12.663  1.00 80.29  ?  137 ALA A CB  1 
ATOM   1097 N  N   . ALA A 1 144 ? -29.296 -14.773 14.726  1.00 56.74  ?  138 ALA A N   1 
ATOM   1098 C  CA  . ALA A 1 144 ? -29.160 -16.196 15.025  1.00 64.48  ?  138 ALA A CA  1 
ATOM   1099 C  C   . ALA A 1 144 ? -29.790 -16.553 16.368  1.00 72.15  ?  138 ALA A C   1 
ATOM   1100 O  O   . ALA A 1 144 ? -30.494 -17.553 16.490  1.00 93.63  ?  138 ALA A O   1 
ATOM   1101 C  CB  . ALA A 1 144 ? -27.697 -16.615 14.987  1.00 67.93  ?  138 ALA A CB  1 
ATOM   1102 N  N   . LEU A 1 145 ? -29.521 -15.722 17.371  1.00 67.99  ?  139 LEU A N   1 
ATOM   1103 C  CA  . LEU A 1 145 ? -30.204 -15.793 18.661  1.00 59.70  ?  139 LEU A CA  1 
ATOM   1104 C  C   . LEU A 1 145 ? -31.725 -15.684 18.567  1.00 59.97  ?  139 LEU A C   1 
ATOM   1105 O  O   . LEU A 1 145 ? -32.436 -16.455 19.214  1.00 72.31  ?  139 LEU A O   1 
ATOM   1106 C  CB  . LEU A 1 145 ? -29.672 -14.721 19.618  1.00 53.76  ?  139 LEU A CB  1 
ATOM   1107 C  CG  . LEU A 1 145 ? -28.213 -14.908 20.043  1.00 68.67  ?  139 LEU A CG  1 
ATOM   1108 C  CD1 . LEU A 1 145 ? -27.635 -13.623 20.621  1.00 68.39  ?  139 LEU A CD1 1 
ATOM   1109 C  CD2 . LEU A 1 145 ? -28.092 -16.055 21.036  1.00 72.95  ?  139 LEU A CD2 1 
ATOM   1110 N  N   . LEU A 1 146 ? -32.233 -14.722 17.802  1.00 61.20  ?  140 LEU A N   1 
ATOM   1111 C  CA  . LEU A 1 146 ? -33.680 -14.617 17.623  1.00 58.40  ?  140 LEU A CA  1 
ATOM   1112 C  C   . LEU A 1 146 ? -34.324 -15.897 17.086  1.00 74.08  ?  140 LEU A C   1 
ATOM   1113 O  O   . LEU A 1 146 ? -35.417 -16.270 17.513  1.00 80.32  ?  140 LEU A O   1 
ATOM   1114 C  CB  . LEU A 1 146 ? -34.054 -13.415 16.748  1.00 67.32  ?  140 LEU A CB  1 
ATOM   1115 C  CG  . LEU A 1 146 ? -33.797 -12.006 17.287  1.00 63.89  ?  140 LEU A CG  1 
ATOM   1116 C  CD1 . LEU A 1 146 ? -34.144 -10.974 16.226  1.00 71.41  ?  140 LEU A CD1 1 
ATOM   1117 C  CD2 . LEU A 1 146 ? -34.599 -11.759 18.553  1.00 71.96  ?  140 LEU A CD2 1 
ATOM   1118 N  N   . GLY A 1 147 ? -33.659 -16.566 16.151  1.00 81.78  ?  141 GLY A N   1 
ATOM   1119 C  CA  . GLY A 1 147 ? -34.187 -17.803 15.605  1.00 104.25 ?  141 GLY A CA  1 
ATOM   1120 C  C   . GLY A 1 147 ? -34.145 -18.928 16.624  1.00 103.40 ?  141 GLY A C   1 
ATOM   1121 O  O   . GLY A 1 147 ? -34.974 -19.832 16.616  1.00 100.55 ?  141 GLY A O   1 
ATOM   1122 N  N   . ARG A 1 148 ? -33.120 -18.885 17.467  1.00 91.05  ?  142 ARG A N   1 
ATOM   1123 C  CA  . ARG A 1 148 ? -32.917 -19.795 18.594  1.00 92.88  ?  142 ARG A CA  1 
ATOM   1124 C  C   . ARG A 1 148 ? -33.922 -19.640 19.755  1.00 100.01 ?  142 ARG A C   1 
ATOM   1125 O  O   . ARG A 1 148 ? -33.601 -20.011 20.883  1.00 113.23 ?  142 ARG A O   1 
ATOM   1126 C  CB  . ARG A 1 148 ? -31.534 -19.459 19.166  1.00 94.72  ?  142 ARG A CB  1 
ATOM   1127 C  CG  . ARG A 1 148 ? -30.820 -20.593 19.900  1.00 94.21  ?  142 ARG A CG  1 
ATOM   1128 C  CD  . ARG A 1 148 ? -29.738 -21.234 19.033  1.00 93.07  ?  142 ARG A CD  1 
ATOM   1129 N  NE  . ARG A 1 148 ? -30.145 -21.426 17.642  1.00 114.98 ?  142 ARG A NE  1 
ATOM   1130 C  CZ  . ARG A 1 148 ? -31.054 -22.309 17.237  1.00 117.33 ?  142 ARG A CZ  1 
ATOM   1131 N  NH1 . ARG A 1 148 ? -31.356 -22.407 15.949  1.00 114.91 ?  142 ARG A NH1 1 
ATOM   1132 N  NH2 . ARG A 1 148 ? -31.660 -23.098 18.115  1.00 132.31 ?  142 ARG A NH2 1 
ATOM   1133 N  N   . LEU A 1 149 ? -35.115 -19.094 19.528  1.00 93.90  ?  143 LEU A N   1 
ATOM   1134 C  CA  . LEU A 1 149 ? -35.821 -18.494 20.672  1.00 83.52  ?  143 LEU A CA  1 
ATOM   1135 C  C   . LEU A 1 149 ? -37.256 -18.850 21.178  1.00 88.59  ?  143 LEU A C   1 
ATOM   1136 O  O   . LEU A 1 149 ? -37.493 -18.639 22.368  1.00 104.86 ?  143 LEU A O   1 
ATOM   1137 C  CB  . LEU A 1 149 ? -35.631 -16.969 20.657  1.00 85.67  ?  143 LEU A CB  1 
ATOM   1138 C  CG  . LEU A 1 149 ? -35.432 -16.349 22.044  1.00 81.77  ?  143 LEU A CG  1 
ATOM   1139 C  CD1 . LEU A 1 149 ? -33.956 -16.326 22.425  1.00 60.52  ?  143 LEU A CD1 1 
ATOM   1140 C  CD2 . LEU A 1 149 ? -36.046 -14.961 22.133  1.00 70.51  ?  143 LEU A CD2 1 
ATOM   1141 N  N   . ARG A 1 150 ? -38.219 -19.377 20.409  1.00 97.23  ?  144 ARG A N   1 
ATOM   1142 C  CA  . ARG A 1 150 ? -38.106 -20.258 19.234  1.00 114.44 ?  144 ARG A CA  1 
ATOM   1143 C  C   . ARG A 1 150 ? -37.607 -21.714 19.409  1.00 121.23 ?  144 ARG A C   1 
ATOM   1144 O  O   . ARG A 1 150 ? -37.079 -22.262 18.439  1.00 109.17 ?  144 ARG A O   1 
ATOM   1145 C  CB  . ARG A 1 150 ? -37.628 -19.569 17.946  1.00 106.76 ?  144 ARG A CB  1 
ATOM   1146 C  CG  . ARG A 1 150 ? -38.749 -18.949 17.129  1.00 107.87 ?  144 ARG A CG  1 
ATOM   1147 C  CD  . ARG A 1 150 ? -38.876 -17.456 17.365  1.00 102.81 ?  144 ARG A CD  1 
ATOM   1148 N  NE  . ARG A 1 150 ? -38.334 -16.691 16.246  1.00 126.47 ?  144 ARG A NE  1 
ATOM   1149 C  CZ  . ARG A 1 150 ? -39.010 -16.411 15.136  1.00 128.69 ?  144 ARG A CZ  1 
ATOM   1150 N  NH1 . ARG A 1 150 ? -40.257 -16.834 14.994  1.00 114.81 ?  144 ARG A NH1 1 
ATOM   1151 N  NH2 . ARG A 1 150 ? -38.436 -15.708 14.168  1.00 124.14 ?  144 ARG A NH2 1 
ATOM   1152 N  N   . THR A 1 151 ? -37.743 -22.379 20.570  1.00 112.16 ?  145 THR A N   1 
ATOM   1153 C  CA  . THR A 1 151 ? -38.744 -22.233 21.663  1.00 102.87 ?  145 THR A CA  1 
ATOM   1154 C  C   . THR A 1 151 ? -39.896 -21.220 21.605  1.00 107.83 ?  145 THR A C   1 
ATOM   1155 O  O   . THR A 1 151 ? -40.786 -21.320 20.758  1.00 112.57 ?  145 THR A O   1 
ATOM   1156 C  CB  . THR A 1 151 ? -38.041 -22.059 23.034  1.00 93.72  ?  145 THR A CB  1 
ATOM   1157 O  OG1 . THR A 1 151 ? -36.788 -21.389 22.848  1.00 76.62  ?  145 THR A OG1 1 
ATOM   1158 C  CG2 . THR A 1 151 ? -37.791 -23.411 23.680  1.00 113.50 ?  145 THR A CG2 1 
ATOM   1159 N  N   . ALA A 1 156 ? -40.014 -21.398 29.881  1.00 28.80  ?  150 ALA A N   1 
HETATM 1160 NI NI  . NI  B 2 .   ? -23.442 11.645  3.692   0.33 124.96 ?  201 NI  A NI  1 
HETATM 1161 S  S   . SO4 C 3 .   ? 23.174  -7.137  -5.779  0.50 84.67  ?  202 SO4 A S   1 
HETATM 1162 O  O1  . SO4 C 3 .   ? 21.960  -6.805  -6.518  0.50 75.66  ?  202 SO4 A O1  1 
HETATM 1163 O  O2  . SO4 C 3 .   ? 23.785  -8.327  -6.364  0.50 83.51  ?  202 SO4 A O2  1 
HETATM 1164 O  O3  . SO4 C 3 .   ? 24.106  -6.014  -5.845  0.50 65.06  ?  202 SO4 A O3  1 
HETATM 1165 O  O4  . SO4 C 3 .   ? 22.835  -7.407  -4.385  0.50 70.40  ?  202 SO4 A O4  1 
HETATM 1166 O  O   . 1JP D 4 .   ? 8.993   -11.331 -7.889  1.00 96.56  ?  203 1JP A O   1 
HETATM 1167 C  C   . 1JP D 4 .   ? 7.932   -11.569 -7.248  1.00 97.46  ?  203 1JP A C   1 
HETATM 1168 O  OXT . 1JP D 4 .   ? 7.939   -11.614 -5.995  1.00 91.87  -1 203 1JP A OXT 1 
HETATM 1169 C  CA  . 1JP D 4 .   ? 6.662   -11.751 -8.010  1.00 101.58 ?  203 1JP A CA  1 
HETATM 1170 N  N   . 1JP D 4 .   ? 6.773   -10.983 -9.227  1.00 94.33  ?  203 1JP A N   1 
HETATM 1171 C  CB  . 1JP D 4 .   ? 5.453   -11.242 -7.292  1.00 80.57  ?  203 1JP A CB  1 
HETATM 1172 C  CG  . 1JP D 4 .   ? 5.102   -11.759 -5.944  1.00 61.03  ?  203 1JP A CG  1 
HETATM 1173 C  CD  . 1JP D 4 .   ? 5.174   -10.718 -4.874  1.00 59.83  ?  203 1JP A CD  1 
HETATM 1174 O  OE1 . 1JP D 4 .   ? 5.038   -9.546  -5.206  1.00 63.36  ?  203 1JP A OE1 1 
HETATM 1175 N  NE2 . 1JP D 4 .   ? 5.402   -11.063 -3.507  1.00 53.66  ?  203 1JP A NE2 1 
HETATM 1176 C  CBE . 1JP D 4 .   ? 5.484   -10.006 -2.546  1.00 57.58  ?  203 1JP A CBE 1 
HETATM 1177 C  CBA . 1JP D 4 .   ? 6.687   -9.221  -2.893  1.00 66.16  ?  203 1JP A CBA 1 
HETATM 1178 O  OAE . 1JP D 4 .   ? 7.689   -9.841  -3.217  1.00 77.97  ?  203 1JP A OAE 1 
HETATM 1179 N  NAU . 1JP D 4 .   ? 6.621   -7.784  -2.858  1.00 61.71  ?  203 1JP A NAU 1 
HETATM 1180 C  CAO . 1JP D 4 .   ? 7.715   -6.918  -3.177  1.00 75.18  ?  203 1JP A CAO 1 
HETATM 1181 C  CAX . 1JP D 4 .   ? 8.991   -7.466  -3.716  1.00 71.36  ?  203 1JP A CAX 1 
HETATM 1182 O  OAF . 1JP D 4 .   ? 10.093  -7.156  -3.199  1.00 64.24  ?  203 1JP A OAF 1 
HETATM 1183 O  OAB . 1JP D 4 .   ? 8.955   -8.268  -4.684  1.00 81.17  -1 203 1JP A OAB 1 
HETATM 1184 C  CAT . 1JP D 4 .   ? 5.683   -10.472 -1.145  1.00 52.41  ?  203 1JP A CAT 1 
HETATM 1185 S  S1  . 1JP D 4 .   ? 4.443   -11.440 -0.338  1.00 75.14  ?  203 1JP A S1  1 
HETATM 1186 C  CAS . 1JP D 4 .   ? 4.405   -10.991 1.363   1.00 71.06  ?  203 1JP A CAS 1 
HETATM 1187 C  CBD . 1JP D 4 .   ? 3.056   -10.743 1.927   1.00 83.73  ?  203 1JP A CBD 1 
HETATM 1188 O  OAH . 1JP D 4 .   ? 2.160   -11.561 1.266   1.00 85.90  ?  203 1JP A OAH 1 
HETATM 1189 C  CAR . 1JP D 4 .   ? 2.681   -9.320  1.686   1.00 65.05  ?  203 1JP A CAR 1 
HETATM 1190 C  CAP . 1JP D 4 .   ? 1.642   -9.034  0.662   1.00 68.37  ?  203 1JP A CAP 1 
HETATM 1191 C  CBB . 1JP D 4 .   ? 0.331   -8.511  1.147   1.00 69.94  ?  203 1JP A CBB 1 
HETATM 1192 C  CAL . 1JP D 4 .   ? -0.717  -8.313  0.264   1.00 59.13  ?  203 1JP A CAL 1 
HETATM 1193 C  CAJ . 1JP D 4 .   ? -1.930  -7.826  0.741   1.00 59.75  ?  203 1JP A CAJ 1 
HETATM 1194 C  CAI . 1JP D 4 .   ? -2.087  -7.538  2.088   1.00 68.24  ?  203 1JP A CAI 1 
HETATM 1195 C  CAK . 1JP D 4 .   ? -1.031  -7.738  2.967   1.00 62.49  ?  203 1JP A CAK 1 
HETATM 1196 C  CAM . 1JP D 4 .   ? 0.181   -8.221  2.491   1.00 74.87  ?  203 1JP A CAM 1 
# 
loop_
_pdbx_poly_seq_scheme.asym_id 
_pdbx_poly_seq_scheme.entity_id 
_pdbx_poly_seq_scheme.seq_id 
_pdbx_poly_seq_scheme.mon_id 
_pdbx_poly_seq_scheme.ndb_seq_num 
_pdbx_poly_seq_scheme.pdb_seq_num 
_pdbx_poly_seq_scheme.auth_seq_num 
_pdbx_poly_seq_scheme.pdb_mon_id 
_pdbx_poly_seq_scheme.auth_mon_id 
_pdbx_poly_seq_scheme.pdb_strand_id 
_pdbx_poly_seq_scheme.pdb_ins_code 
_pdbx_poly_seq_scheme.hetero 
A 1 1   MET 1   -5  ?   ?   ?   A . n 
A 1 2   HIS 2   -4  ?   ?   ?   A . n 
A 1 3   HIS 3   -3  ?   ?   ?   A . n 
A 1 4   HIS 4   -2  ?   ?   ?   A . n 
A 1 5   HIS 5   -1  -1  HIS HIS A . n 
A 1 6   HIS 6   0   0   HIS HIS A . n 
A 1 7   HIS 7   1   1   HIS HIS A . n 
A 1 8   LYS 8   2   2   LYS LYS A . n 
A 1 9   ASP 9   3   3   ASP ASP A . n 
A 1 10  GLU 10  4   4   GLU GLU A . n 
A 1 11  VAL 11  5   5   VAL VAL A . n 
A 1 12  ALA 12  6   6   ALA ALA A . n 
A 1 13  LEU 13  7   7   LEU LEU A . n 
A 1 14  LEU 14  8   8   LEU LEU A . n 
A 1 15  ALA 15  9   9   ALA ALA A . n 
A 1 16  ALA 16  10  10  ALA ALA A . n 
A 1 17  VAL 17  11  11  VAL VAL A . n 
A 1 18  THR 18  12  12  THR THR A . n 
A 1 19  LEU 19  13  13  LEU LEU A . n 
A 1 20  LEU 20  14  14  LEU LEU A . n 
A 1 21  GLY 21  15  15  GLY GLY A . n 
A 1 22  VAL 22  16  16  VAL VAL A . n 
A 1 23  LEU 23  17  17  LEU LEU A . n 
A 1 24  LEU 24  18  18  LEU LEU A . n 
A 1 25  GLN 25  19  19  GLN GLN A . n 
A 1 26  ALA 26  20  20  ALA ALA A . n 
A 1 27  TYR 27  21  21  TYR TYR A . n 
A 1 28  PHE 28  22  22  PHE PHE A . n 
A 1 29  SER 29  23  23  SER SER A . n 
A 1 30  LEU 30  24  24  LEU LEU A . n 
A 1 31  GLN 31  25  25  GLN GLN A . n 
A 1 32  VAL 32  26  26  VAL VAL A . n 
A 1 33  ILE 33  27  27  ILE ILE A . n 
A 1 34  SER 34  28  28  SER SER A . n 
A 1 35  ALA 35  29  29  ALA ALA A . n 
A 1 36  ARG 36  30  30  ARG ARG A . n 
A 1 37  ARG 37  31  31  ARG ARG A . n 
A 1 38  ALA 38  32  32  ALA ALA A . n 
A 1 39  PHE 39  33  33  PHE PHE A . n 
A 1 40  ARG 40  34  34  ARG ARG A . n 
A 1 41  VAL 41  35  35  VAL VAL A . n 
A 1 42  SER 42  36  36  SER SER A . n 
A 1 43  PRO 43  37  37  PRO PRO A . n 
A 1 44  PRO 44  38  38  PRO PRO A . n 
A 1 45  LEU 45  39  39  LEU LEU A . n 
A 1 46  THR 46  40  40  THR THR A . n 
A 1 47  THR 47  41  41  THR THR A . n 
A 1 48  GLY 48  42  42  GLY GLY A . n 
A 1 49  PRO 49  43  43  PRO PRO A . n 
A 1 50  PRO 50  44  44  PRO PRO A . n 
A 1 51  GLU 51  45  45  GLU GLU A . n 
A 1 52  PHE 52  46  46  PHE PHE A . n 
A 1 53  GLU 53  47  47  GLU GLU A . n 
A 1 54  ARG 54  48  48  ARG ARG A . n 
A 1 55  VAL 55  49  49  VAL VAL A . n 
A 1 56  TYR 56  50  50  TYR TYR A . n 
A 1 57  ARG 57  51  51  ARG ARG A . n 
A 1 58  ALA 58  52  52  ALA ALA A . n 
A 1 59  GLN 59  53  53  GLN GLN A . n 
A 1 60  VAL 60  54  54  VAL VAL A . n 
A 1 61  ASN 61  55  55  ASN ASN A . n 
A 1 62  CYS 62  56  56  CYS CYS A . n 
A 1 63  SER 63  57  57  SER SER A . n 
A 1 64  GLU 64  58  58  GLU GLU A . n 
A 1 65  TYR 65  59  59  TYR TYR A . n 
A 1 66  PHE 66  60  60  PHE PHE A . n 
A 1 67  PRO 67  61  61  PRO PRO A . n 
A 1 68  LEU 68  62  62  LEU LEU A . n 
A 1 69  PHE 69  63  63  PHE PHE A . n 
A 1 70  LEU 70  64  64  LEU LEU A . n 
A 1 71  ALA 71  65  65  ALA ALA A . n 
A 1 72  THR 72  66  66  THR THR A . n 
A 1 73  LEU 73  67  67  LEU LEU A . n 
A 1 74  TRP 74  68  68  TRP TRP A . n 
A 1 75  VAL 75  69  69  VAL VAL A . n 
A 1 76  ALA 76  70  70  ALA ALA A . n 
A 1 77  GLY 77  71  71  GLY GLY A . n 
A 1 78  ILE 78  72  72  ILE ILE A . n 
A 1 79  PHE 79  73  73  PHE PHE A . n 
A 1 80  PHE 80  74  74  PHE PHE A . n 
A 1 81  HIS 81  75  75  HIS HIS A . n 
A 1 82  GLU 82  76  76  GLU GLU A . n 
A 1 83  GLY 83  77  77  GLY GLY A . n 
A 1 84  ALA 84  78  78  ALA ALA A . n 
A 1 85  ALA 85  79  79  ALA ALA A . n 
A 1 86  ALA 86  80  80  ALA ALA A . n 
A 1 87  LEU 87  81  81  LEU LEU A . n 
A 1 88  CYS 88  82  82  CYS CYS A . n 
A 1 89  GLY 89  83  83  GLY GLY A . n 
A 1 90  LEU 90  84  84  LEU LEU A . n 
A 1 91  VAL 91  85  85  VAL VAL A . n 
A 1 92  TYR 92  86  86  TYR TYR A . n 
A 1 93  LEU 93  87  87  LEU LEU A . n 
A 1 94  PHE 94  88  88  PHE PHE A . n 
A 1 95  ALA 95  89  89  ALA ALA A . n 
A 1 96  ARG 96  90  90  ARG ARG A . n 
A 1 97  LEU 97  91  91  LEU LEU A . n 
A 1 98  ARG 98  92  92  ARG ARG A . n 
A 1 99  TYR 99  93  93  TYR TYR A . n 
A 1 100 PHE 100 94  94  PHE PHE A . n 
A 1 101 GLN 101 95  95  GLN GLN A . n 
A 1 102 GLY 102 96  96  GLY GLY A . n 
A 1 103 TYR 103 97  97  TYR TYR A . n 
A 1 104 ALA 104 98  98  ALA ALA A . n 
A 1 105 ARG 105 99  99  ARG ARG A . n 
A 1 106 SER 106 100 100 SER SER A . n 
A 1 107 ALA 107 101 101 ALA ALA A . n 
A 1 108 GLN 108 102 102 GLN GLN A . n 
A 1 109 LEU 109 103 103 LEU LEU A . n 
A 1 110 ARG 110 104 104 ARG ARG A . n 
A 1 111 LEU 111 105 105 LEU LEU A . n 
A 1 112 ALA 112 106 106 ALA ALA A . n 
A 1 113 PRO 113 107 107 PRO PRO A . n 
A 1 114 LEU 114 108 108 LEU LEU A . n 
A 1 115 TYR 115 109 109 TYR TYR A . n 
A 1 116 ALA 116 110 110 ALA ALA A . n 
A 1 117 SER 117 111 111 SER SER A . n 
A 1 118 ALA 118 112 112 ALA ALA A . n 
A 1 119 ARG 119 113 113 ARG ARG A . n 
A 1 120 ALA 120 114 114 ALA ALA A . n 
A 1 121 LEU 121 115 115 LEU LEU A . n 
A 1 122 TRP 122 116 116 TRP TRP A . n 
A 1 123 LEU 123 117 117 LEU LEU A . n 
A 1 124 LEU 124 118 118 LEU LEU A . n 
A 1 125 VAL 125 119 119 VAL VAL A . n 
A 1 126 ALA 126 120 120 ALA ALA A . n 
A 1 127 LEU 127 121 121 LEU LEU A . n 
A 1 128 ALA 128 122 122 ALA ALA A . n 
A 1 129 ALA 129 123 123 ALA ALA A . n 
A 1 130 LEU 130 124 124 LEU LEU A . n 
A 1 131 GLY 131 125 125 GLY GLY A . n 
A 1 132 LEU 132 126 126 LEU LEU A . n 
A 1 133 LEU 133 127 127 LEU LEU A . n 
A 1 134 ALA 134 128 128 ALA ALA A . n 
A 1 135 HIS 135 129 129 HIS HIS A . n 
A 1 136 PHE 136 130 130 PHE PHE A . n 
A 1 137 LEU 137 131 131 LEU LEU A . n 
A 1 138 PRO 138 132 132 PRO PRO A . n 
A 1 139 ALA 139 133 133 ALA ALA A . n 
A 1 140 ALA 140 134 134 ALA ALA A . n 
A 1 141 LEU 141 135 135 LEU LEU A . n 
A 1 142 ARG 142 136 136 ARG ARG A . n 
A 1 143 ALA 143 137 137 ALA ALA A . n 
A 1 144 ALA 144 138 138 ALA ALA A . n 
A 1 145 LEU 145 139 139 LEU LEU A . n 
A 1 146 LEU 146 140 140 LEU LEU A . n 
A 1 147 GLY 147 141 141 GLY GLY A . n 
A 1 148 ARG 148 142 142 ARG ARG A . n 
A 1 149 LEU 149 143 143 LEU LEU A . n 
A 1 150 ARG 150 144 144 ARG ARG A . n 
A 1 151 THR 151 145 145 THR THR A . n 
A 1 152 LEU 152 146 ?   ?   ?   A . n 
A 1 153 LEU 153 147 ?   ?   ?   A . n 
A 1 154 PRO 154 148 ?   ?   ?   A . n 
A 1 155 TRP 155 149 ?   ?   ?   A . n 
A 1 156 ALA 156 150 150 ALA ALA A . n 
# 
loop_
_pdbx_nonpoly_scheme.asym_id 
_pdbx_nonpoly_scheme.entity_id 
_pdbx_nonpoly_scheme.mon_id 
_pdbx_nonpoly_scheme.ndb_seq_num 
_pdbx_nonpoly_scheme.pdb_seq_num 
_pdbx_nonpoly_scheme.auth_seq_num 
_pdbx_nonpoly_scheme.pdb_mon_id 
_pdbx_nonpoly_scheme.auth_mon_id 
_pdbx_nonpoly_scheme.pdb_strand_id 
_pdbx_nonpoly_scheme.pdb_ins_code 
B 2 NI  1 201 1151 NI  NI  A . 
C 3 SO4 1 202 1164 SO4 SO4 A . 
D 4 1JP 1 203 1    1JP DRG A . 
# 
loop_
_pdbx_struct_assembly.id 
_pdbx_struct_assembly.details 
_pdbx_struct_assembly.method_details 
_pdbx_struct_assembly.oligomeric_details 
_pdbx_struct_assembly.oligomeric_count 
1 author_and_software_defined_assembly PISA trimeric    3  
2 software_defined_assembly            PISA dodecameric 12 
# 
loop_
_pdbx_struct_assembly_gen.assembly_id 
_pdbx_struct_assembly_gen.oper_expression 
_pdbx_struct_assembly_gen.asym_id_list 
1 1,2,3                      A,B,C,D 
2 1,4,5,6,7,8,9,2,10,3,11,12 A,B,C,D 
# 
loop_
_pdbx_struct_assembly_prop.biol_id 
_pdbx_struct_assembly_prop.type 
_pdbx_struct_assembly_prop.value 
_pdbx_struct_assembly_prop.details 
1 'ABSA (A^2)' 7560  ? 
1 MORE         -113  ? 
1 'SSA (A^2)'  20570 ? 
2 'ABSA (A^2)' 35840 ? 
2 MORE         -497  ? 
2 'SSA (A^2)'  77530 ? 
# 
loop_
_pdbx_struct_oper_list.id 
_pdbx_struct_oper_list.type 
_pdbx_struct_oper_list.name 
_pdbx_struct_oper_list.symmetry_operation 
_pdbx_struct_oper_list.matrix[1][1] 
_pdbx_struct_oper_list.matrix[1][2] 
_pdbx_struct_oper_list.matrix[1][3] 
_pdbx_struct_oper_list.vector[1] 
_pdbx_struct_oper_list.matrix[2][1] 
_pdbx_struct_oper_list.matrix[2][2] 
_pdbx_struct_oper_list.matrix[2][3] 
_pdbx_struct_oper_list.vector[2] 
_pdbx_struct_oper_list.matrix[3][1] 
_pdbx_struct_oper_list.matrix[3][2] 
_pdbx_struct_oper_list.matrix[3][3] 
_pdbx_struct_oper_list.vector[3] 
1  'identity operation'         1_555  x,y,z           1.0000000000  0.0000000000  0.0000000000  0.0000000000   0.0000000000  1.0000000000  0.0000000000  0.0000000000   0.0000000000  0.0000000000  1.0000000000  0.0000000000   
2  'crystal symmetry operation' 24_544 -y,-z-1/2,x-1/2 0.2917142075  -0.9452516080 -0.1462949716 -5.1264159408  -0.0709553194 -0.1739112077 0.9822017280  8.2611569061   -0.9538700980 -0.2761417923 -0.1178029999 -15.0089818339 
3  'crystal symmetry operation' 30_554 z+1/2,-x,-y-1/2 0.2917142075  -0.0709553194 -0.9538700980 -12.2349975819 -0.9452516080 -0.1739112077 -0.2761417923 -7.5536522809  -0.1462949716 0.9822017280  -0.1178029999 -10.6321945480 
4  'crystal symmetry operation' 2_555  -x,-y,z         -0.9836897746 0.0694079787  0.1659426401  46.8218501022  0.0694079787  -0.7046351353 0.7061670189  -11.0189495009 0.1659426401  0.7061670189  0.6883249099  0.0067980403   
5  'crystal symmetry operation' 3_554  -x,y,-z-1       -0.5557052794 -0.7816357227 0.2832617860  26.8067781178  -0.7816357227 0.3751106523  -0.4983348227 -7.7234426447  0.2832617860  -0.4983348227 -0.8194053729 -63.3584534020 
6  'crystal symmetry operation' 4_554  x,-y,-z-1       0.5393950541  0.7122277440  -0.4492044261 9.4023590050   0.7122277440  -0.6704755170 -0.2078321962 -48.4577863235 -0.4492044261 -0.2078321962 -0.8689195370 -44.6100566251 
7  'crystal symmetry operation' 21_554 y,z+1/2,x-1/2   -0.4501688707 0.8719398178  0.1925329635  49.9474131760  -0.6033466989 -0.1380662824 -0.7854364790 -27.7947130423 -0.6582710298 -0.4697431808 0.5882351531  -5.3411924788  
8  'crystal symmetry operation' 22_554 -y,z+1/2,-x-1/2 0.5352955236  -0.5096843140 0.6735581657  19.2631218176  0.4535856737  -0.4992400582 -0.7382542928 -54.5285157738 0.7125438506  0.7007005526  -0.0360554654 -30.9825847315 
9  'crystal symmetry operation' 23_544 y,-z-1/2,-x-1/2 -0.3768408604 0.5829961042  -0.7197961576 18.9468681722  0.2207163446  0.8112175483  0.5414890438  6.8618934409   0.8995972772  0.0451844205  -0.4343766879 -56.6289529425 
10 'crystal symmetry operation' 29_554 z+1/2,x,y-1/2   -0.4501688707 -0.6033466989 -0.6582710298 2.1989699498   0.8719398178  -0.1380662824 -0.4697431808 -49.8976397866 0.1925329635  -0.7854364790 0.5882351531  -28.3056278513 
11 'crystal symmetry operation' 31_454 -z-1/2,-x,y-1/2 0.5352955236  0.4535856737  0.7125438506  36.4983409113  -0.5096843140 -0.4992400582 0.7007005526  4.3048058828   0.6735581657  -0.7382542928 -0.0360554654 -54.3478353601 
12 'crystal symmetry operation' 32_454 -z-1/2,x,-y-1/2 -0.3768408604 0.2207163446  0.8995972772  56.5686739458  0.5829961042  0.8112175483  0.0451844205  -14.0536922844 -0.7197961576 0.5414890438  -0.4343766879 -14.6760542274  
# 
loop_
_pdbx_struct_special_symmetry.id 
_pdbx_struct_special_symmetry.PDB_model_num 
_pdbx_struct_special_symmetry.auth_asym_id 
_pdbx_struct_special_symmetry.auth_comp_id 
_pdbx_struct_special_symmetry.auth_seq_id 
_pdbx_struct_special_symmetry.PDB_ins_code 
_pdbx_struct_special_symmetry.label_asym_id 
_pdbx_struct_special_symmetry.label_comp_id 
_pdbx_struct_special_symmetry.label_seq_id 
1 1 A NI  201 ? B NI  . 
2 1 A SO4 202 ? C SO4 . 
# 
loop_
_pdbx_audit_revision_history.ordinal 
_pdbx_audit_revision_history.data_content_type 
_pdbx_audit_revision_history.major_revision 
_pdbx_audit_revision_history.minor_revision 
_pdbx_audit_revision_history.revision_date 
1 'Structure model' 1 0 2014-01-01 
2 'Structure model' 1 1 2014-01-22 
3 'Structure model' 1 2 2014-03-12 
4 'Structure model' 1 3 2023-09-20 
# 
_pdbx_audit_revision_details.ordinal             1 
_pdbx_audit_revision_details.revision_ordinal    1 
_pdbx_audit_revision_details.data_content_type   'Structure model' 
_pdbx_audit_revision_details.provider            repository 
_pdbx_audit_revision_details.type                'Initial release' 
_pdbx_audit_revision_details.description         ? 
_pdbx_audit_revision_details.details             ? 
# 
loop_
_pdbx_audit_revision_group.ordinal 
_pdbx_audit_revision_group.revision_ordinal 
_pdbx_audit_revision_group.data_content_type 
_pdbx_audit_revision_group.group 
1 2 'Structure model' 'Database references'    
2 3 'Structure model' 'Database references'    
3 4 'Structure model' 'Data collection'        
4 4 'Structure model' 'Database references'    
5 4 'Structure model' 'Derived calculations'   
6 4 'Structure model' 'Refinement description' 
# 
loop_
_pdbx_audit_revision_category.ordinal 
_pdbx_audit_revision_category.revision_ordinal 
_pdbx_audit_revision_category.data_content_type 
_pdbx_audit_revision_category.category 
1 4 'Structure model' chem_comp_atom                
2 4 'Structure model' chem_comp_bond                
3 4 'Structure model' database_2                    
4 4 'Structure model' pdbx_initial_refinement_model 
5 4 'Structure model' pdbx_struct_special_symmetry  
6 4 'Structure model' struct_ref_seq_dif            
7 4 'Structure model' struct_site                   
# 
loop_
_pdbx_audit_revision_item.ordinal 
_pdbx_audit_revision_item.revision_ordinal 
_pdbx_audit_revision_item.data_content_type 
_pdbx_audit_revision_item.item 
1 4 'Structure model' '_database_2.pdbx_DOI'                
2 4 'Structure model' '_database_2.pdbx_database_accession' 
3 4 'Structure model' '_struct_ref_seq_dif.details'         
4 4 'Structure model' '_struct_site.pdbx_auth_asym_id'      
5 4 'Structure model' '_struct_site.pdbx_auth_comp_id'      
6 4 'Structure model' '_struct_site.pdbx_auth_seq_id'       
# 
_pdbx_phasing_MR.entry_id                     4J7Y 
_pdbx_phasing_MR.method_rotation              ? 
_pdbx_phasing_MR.method_translation           ? 
_pdbx_phasing_MR.model_details                ? 
_pdbx_phasing_MR.R_factor                     ? 
_pdbx_phasing_MR.R_rigid_body                 ? 
_pdbx_phasing_MR.correlation_coeff_Fo_to_Fc   ? 
_pdbx_phasing_MR.correlation_coeff_Io_to_Ic   ? 
_pdbx_phasing_MR.d_res_high_rotation          6.420 
_pdbx_phasing_MR.d_res_low_rotation           29.920 
_pdbx_phasing_MR.d_res_high_translation       6.420 
_pdbx_phasing_MR.d_res_low_translation        29.920 
_pdbx_phasing_MR.packing                      ? 
_pdbx_phasing_MR.reflns_percent_rotation      ? 
_pdbx_phasing_MR.reflns_percent_translation   ? 
_pdbx_phasing_MR.sigma_F_rotation             ? 
_pdbx_phasing_MR.sigma_F_translation          ? 
_pdbx_phasing_MR.sigma_I_rotation             ? 
_pdbx_phasing_MR.sigma_I_translation          ? 
# 
_phasing.method   MR 
# 
loop_
_software.pdbx_ordinal 
_software.name 
_software.version 
_software.date 
_software.type 
_software.contact_author 
_software.contact_author_email 
_software.classification 
_software.location 
_software.language 
_software.citation_id 
1 SCALA       3.3.16     2010/01/06                        other   'Phil R. Evans' pre@mrc-lmb.cam.ac.uk       'data scaling'    
http://www.ccp4.ac.uk/dist/html/scala.html  Fortran_77 ? 
2 PHASER      2.5.2      'Thu Sep 27 03:51:30 2012 (svn )' program 'Randy J. Read' cimr-phaser@lists.cam.ac.uk phasing           
http://www-structmed.cimr.cam.ac.uk/phaser/ ?          ? 
3 PHENIX      1.8.1_1168 ?                                 package 'Paul D. Adams' PDAdams@lbl.gov             refinement        
http://www.phenix-online.org/               C++        ? 
4 PDB_EXTRACT 3.11       'April 22, 2011'                  package PDB             deposit@deposit.rcsb.org    'data extraction' 
http://sw-tools.pdb.org/apps/PDB_EXTRACT/   C++        ? 
5 XSCALE      .          ?                                 ?       ?               ?                           'data scaling'    ? 
?          ? 
# 
loop_
_pdbx_validate_torsion.id 
_pdbx_validate_torsion.PDB_model_num 
_pdbx_validate_torsion.auth_comp_id 
_pdbx_validate_torsion.auth_asym_id 
_pdbx_validate_torsion.auth_seq_id 
_pdbx_validate_torsion.PDB_ins_code 
_pdbx_validate_torsion.label_alt_id 
_pdbx_validate_torsion.phi 
_pdbx_validate_torsion.psi 
1 1 PRO A 38  ? ? -76.35  -155.98 
2 1 LEU A 39  ? ? 90.83   126.34  
3 1 HIS A 75  ? ? -173.79 127.72  
4 1 ARG A 142 ? ? -68.76  22.97   
# 
loop_
_pdbx_unobs_or_zero_occ_atoms.id 
_pdbx_unobs_or_zero_occ_atoms.PDB_model_num 
_pdbx_unobs_or_zero_occ_atoms.polymer_flag 
_pdbx_unobs_or_zero_occ_atoms.occupancy_flag 
_pdbx_unobs_or_zero_occ_atoms.auth_asym_id 
_pdbx_unobs_or_zero_occ_atoms.auth_comp_id 
_pdbx_unobs_or_zero_occ_atoms.auth_seq_id 
_pdbx_unobs_or_zero_occ_atoms.PDB_ins_code 
_pdbx_unobs_or_zero_occ_atoms.auth_atom_id 
_pdbx_unobs_or_zero_occ_atoms.label_alt_id 
_pdbx_unobs_or_zero_occ_atoms.label_asym_id 
_pdbx_unobs_or_zero_occ_atoms.label_comp_id 
_pdbx_unobs_or_zero_occ_atoms.label_seq_id 
_pdbx_unobs_or_zero_occ_atoms.label_atom_id 
1 1 Y 1 A ALA 150 ? CA ? A ALA 156 CA 
2 1 Y 1 A ALA 150 ? C  ? A ALA 156 C  
3 1 Y 1 A ALA 150 ? O  ? A ALA 156 O  
4 1 Y 1 A ALA 150 ? CB ? A ALA 156 CB 
# 
loop_
_pdbx_unobs_or_zero_occ_residues.id 
_pdbx_unobs_or_zero_occ_residues.PDB_model_num 
_pdbx_unobs_or_zero_occ_residues.polymer_flag 
_pdbx_unobs_or_zero_occ_residues.occupancy_flag 
_pdbx_unobs_or_zero_occ_residues.auth_asym_id 
_pdbx_unobs_or_zero_occ_residues.auth_comp_id 
_pdbx_unobs_or_zero_occ_residues.auth_seq_id 
_pdbx_unobs_or_zero_occ_residues.PDB_ins_code 
_pdbx_unobs_or_zero_occ_residues.label_asym_id 
_pdbx_unobs_or_zero_occ_residues.label_comp_id 
_pdbx_unobs_or_zero_occ_residues.label_seq_id 
1 1 Y 1 A MET -5  ? A MET 1   
2 1 Y 1 A HIS -4  ? A HIS 2   
3 1 Y 1 A HIS -3  ? A HIS 3   
4 1 Y 1 A HIS -2  ? A HIS 4   
5 1 Y 1 A LEU 146 ? A LEU 152 
6 1 Y 1 A LEU 147 ? A LEU 153 
7 1 Y 1 A PRO 148 ? A PRO 154 
8 1 Y 1 A TRP 149 ? A TRP 155 
# 
loop_
_chem_comp_atom.comp_id 
_chem_comp_atom.atom_id 
_chem_comp_atom.type_symbol 
_chem_comp_atom.pdbx_aromatic_flag 
_chem_comp_atom.pdbx_stereo_config 
_chem_comp_atom.pdbx_ordinal 
1JP O    O  N N 1   
1JP C    C  N N 2   
1JP OXT  O  N N 3   
1JP CA   C  N R 4   
1JP N    N  N N 5   
1JP CB   C  N N 6   
1JP CG   C  N N 7   
1JP CD   C  N N 8   
1JP OE1  O  N N 9   
1JP NE2  N  N N 10  
1JP CBE  C  N R 11  
1JP CBA  C  N N 12  
1JP OAE  O  N N 13  
1JP NAU  N  N N 14  
1JP CAO  C  N N 15  
1JP CAX  C  N N 16  
1JP OAF  O  N N 17  
1JP OAB  O  N N 18  
1JP CAT  C  N N 19  
1JP S1   S  N N 20  
1JP CAS  C  N N 21  
1JP CBD  C  N R 22  
1JP OAH  O  N N 23  
1JP CAR  C  N N 24  
1JP CAP  C  N N 25  
1JP CBB  C  Y N 26  
1JP CAL  C  Y N 27  
1JP CAJ  C  Y N 28  
1JP CAI  C  Y N 29  
1JP CAK  C  Y N 30  
1JP CAM  C  Y N 31  
1JP H1   H  N N 32  
1JP H2   H  N N 33  
1JP H3   H  N N 34  
1JP H4   H  N N 35  
1JP H6   H  N N 36  
1JP H7   H  N N 37  
1JP H8   H  N N 38  
1JP H9   H  N N 39  
1JP H10  H  N N 40  
1JP H11  H  N N 41  
1JP H12  H  N N 42  
1JP H13  H  N N 43  
1JP H14  H  N N 44  
1JP H15  H  N N 45  
1JP H16  H  N N 46  
1JP H17  H  N N 47  
1JP H18  H  N N 48  
1JP H19  H  N N 49  
1JP H20  H  N N 50  
1JP H21  H  N N 51  
1JP H22  H  N N 52  
1JP H23  H  N N 53  
1JP H24  H  N N 54  
1JP H25  H  N N 55  
1JP H26  H  N N 56  
1JP H27  H  N N 57  
1JP H28  H  N N 58  
ALA N    N  N N 59  
ALA CA   C  N S 60  
ALA C    C  N N 61  
ALA O    O  N N 62  
ALA CB   C  N N 63  
ALA OXT  O  N N 64  
ALA H    H  N N 65  
ALA H2   H  N N 66  
ALA HA   H  N N 67  
ALA HB1  H  N N 68  
ALA HB2  H  N N 69  
ALA HB3  H  N N 70  
ALA HXT  H  N N 71  
ARG N    N  N N 72  
ARG CA   C  N S 73  
ARG C    C  N N 74  
ARG O    O  N N 75  
ARG CB   C  N N 76  
ARG CG   C  N N 77  
ARG CD   C  N N 78  
ARG NE   N  N N 79  
ARG CZ   C  N N 80  
ARG NH1  N  N N 81  
ARG NH2  N  N N 82  
ARG OXT  O  N N 83  
ARG H    H  N N 84  
ARG H2   H  N N 85  
ARG HA   H  N N 86  
ARG HB2  H  N N 87  
ARG HB3  H  N N 88  
ARG HG2  H  N N 89  
ARG HG3  H  N N 90  
ARG HD2  H  N N 91  
ARG HD3  H  N N 92  
ARG HE   H  N N 93  
ARG HH11 H  N N 94  
ARG HH12 H  N N 95  
ARG HH21 H  N N 96  
ARG HH22 H  N N 97  
ARG HXT  H  N N 98  
ASN N    N  N N 99  
ASN CA   C  N S 100 
ASN C    C  N N 101 
ASN O    O  N N 102 
ASN CB   C  N N 103 
ASN CG   C  N N 104 
ASN OD1  O  N N 105 
ASN ND2  N  N N 106 
ASN OXT  O  N N 107 
ASN H    H  N N 108 
ASN H2   H  N N 109 
ASN HA   H  N N 110 
ASN HB2  H  N N 111 
ASN HB3  H  N N 112 
ASN HD21 H  N N 113 
ASN HD22 H  N N 114 
ASN HXT  H  N N 115 
ASP N    N  N N 116 
ASP CA   C  N S 117 
ASP C    C  N N 118 
ASP O    O  N N 119 
ASP CB   C  N N 120 
ASP CG   C  N N 121 
ASP OD1  O  N N 122 
ASP OD2  O  N N 123 
ASP OXT  O  N N 124 
ASP H    H  N N 125 
ASP H2   H  N N 126 
ASP HA   H  N N 127 
ASP HB2  H  N N 128 
ASP HB3  H  N N 129 
ASP HD2  H  N N 130 
ASP HXT  H  N N 131 
CYS N    N  N N 132 
CYS CA   C  N R 133 
CYS C    C  N N 134 
CYS O    O  N N 135 
CYS CB   C  N N 136 
CYS SG   S  N N 137 
CYS OXT  O  N N 138 
CYS H    H  N N 139 
CYS H2   H  N N 140 
CYS HA   H  N N 141 
CYS HB2  H  N N 142 
CYS HB3  H  N N 143 
CYS HG   H  N N 144 
CYS HXT  H  N N 145 
GLN N    N  N N 146 
GLN CA   C  N S 147 
GLN C    C  N N 148 
GLN O    O  N N 149 
GLN CB   C  N N 150 
GLN CG   C  N N 151 
GLN CD   C  N N 152 
GLN OE1  O  N N 153 
GLN NE2  N  N N 154 
GLN OXT  O  N N 155 
GLN H    H  N N 156 
GLN H2   H  N N 157 
GLN HA   H  N N 158 
GLN HB2  H  N N 159 
GLN HB3  H  N N 160 
GLN HG2  H  N N 161 
GLN HG3  H  N N 162 
GLN HE21 H  N N 163 
GLN HE22 H  N N 164 
GLN HXT  H  N N 165 
GLU N    N  N N 166 
GLU CA   C  N S 167 
GLU C    C  N N 168 
GLU O    O  N N 169 
GLU CB   C  N N 170 
GLU CG   C  N N 171 
GLU CD   C  N N 172 
GLU OE1  O  N N 173 
GLU OE2  O  N N 174 
GLU OXT  O  N N 175 
GLU H    H  N N 176 
GLU H2   H  N N 177 
GLU HA   H  N N 178 
GLU HB2  H  N N 179 
GLU HB3  H  N N 180 
GLU HG2  H  N N 181 
GLU HG3  H  N N 182 
GLU HE2  H  N N 183 
GLU HXT  H  N N 184 
GLY N    N  N N 185 
GLY CA   C  N N 186 
GLY C    C  N N 187 
GLY O    O  N N 188 
GLY OXT  O  N N 189 
GLY H    H  N N 190 
GLY H2   H  N N 191 
GLY HA2  H  N N 192 
GLY HA3  H  N N 193 
GLY HXT  H  N N 194 
HIS N    N  N N 195 
HIS CA   C  N S 196 
HIS C    C  N N 197 
HIS O    O  N N 198 
HIS CB   C  N N 199 
HIS CG   C  Y N 200 
HIS ND1  N  Y N 201 
HIS CD2  C  Y N 202 
HIS CE1  C  Y N 203 
HIS NE2  N  Y N 204 
HIS OXT  O  N N 205 
HIS H    H  N N 206 
HIS H2   H  N N 207 
HIS HA   H  N N 208 
HIS HB2  H  N N 209 
HIS HB3  H  N N 210 
HIS HD1  H  N N 211 
HIS HD2  H  N N 212 
HIS HE1  H  N N 213 
HIS HE2  H  N N 214 
HIS HXT  H  N N 215 
ILE N    N  N N 216 
ILE CA   C  N S 217 
ILE C    C  N N 218 
ILE O    O  N N 219 
ILE CB   C  N S 220 
ILE CG1  C  N N 221 
ILE CG2  C  N N 222 
ILE CD1  C  N N 223 
ILE OXT  O  N N 224 
ILE H    H  N N 225 
ILE H2   H  N N 226 
ILE HA   H  N N 227 
ILE HB   H  N N 228 
ILE HG12 H  N N 229 
ILE HG13 H  N N 230 
ILE HG21 H  N N 231 
ILE HG22 H  N N 232 
ILE HG23 H  N N 233 
ILE HD11 H  N N 234 
ILE HD12 H  N N 235 
ILE HD13 H  N N 236 
ILE HXT  H  N N 237 
LEU N    N  N N 238 
LEU CA   C  N S 239 
LEU C    C  N N 240 
LEU O    O  N N 241 
LEU CB   C  N N 242 
LEU CG   C  N N 243 
LEU CD1  C  N N 244 
LEU CD2  C  N N 245 
LEU OXT  O  N N 246 
LEU H    H  N N 247 
LEU H2   H  N N 248 
LEU HA   H  N N 249 
LEU HB2  H  N N 250 
LEU HB3  H  N N 251 
LEU HG   H  N N 252 
LEU HD11 H  N N 253 
LEU HD12 H  N N 254 
LEU HD13 H  N N 255 
LEU HD21 H  N N 256 
LEU HD22 H  N N 257 
LEU HD23 H  N N 258 
LEU HXT  H  N N 259 
LYS N    N  N N 260 
LYS CA   C  N S 261 
LYS C    C  N N 262 
LYS O    O  N N 263 
LYS CB   C  N N 264 
LYS CG   C  N N 265 
LYS CD   C  N N 266 
LYS CE   C  N N 267 
LYS NZ   N  N N 268 
LYS OXT  O  N N 269 
LYS H    H  N N 270 
LYS H2   H  N N 271 
LYS HA   H  N N 272 
LYS HB2  H  N N 273 
LYS HB3  H  N N 274 
LYS HG2  H  N N 275 
LYS HG3  H  N N 276 
LYS HD2  H  N N 277 
LYS HD3  H  N N 278 
LYS HE2  H  N N 279 
LYS HE3  H  N N 280 
LYS HZ1  H  N N 281 
LYS HZ2  H  N N 282 
LYS HZ3  H  N N 283 
LYS HXT  H  N N 284 
MET N    N  N N 285 
MET CA   C  N S 286 
MET C    C  N N 287 
MET O    O  N N 288 
MET CB   C  N N 289 
MET CG   C  N N 290 
MET SD   S  N N 291 
MET CE   C  N N 292 
MET OXT  O  N N 293 
MET H    H  N N 294 
MET H2   H  N N 295 
MET HA   H  N N 296 
MET HB2  H  N N 297 
MET HB3  H  N N 298 
MET HG2  H  N N 299 
MET HG3  H  N N 300 
MET HE1  H  N N 301 
MET HE2  H  N N 302 
MET HE3  H  N N 303 
MET HXT  H  N N 304 
NI  NI   NI N N 305 
PHE N    N  N N 306 
PHE CA   C  N S 307 
PHE C    C  N N 308 
PHE O    O  N N 309 
PHE CB   C  N N 310 
PHE CG   C  Y N 311 
PHE CD1  C  Y N 312 
PHE CD2  C  Y N 313 
PHE CE1  C  Y N 314 
PHE CE2  C  Y N 315 
PHE CZ   C  Y N 316 
PHE OXT  O  N N 317 
PHE H    H  N N 318 
PHE H2   H  N N 319 
PHE HA   H  N N 320 
PHE HB2  H  N N 321 
PHE HB3  H  N N 322 
PHE HD1  H  N N 323 
PHE HD2  H  N N 324 
PHE HE1  H  N N 325 
PHE HE2  H  N N 326 
PHE HZ   H  N N 327 
PHE HXT  H  N N 328 
PRO N    N  N N 329 
PRO CA   C  N S 330 
PRO C    C  N N 331 
PRO O    O  N N 332 
PRO CB   C  N N 333 
PRO CG   C  N N 334 
PRO CD   C  N N 335 
PRO OXT  O  N N 336 
PRO H    H  N N 337 
PRO HA   H  N N 338 
PRO HB2  H  N N 339 
PRO HB3  H  N N 340 
PRO HG2  H  N N 341 
PRO HG3  H  N N 342 
PRO HD2  H  N N 343 
PRO HD3  H  N N 344 
PRO HXT  H  N N 345 
SER N    N  N N 346 
SER CA   C  N S 347 
SER C    C  N N 348 
SER O    O  N N 349 
SER CB   C  N N 350 
SER OG   O  N N 351 
SER OXT  O  N N 352 
SER H    H  N N 353 
SER H2   H  N N 354 
SER HA   H  N N 355 
SER HB2  H  N N 356 
SER HB3  H  N N 357 
SER HG   H  N N 358 
SER HXT  H  N N 359 
SO4 S    S  N N 360 
SO4 O1   O  N N 361 
SO4 O2   O  N N 362 
SO4 O3   O  N N 363 
SO4 O4   O  N N 364 
THR N    N  N N 365 
THR CA   C  N S 366 
THR C    C  N N 367 
THR O    O  N N 368 
THR CB   C  N R 369 
THR OG1  O  N N 370 
THR CG2  C  N N 371 
THR OXT  O  N N 372 
THR H    H  N N 373 
THR H2   H  N N 374 
THR HA   H  N N 375 
THR HB   H  N N 376 
THR HG1  H  N N 377 
THR HG21 H  N N 378 
THR HG22 H  N N 379 
THR HG23 H  N N 380 
THR HXT  H  N N 381 
TRP N    N  N N 382 
TRP CA   C  N S 383 
TRP C    C  N N 384 
TRP O    O  N N 385 
TRP CB   C  N N 386 
TRP CG   C  Y N 387 
TRP CD1  C  Y N 388 
TRP CD2  C  Y N 389 
TRP NE1  N  Y N 390 
TRP CE2  C  Y N 391 
TRP CE3  C  Y N 392 
TRP CZ2  C  Y N 393 
TRP CZ3  C  Y N 394 
TRP CH2  C  Y N 395 
TRP OXT  O  N N 396 
TRP H    H  N N 397 
TRP H2   H  N N 398 
TRP HA   H  N N 399 
TRP HB2  H  N N 400 
TRP HB3  H  N N 401 
TRP HD1  H  N N 402 
TRP HE1  H  N N 403 
TRP HE3  H  N N 404 
TRP HZ2  H  N N 405 
TRP HZ3  H  N N 406 
TRP HH2  H  N N 407 
TRP HXT  H  N N 408 
TYR N    N  N N 409 
TYR CA   C  N S 410 
TYR C    C  N N 411 
TYR O    O  N N 412 
TYR CB   C  N N 413 
TYR CG   C  Y N 414 
TYR CD1  C  Y N 415 
TYR CD2  C  Y N 416 
TYR CE1  C  Y N 417 
TYR CE2  C  Y N 418 
TYR CZ   C  Y N 419 
TYR OH   O  N N 420 
TYR OXT  O  N N 421 
TYR H    H  N N 422 
TYR H2   H  N N 423 
TYR HA   H  N N 424 
TYR HB2  H  N N 425 
TYR HB3  H  N N 426 
TYR HD1  H  N N 427 
TYR HD2  H  N N 428 
TYR HE1  H  N N 429 
TYR HE2  H  N N 430 
TYR HH   H  N N 431 
TYR HXT  H  N N 432 
VAL N    N  N N 433 
VAL CA   C  N S 434 
VAL C    C  N N 435 
VAL O    O  N N 436 
VAL CB   C  N N 437 
VAL CG1  C  N N 438 
VAL CG2  C  N N 439 
VAL OXT  O  N N 440 
VAL H    H  N N 441 
VAL H2   H  N N 442 
VAL HA   H  N N 443 
VAL HB   H  N N 444 
VAL HG11 H  N N 445 
VAL HG12 H  N N 446 
VAL HG13 H  N N 447 
VAL HG21 H  N N 448 
VAL HG22 H  N N 449 
VAL HG23 H  N N 450 
VAL HXT  H  N N 451 
# 
loop_
_chem_comp_bond.comp_id 
_chem_comp_bond.atom_id_1 
_chem_comp_bond.atom_id_2 
_chem_comp_bond.value_order 
_chem_comp_bond.pdbx_aromatic_flag 
_chem_comp_bond.pdbx_stereo_config 
_chem_comp_bond.pdbx_ordinal 
1JP N   CA   sing N N 1   
1JP CA  CB   sing N N 2   
1JP CA  C    sing N N 3   
1JP O   C    doub N N 4   
1JP CB  CG   sing N N 5   
1JP C   OXT  sing N N 6   
1JP CG  CD   sing N N 7   
1JP CD  OE1  doub N N 8   
1JP CD  NE2  sing N N 9   
1JP NE2 CBE  sing N N 10  
1JP OAB CAX  doub N N 11  
1JP OAE CBA  doub N N 12  
1JP CBE CBA  sing N N 13  
1JP CBE CAT  sing N N 14  
1JP CBA NAU  sing N N 15  
1JP CAX CAO  sing N N 16  
1JP CAX OAF  sing N N 17  
1JP NAU CAO  doub N N 18  
1JP CAT S1   sing N N 19  
1JP S1  CAS  sing N N 20  
1JP OAH CBD  sing N N 21  
1JP CAL CAJ  doub Y N 22  
1JP CAL CBB  sing Y N 23  
1JP CAP CBB  sing N N 24  
1JP CAP CAR  sing N N 25  
1JP CAS CBD  sing N N 26  
1JP CAJ CAI  sing Y N 27  
1JP CBB CAM  doub Y N 28  
1JP CBD CAR  sing N N 29  
1JP CAI CAK  doub Y N 30  
1JP CAM CAK  sing Y N 31  
1JP OXT H1   sing N N 32  
1JP CA  H2   sing N N 33  
1JP N   H3   sing N N 34  
1JP N   H4   sing N N 35  
1JP CB  H6   sing N N 36  
1JP CB  H7   sing N N 37  
1JP CG  H8   sing N N 38  
1JP CG  H9   sing N N 39  
1JP NE2 H10  sing N N 40  
1JP CBE H11  sing N N 41  
1JP CAO H12  sing N N 42  
1JP OAF H13  sing N N 43  
1JP CAT H14  sing N N 44  
1JP CAT H15  sing N N 45  
1JP CAS H16  sing N N 46  
1JP CAS H17  sing N N 47  
1JP CBD H18  sing N N 48  
1JP OAH H19  sing N N 49  
1JP CAR H20  sing N N 50  
1JP CAR H21  sing N N 51  
1JP CAP H22  sing N N 52  
1JP CAP H23  sing N N 53  
1JP CAL H24  sing N N 54  
1JP CAJ H25  sing N N 55  
1JP CAI H26  sing N N 56  
1JP CAK H27  sing N N 57  
1JP CAM H28  sing N N 58  
ALA N   CA   sing N N 59  
ALA N   H    sing N N 60  
ALA N   H2   sing N N 61  
ALA CA  C    sing N N 62  
ALA CA  CB   sing N N 63  
ALA CA  HA   sing N N 64  
ALA C   O    doub N N 65  
ALA C   OXT  sing N N 66  
ALA CB  HB1  sing N N 67  
ALA CB  HB2  sing N N 68  
ALA CB  HB3  sing N N 69  
ALA OXT HXT  sing N N 70  
ARG N   CA   sing N N 71  
ARG N   H    sing N N 72  
ARG N   H2   sing N N 73  
ARG CA  C    sing N N 74  
ARG CA  CB   sing N N 75  
ARG CA  HA   sing N N 76  
ARG C   O    doub N N 77  
ARG C   OXT  sing N N 78  
ARG CB  CG   sing N N 79  
ARG CB  HB2  sing N N 80  
ARG CB  HB3  sing N N 81  
ARG CG  CD   sing N N 82  
ARG CG  HG2  sing N N 83  
ARG CG  HG3  sing N N 84  
ARG CD  NE   sing N N 85  
ARG CD  HD2  sing N N 86  
ARG CD  HD3  sing N N 87  
ARG NE  CZ   sing N N 88  
ARG NE  HE   sing N N 89  
ARG CZ  NH1  sing N N 90  
ARG CZ  NH2  doub N N 91  
ARG NH1 HH11 sing N N 92  
ARG NH1 HH12 sing N N 93  
ARG NH2 HH21 sing N N 94  
ARG NH2 HH22 sing N N 95  
ARG OXT HXT  sing N N 96  
ASN N   CA   sing N N 97  
ASN N   H    sing N N 98  
ASN N   H2   sing N N 99  
ASN CA  C    sing N N 100 
ASN CA  CB   sing N N 101 
ASN CA  HA   sing N N 102 
ASN C   O    doub N N 103 
ASN C   OXT  sing N N 104 
ASN CB  CG   sing N N 105 
ASN CB  HB2  sing N N 106 
ASN CB  HB3  sing N N 107 
ASN CG  OD1  doub N N 108 
ASN CG  ND2  sing N N 109 
ASN ND2 HD21 sing N N 110 
ASN ND2 HD22 sing N N 111 
ASN OXT HXT  sing N N 112 
ASP N   CA   sing N N 113 
ASP N   H    sing N N 114 
ASP N   H2   sing N N 115 
ASP CA  C    sing N N 116 
ASP CA  CB   sing N N 117 
ASP CA  HA   sing N N 118 
ASP C   O    doub N N 119 
ASP C   OXT  sing N N 120 
ASP CB  CG   sing N N 121 
ASP CB  HB2  sing N N 122 
ASP CB  HB3  sing N N 123 
ASP CG  OD1  doub N N 124 
ASP CG  OD2  sing N N 125 
ASP OD2 HD2  sing N N 126 
ASP OXT HXT  sing N N 127 
CYS N   CA   sing N N 128 
CYS N   H    sing N N 129 
CYS N   H2   sing N N 130 
CYS CA  C    sing N N 131 
CYS CA  CB   sing N N 132 
CYS CA  HA   sing N N 133 
CYS C   O    doub N N 134 
CYS C   OXT  sing N N 135 
CYS CB  SG   sing N N 136 
CYS CB  HB2  sing N N 137 
CYS CB  HB3  sing N N 138 
CYS SG  HG   sing N N 139 
CYS OXT HXT  sing N N 140 
GLN N   CA   sing N N 141 
GLN N   H    sing N N 142 
GLN N   H2   sing N N 143 
GLN CA  C    sing N N 144 
GLN CA  CB   sing N N 145 
GLN CA  HA   sing N N 146 
GLN C   O    doub N N 147 
GLN C   OXT  sing N N 148 
GLN CB  CG   sing N N 149 
GLN CB  HB2  sing N N 150 
GLN CB  HB3  sing N N 151 
GLN CG  CD   sing N N 152 
GLN CG  HG2  sing N N 153 
GLN CG  HG3  sing N N 154 
GLN CD  OE1  doub N N 155 
GLN CD  NE2  sing N N 156 
GLN NE2 HE21 sing N N 157 
GLN NE2 HE22 sing N N 158 
GLN OXT HXT  sing N N 159 
GLU N   CA   sing N N 160 
GLU N   H    sing N N 161 
GLU N   H2   sing N N 162 
GLU CA  C    sing N N 163 
GLU CA  CB   sing N N 164 
GLU CA  HA   sing N N 165 
GLU C   O    doub N N 166 
GLU C   OXT  sing N N 167 
GLU CB  CG   sing N N 168 
GLU CB  HB2  sing N N 169 
GLU CB  HB3  sing N N 170 
GLU CG  CD   sing N N 171 
GLU CG  HG2  sing N N 172 
GLU CG  HG3  sing N N 173 
GLU CD  OE1  doub N N 174 
GLU CD  OE2  sing N N 175 
GLU OE2 HE2  sing N N 176 
GLU OXT HXT  sing N N 177 
GLY N   CA   sing N N 178 
GLY N   H    sing N N 179 
GLY N   H2   sing N N 180 
GLY CA  C    sing N N 181 
GLY CA  HA2  sing N N 182 
GLY CA  HA3  sing N N 183 
GLY C   O    doub N N 184 
GLY C   OXT  sing N N 185 
GLY OXT HXT  sing N N 186 
HIS N   CA   sing N N 187 
HIS N   H    sing N N 188 
HIS N   H2   sing N N 189 
HIS CA  C    sing N N 190 
HIS CA  CB   sing N N 191 
HIS CA  HA   sing N N 192 
HIS C   O    doub N N 193 
HIS C   OXT  sing N N 194 
HIS CB  CG   sing N N 195 
HIS CB  HB2  sing N N 196 
HIS CB  HB3  sing N N 197 
HIS CG  ND1  sing Y N 198 
HIS CG  CD2  doub Y N 199 
HIS ND1 CE1  doub Y N 200 
HIS ND1 HD1  sing N N 201 
HIS CD2 NE2  sing Y N 202 
HIS CD2 HD2  sing N N 203 
HIS CE1 NE2  sing Y N 204 
HIS CE1 HE1  sing N N 205 
HIS NE2 HE2  sing N N 206 
HIS OXT HXT  sing N N 207 
ILE N   CA   sing N N 208 
ILE N   H    sing N N 209 
ILE N   H2   sing N N 210 
ILE CA  C    sing N N 211 
ILE CA  CB   sing N N 212 
ILE CA  HA   sing N N 213 
ILE C   O    doub N N 214 
ILE C   OXT  sing N N 215 
ILE CB  CG1  sing N N 216 
ILE CB  CG2  sing N N 217 
ILE CB  HB   sing N N 218 
ILE CG1 CD1  sing N N 219 
ILE CG1 HG12 sing N N 220 
ILE CG1 HG13 sing N N 221 
ILE CG2 HG21 sing N N 222 
ILE CG2 HG22 sing N N 223 
ILE CG2 HG23 sing N N 224 
ILE CD1 HD11 sing N N 225 
ILE CD1 HD12 sing N N 226 
ILE CD1 HD13 sing N N 227 
ILE OXT HXT  sing N N 228 
LEU N   CA   sing N N 229 
LEU N   H    sing N N 230 
LEU N   H2   sing N N 231 
LEU CA  C    sing N N 232 
LEU CA  CB   sing N N 233 
LEU CA  HA   sing N N 234 
LEU C   O    doub N N 235 
LEU C   OXT  sing N N 236 
LEU CB  CG   sing N N 237 
LEU CB  HB2  sing N N 238 
LEU CB  HB3  sing N N 239 
LEU CG  CD1  sing N N 240 
LEU CG  CD2  sing N N 241 
LEU CG  HG   sing N N 242 
LEU CD1 HD11 sing N N 243 
LEU CD1 HD12 sing N N 244 
LEU CD1 HD13 sing N N 245 
LEU CD2 HD21 sing N N 246 
LEU CD2 HD22 sing N N 247 
LEU CD2 HD23 sing N N 248 
LEU OXT HXT  sing N N 249 
LYS N   CA   sing N N 250 
LYS N   H    sing N N 251 
LYS N   H2   sing N N 252 
LYS CA  C    sing N N 253 
LYS CA  CB   sing N N 254 
LYS CA  HA   sing N N 255 
LYS C   O    doub N N 256 
LYS C   OXT  sing N N 257 
LYS CB  CG   sing N N 258 
LYS CB  HB2  sing N N 259 
LYS CB  HB3  sing N N 260 
LYS CG  CD   sing N N 261 
LYS CG  HG2  sing N N 262 
LYS CG  HG3  sing N N 263 
LYS CD  CE   sing N N 264 
LYS CD  HD2  sing N N 265 
LYS CD  HD3  sing N N 266 
LYS CE  NZ   sing N N 267 
LYS CE  HE2  sing N N 268 
LYS CE  HE3  sing N N 269 
LYS NZ  HZ1  sing N N 270 
LYS NZ  HZ2  sing N N 271 
LYS NZ  HZ3  sing N N 272 
LYS OXT HXT  sing N N 273 
MET N   CA   sing N N 274 
MET N   H    sing N N 275 
MET N   H2   sing N N 276 
MET CA  C    sing N N 277 
MET CA  CB   sing N N 278 
MET CA  HA   sing N N 279 
MET C   O    doub N N 280 
MET C   OXT  sing N N 281 
MET CB  CG   sing N N 282 
MET CB  HB2  sing N N 283 
MET CB  HB3  sing N N 284 
MET CG  SD   sing N N 285 
MET CG  HG2  sing N N 286 
MET CG  HG3  sing N N 287 
MET SD  CE   sing N N 288 
MET CE  HE1  sing N N 289 
MET CE  HE2  sing N N 290 
MET CE  HE3  sing N N 291 
MET OXT HXT  sing N N 292 
PHE N   CA   sing N N 293 
PHE N   H    sing N N 294 
PHE N   H2   sing N N 295 
PHE CA  C    sing N N 296 
PHE CA  CB   sing N N 297 
PHE CA  HA   sing N N 298 
PHE C   O    doub N N 299 
PHE C   OXT  sing N N 300 
PHE CB  CG   sing N N 301 
PHE CB  HB2  sing N N 302 
PHE CB  HB3  sing N N 303 
PHE CG  CD1  doub Y N 304 
PHE CG  CD2  sing Y N 305 
PHE CD1 CE1  sing Y N 306 
PHE CD1 HD1  sing N N 307 
PHE CD2 CE2  doub Y N 308 
PHE CD2 HD2  sing N N 309 
PHE CE1 CZ   doub Y N 310 
PHE CE1 HE1  sing N N 311 
PHE CE2 CZ   sing Y N 312 
PHE CE2 HE2  sing N N 313 
PHE CZ  HZ   sing N N 314 
PHE OXT HXT  sing N N 315 
PRO N   CA   sing N N 316 
PRO N   CD   sing N N 317 
PRO N   H    sing N N 318 
PRO CA  C    sing N N 319 
PRO CA  CB   sing N N 320 
PRO CA  HA   sing N N 321 
PRO C   O    doub N N 322 
PRO C   OXT  sing N N 323 
PRO CB  CG   sing N N 324 
PRO CB  HB2  sing N N 325 
PRO CB  HB3  sing N N 326 
PRO CG  CD   sing N N 327 
PRO CG  HG2  sing N N 328 
PRO CG  HG3  sing N N 329 
PRO CD  HD2  sing N N 330 
PRO CD  HD3  sing N N 331 
PRO OXT HXT  sing N N 332 
SER N   CA   sing N N 333 
SER N   H    sing N N 334 
SER N   H2   sing N N 335 
SER CA  C    sing N N 336 
SER CA  CB   sing N N 337 
SER CA  HA   sing N N 338 
SER C   O    doub N N 339 
SER C   OXT  sing N N 340 
SER CB  OG   sing N N 341 
SER CB  HB2  sing N N 342 
SER CB  HB3  sing N N 343 
SER OG  HG   sing N N 344 
SER OXT HXT  sing N N 345 
SO4 S   O1   doub N N 346 
SO4 S   O2   doub N N 347 
SO4 S   O3   sing N N 348 
SO4 S   O4   sing N N 349 
THR N   CA   sing N N 350 
THR N   H    sing N N 351 
THR N   H2   sing N N 352 
THR CA  C    sing N N 353 
THR CA  CB   sing N N 354 
THR CA  HA   sing N N 355 
THR C   O    doub N N 356 
THR C   OXT  sing N N 357 
THR CB  OG1  sing N N 358 
THR CB  CG2  sing N N 359 
THR CB  HB   sing N N 360 
THR OG1 HG1  sing N N 361 
THR CG2 HG21 sing N N 362 
THR CG2 HG22 sing N N 363 
THR CG2 HG23 sing N N 364 
THR OXT HXT  sing N N 365 
TRP N   CA   sing N N 366 
TRP N   H    sing N N 367 
TRP N   H2   sing N N 368 
TRP CA  C    sing N N 369 
TRP CA  CB   sing N N 370 
TRP CA  HA   sing N N 371 
TRP C   O    doub N N 372 
TRP C   OXT  sing N N 373 
TRP CB  CG   sing N N 374 
TRP CB  HB2  sing N N 375 
TRP CB  HB3  sing N N 376 
TRP CG  CD1  doub Y N 377 
TRP CG  CD2  sing Y N 378 
TRP CD1 NE1  sing Y N 379 
TRP CD1 HD1  sing N N 380 
TRP CD2 CE2  doub Y N 381 
TRP CD2 CE3  sing Y N 382 
TRP NE1 CE2  sing Y N 383 
TRP NE1 HE1  sing N N 384 
TRP CE2 CZ2  sing Y N 385 
TRP CE3 CZ3  doub Y N 386 
TRP CE3 HE3  sing N N 387 
TRP CZ2 CH2  doub Y N 388 
TRP CZ2 HZ2  sing N N 389 
TRP CZ3 CH2  sing Y N 390 
TRP CZ3 HZ3  sing N N 391 
TRP CH2 HH2  sing N N 392 
TRP OXT HXT  sing N N 393 
TYR N   CA   sing N N 394 
TYR N   H    sing N N 395 
TYR N   H2   sing N N 396 
TYR CA  C    sing N N 397 
TYR CA  CB   sing N N 398 
TYR CA  HA   sing N N 399 
TYR C   O    doub N N 400 
TYR C   OXT  sing N N 401 
TYR CB  CG   sing N N 402 
TYR CB  HB2  sing N N 403 
TYR CB  HB3  sing N N 404 
TYR CG  CD1  doub Y N 405 
TYR CG  CD2  sing Y N 406 
TYR CD1 CE1  sing Y N 407 
TYR CD1 HD1  sing N N 408 
TYR CD2 CE2  doub Y N 409 
TYR CD2 HD2  sing N N 410 
TYR CE1 CZ   doub Y N 411 
TYR CE1 HE1  sing N N 412 
TYR CE2 CZ   sing Y N 413 
TYR CE2 HE2  sing N N 414 
TYR CZ  OH   sing N N 415 
TYR OH  HH   sing N N 416 
TYR OXT HXT  sing N N 417 
VAL N   CA   sing N N 418 
VAL N   H    sing N N 419 
VAL N   H2   sing N N 420 
VAL CA  C    sing N N 421 
VAL CA  CB   sing N N 422 
VAL CA  HA   sing N N 423 
VAL C   O    doub N N 424 
VAL C   OXT  sing N N 425 
VAL CB  CG1  sing N N 426 
VAL CB  CG2  sing N N 427 
VAL CB  HB   sing N N 428 
VAL CG1 HG11 sing N N 429 
VAL CG1 HG12 sing N N 430 
VAL CG1 HG13 sing N N 431 
VAL CG2 HG21 sing N N 432 
VAL CG2 HG22 sing N N 433 
VAL CG2 HG23 sing N N 434 
VAL OXT HXT  sing N N 435 
# 
loop_
_pdbx_entity_nonpoly.entity_id 
_pdbx_entity_nonpoly.name 
_pdbx_entity_nonpoly.comp_id 
2 'NICKEL (II) ION'                                                                             NI  
3 'SULFATE ION'                                                                                 SO4 
4 'D-gamma-glutamyl-(Z)-N-(carboxymethylidene)-S-[(2R)-2-hydroxy-4-phenylbutyl]-L-cysteinamide' 1JP 
# 
_pdbx_initial_refinement_model.id               1 
_pdbx_initial_refinement_model.entity_id_list   ? 
_pdbx_initial_refinement_model.type             'experimental model' 
_pdbx_initial_refinement_model.source_name      PDB 
_pdbx_initial_refinement_model.accession_code   2UUI 
_pdbx_initial_refinement_model.details          'PDB ENTRY 2UUI' 
# 
